data_1W8Y
#
_entry.id   1W8Y
#
_cell.length_a   103.490
_cell.length_b   94.360
_cell.length_c   107.200
_cell.angle_alpha   90.00
_cell.angle_beta   94.58
_cell.angle_gamma   90.00
#
_symmetry.space_group_name_H-M   'P 1 21 1'
#
loop_
_entity.id
_entity.type
_entity.pdbx_description
1 polymer 'D-alanyl-D-alanine carboxypeptidase'
2 non-polymer 'SULFATE ION'
3 non-polymer 'MAGNESIUM ION'
4 non-polymer '(2R)-2-{(1R)-2-OXO-1-[(2-THIENYLACETYL)AMINO]ETHYL}-5,6-DIHYDRO-2H-1,3-THIAZINE-4-CARBOXYLIC ACID'
5 water water
#
_entity_poly.entity_id   1
_entity_poly.type   'polypeptide(L)'
_entity_poly.pdbx_seq_one_letter_code
;RLTELREDIDAILEDPALEGAVSGVVVVDTATGEELYSRDGGEQLLPASNMKLFTAAAALEVLGADHSFGTEVAAESAPG
RRGEVQDLYLVGRGDPTLSAEDLDAMAAEVAASGVRTVRGDLYADDTWFDSERLVDDWWPEDEPYAYSAQISALTVAHGE
RFDTGVTEVSVTPAAEGEPADVDLGAAEGYAELDNRAVTGAAGSANTLVIDRPVGTNTIAVTGSLPADAAPVTALRTVDE
PAALAGHLFEEALESNGVTVKGDVGLGGVPADWQDAEVLADHTSAELSEILVPFMKFSNNGHAEMLVKSIGQETAGAGTW
DAGLVGVEEALSGLGVDTAGLVLNDGSGLSRGNLVTADTVVDLLGQAGSAPWAQTWSASLPVAGESDPFVGGTLANRMRG
TAAEGVVEAKTGTMSGVSALSGYVPGPEGELAFSIVNNGHSGPAPLAVQDAIAVRLAEYAGHQAPEGARMMRGPVQGSGE
LECSWVQAC
;
_entity_poly.pdbx_strand_id   A,B,C,D
#
# COMPACT_ATOMS: atom_id res chain seq x y z
N ARG A 1 -50.47 66.09 -45.56
CA ARG A 1 -50.06 64.66 -45.40
C ARG A 1 -48.60 64.54 -44.99
N LEU A 2 -47.70 64.31 -45.95
CA LEU A 2 -46.28 64.20 -45.64
C LEU A 2 -45.77 65.48 -44.99
N THR A 3 -46.11 66.61 -45.61
CA THR A 3 -45.73 67.93 -45.11
C THR A 3 -46.27 68.13 -43.69
N GLU A 4 -47.25 67.31 -43.34
CA GLU A 4 -47.92 67.35 -42.05
C GLU A 4 -47.33 66.40 -41.02
N LEU A 5 -47.28 65.11 -41.38
CA LEU A 5 -46.75 64.06 -40.51
C LEU A 5 -45.45 64.47 -39.83
N ARG A 6 -44.61 65.19 -40.55
CA ARG A 6 -43.33 65.64 -40.02
C ARG A 6 -43.49 66.40 -38.71
N GLU A 7 -44.23 67.50 -38.74
CA GLU A 7 -44.44 68.31 -37.54
C GLU A 7 -44.94 67.45 -36.38
N ASP A 8 -45.79 66.48 -36.69
CA ASP A 8 -46.34 65.62 -35.67
C ASP A 8 -45.26 64.81 -34.96
N ILE A 9 -44.42 64.14 -35.74
CA ILE A 9 -43.37 63.32 -35.16
C ILE A 9 -42.41 64.20 -34.36
N ASP A 10 -42.01 65.34 -34.93
CA ASP A 10 -41.09 66.26 -34.27
C ASP A 10 -41.60 66.63 -32.89
N ALA A 11 -42.89 66.94 -32.81
CA ALA A 11 -43.52 67.33 -31.55
C ALA A 11 -43.48 66.18 -30.54
N ILE A 12 -43.75 64.96 -31.00
CA ILE A 12 -43.75 63.79 -30.14
C ILE A 12 -42.35 63.53 -29.58
N LEU A 13 -41.33 63.88 -30.37
CA LEU A 13 -39.94 63.69 -29.98
C LEU A 13 -39.47 64.74 -28.97
N GLU A 14 -40.30 65.76 -28.75
CA GLU A 14 -39.97 66.81 -27.80
C GLU A 14 -40.42 66.40 -26.40
N ASP A 15 -40.67 65.11 -26.19
CA ASP A 15 -41.11 64.65 -24.90
C ASP A 15 -39.99 64.71 -23.86
N PRO A 16 -40.29 65.26 -22.67
CA PRO A 16 -39.28 65.37 -21.60
C PRO A 16 -38.68 64.03 -21.20
N ALA A 17 -39.38 62.95 -21.52
CA ALA A 17 -38.91 61.60 -21.21
C ALA A 17 -37.65 61.28 -22.00
N LEU A 18 -37.41 62.09 -23.04
CA LEU A 18 -36.26 61.89 -23.90
C LEU A 18 -35.12 62.88 -23.68
N GLU A 19 -35.15 63.63 -22.58
CA GLU A 19 -34.05 64.57 -22.37
C GLU A 19 -32.76 63.79 -22.17
N GLY A 20 -31.69 64.23 -22.83
CA GLY A 20 -30.40 63.57 -22.69
C GLY A 20 -30.25 62.30 -23.51
N ALA A 21 -31.35 61.86 -24.12
CA ALA A 21 -31.34 60.67 -24.95
C ALA A 21 -31.15 61.01 -26.41
N VAL A 22 -30.52 60.10 -27.14
CA VAL A 22 -30.29 60.25 -28.56
C VAL A 22 -31.28 59.30 -29.23
N SER A 23 -32.07 59.82 -30.16
CA SER A 23 -33.06 58.99 -30.83
C SER A 23 -32.90 58.81 -32.35
N GLY A 24 -32.81 57.55 -32.77
CA GLY A 24 -32.70 57.23 -34.17
C GLY A 24 -34.10 56.91 -34.66
N VAL A 25 -34.65 57.79 -35.48
CA VAL A 25 -35.99 57.59 -35.99
C VAL A 25 -35.97 57.77 -37.48
N VAL A 26 -36.41 56.73 -38.20
CA VAL A 26 -36.45 56.74 -39.64
C VAL A 26 -37.72 56.03 -40.11
N VAL A 27 -38.39 56.65 -41.09
CA VAL A 27 -39.61 56.09 -41.65
C VAL A 27 -39.54 56.16 -43.16
N VAL A 28 -39.83 55.04 -43.82
CA VAL A 28 -39.79 54.98 -45.26
C VAL A 28 -40.98 54.18 -45.80
N ASP A 29 -41.39 54.50 -47.03
CA ASP A 29 -42.48 53.78 -47.67
C ASP A 29 -41.86 52.66 -48.50
N THR A 30 -42.20 51.42 -48.16
CA THR A 30 -41.66 50.25 -48.84
C THR A 30 -42.10 50.17 -50.29
N ALA A 31 -43.21 50.82 -50.62
CA ALA A 31 -43.69 50.82 -51.99
C ALA A 31 -42.89 51.85 -52.79
N THR A 32 -43.37 53.09 -52.81
CA THR A 32 -42.70 54.15 -53.55
C THR A 32 -41.20 54.20 -53.29
N GLY A 33 -40.81 53.90 -52.06
CA GLY A 33 -39.40 53.93 -51.69
C GLY A 33 -39.03 55.31 -51.21
N GLU A 34 -40.03 56.09 -50.85
CA GLU A 34 -39.83 57.47 -50.38
C GLU A 34 -39.50 57.54 -48.89
N GLU A 35 -38.61 58.47 -48.54
CA GLU A 35 -38.21 58.67 -47.16
C GLU A 35 -39.21 59.63 -46.51
N LEU A 36 -40.07 59.09 -45.66
CA LEU A 36 -41.09 59.88 -44.99
C LEU A 36 -40.58 60.65 -43.77
N TYR A 37 -39.59 60.11 -43.07
CA TYR A 37 -39.04 60.79 -41.89
C TYR A 37 -37.66 60.28 -41.51
N SER A 38 -36.78 61.21 -41.12
CA SER A 38 -35.42 60.85 -40.73
C SER A 38 -34.74 61.83 -39.76
N ARG A 39 -34.38 61.32 -38.59
CA ARG A 39 -33.67 62.10 -37.58
C ARG A 39 -32.55 61.22 -37.05
N ASP A 40 -31.31 61.64 -37.24
CA ASP A 40 -30.15 60.86 -36.79
C ASP A 40 -30.19 59.44 -37.29
N GLY A 41 -30.51 59.27 -38.57
CA GLY A 41 -30.59 57.94 -39.16
C GLY A 41 -29.26 57.23 -39.22
N GLY A 42 -28.18 58.00 -39.32
CA GLY A 42 -26.84 57.43 -39.40
C GLY A 42 -26.10 57.27 -38.08
N GLU A 43 -26.68 57.74 -36.98
CA GLU A 43 -26.07 57.66 -35.65
C GLU A 43 -26.00 56.21 -35.18
N GLN A 44 -24.82 55.74 -34.81
CA GLN A 44 -24.68 54.36 -34.31
C GLN A 44 -25.25 54.28 -32.90
N LEU A 45 -26.14 53.32 -32.69
CA LEU A 45 -26.77 53.19 -31.39
C LEU A 45 -26.92 51.74 -30.96
N LEU A 46 -27.13 51.51 -29.67
CA LEU A 46 -27.33 50.15 -29.22
C LEU A 46 -28.72 49.75 -29.68
N PRO A 47 -28.86 48.56 -30.28
CA PRO A 47 -30.17 48.12 -30.74
C PRO A 47 -30.93 47.28 -29.73
N ALA A 48 -30.21 46.77 -28.74
CA ALA A 48 -30.81 45.90 -27.73
C ALA A 48 -31.42 44.76 -28.53
N SER A 49 -32.58 44.27 -28.12
CA SER A 49 -33.23 43.15 -28.81
C SER A 49 -33.62 43.41 -30.26
N ASN A 50 -33.51 44.65 -30.73
CA ASN A 50 -33.83 44.93 -32.12
C ASN A 50 -32.76 44.30 -33.03
N MET A 51 -31.73 43.76 -32.38
CA MET A 51 -30.64 43.09 -33.07
C MET A 51 -31.17 41.77 -33.63
N LYS A 52 -32.22 41.26 -33.01
CA LYS A 52 -32.81 40.00 -33.44
C LYS A 52 -33.34 40.05 -34.87
N LEU A 53 -33.65 41.25 -35.36
CA LEU A 53 -34.12 41.38 -36.72
C LEU A 53 -33.00 40.91 -37.64
N PHE A 54 -31.79 41.41 -37.40
CA PHE A 54 -30.65 41.01 -38.21
C PHE A 54 -30.39 39.52 -38.08
N THR A 55 -30.53 39.00 -36.87
CA THR A 55 -30.30 37.60 -36.60
C THR A 55 -31.33 36.68 -37.30
N ALA A 56 -32.57 37.13 -37.40
CA ALA A 56 -33.61 36.34 -38.04
C ALA A 56 -33.55 36.46 -39.56
N ALA A 57 -33.15 37.63 -40.05
CA ALA A 57 -33.05 37.84 -41.49
C ALA A 57 -31.82 37.12 -42.05
N ALA A 58 -31.05 36.50 -41.16
CA ALA A 58 -29.85 35.78 -41.58
C ALA A 58 -30.02 34.29 -41.42
N ALA A 59 -30.72 33.88 -40.36
CA ALA A 59 -30.94 32.47 -40.10
C ALA A 59 -31.79 31.91 -41.24
N LEU A 60 -32.70 32.73 -41.75
CA LEU A 60 -33.57 32.32 -42.83
C LEU A 60 -32.80 32.24 -44.15
N GLU A 61 -31.69 32.97 -44.23
CA GLU A 61 -30.86 32.97 -45.42
C GLU A 61 -29.94 31.76 -45.40
N VAL A 62 -29.32 31.55 -44.25
CA VAL A 62 -28.37 30.47 -44.03
C VAL A 62 -28.94 29.07 -43.84
N LEU A 63 -29.91 28.94 -42.95
CA LEU A 63 -30.48 27.62 -42.64
C LEU A 63 -31.71 27.22 -43.43
N GLY A 64 -32.40 28.21 -43.98
CA GLY A 64 -33.60 27.92 -44.72
C GLY A 64 -34.79 27.75 -43.79
N ALA A 65 -35.93 28.33 -44.17
CA ALA A 65 -37.16 28.27 -43.40
C ALA A 65 -37.67 26.85 -43.15
N ASP A 66 -36.97 25.85 -43.71
CA ASP A 66 -37.38 24.45 -43.54
C ASP A 66 -36.40 23.73 -42.61
N HIS A 67 -35.41 24.47 -42.11
CA HIS A 67 -34.40 23.86 -41.26
C HIS A 67 -35.00 23.21 -40.03
N SER A 68 -34.40 22.12 -39.61
CA SER A 68 -34.87 21.38 -38.44
C SER A 68 -33.67 20.93 -37.64
N PHE A 69 -33.83 20.93 -36.32
CA PHE A 69 -32.75 20.51 -35.45
C PHE A 69 -33.05 19.11 -34.90
N GLY A 70 -32.02 18.27 -34.81
CA GLY A 70 -32.22 16.92 -34.30
C GLY A 70 -31.39 16.55 -33.09
N THR A 71 -31.91 15.60 -32.32
CA THR A 71 -31.26 15.08 -31.11
C THR A 71 -31.13 13.56 -31.25
N GLU A 72 -30.11 12.98 -30.60
CA GLU A 72 -29.91 11.53 -30.67
C GLU A 72 -29.20 10.91 -29.48
N VAL A 73 -29.48 9.62 -29.28
CA VAL A 73 -28.90 8.82 -28.20
C VAL A 73 -28.09 7.73 -28.89
N ALA A 74 -26.96 7.34 -28.28
CA ALA A 74 -26.13 6.30 -28.89
C ALA A 74 -25.20 5.55 -27.95
N ALA A 75 -24.96 4.29 -28.31
CA ALA A 75 -24.06 3.43 -27.57
C ALA A 75 -23.10 2.90 -28.62
N GLU A 76 -21.93 2.42 -28.18
CA GLU A 76 -20.94 1.90 -29.11
C GLU A 76 -21.61 0.85 -29.99
N SER A 77 -22.30 -0.08 -29.33
CA SER A 77 -23.03 -1.15 -30.00
C SER A 77 -24.39 -1.36 -29.34
N ALA A 78 -25.39 -1.80 -30.12
CA ALA A 78 -26.73 -2.06 -29.61
C ALA A 78 -26.70 -3.17 -28.57
N PRO A 79 -27.80 -3.37 -27.83
CA PRO A 79 -27.91 -4.41 -26.81
C PRO A 79 -28.21 -5.78 -27.41
N GLY A 80 -28.47 -6.76 -26.56
CA GLY A 80 -28.79 -8.10 -27.04
C GLY A 80 -29.41 -9.00 -25.98
N ARG A 81 -28.67 -10.01 -25.56
CA ARG A 81 -29.12 -10.96 -24.53
C ARG A 81 -29.94 -10.29 -23.43
N ARG A 82 -29.24 -9.86 -22.38
CA ARG A 82 -29.90 -9.19 -21.26
C ARG A 82 -30.12 -7.73 -21.66
N GLY A 83 -30.07 -7.47 -22.95
CA GLY A 83 -30.25 -6.12 -23.47
C GLY A 83 -29.47 -5.10 -22.67
N GLU A 84 -28.17 -5.35 -22.49
CA GLU A 84 -27.33 -4.43 -21.72
C GLU A 84 -26.30 -3.69 -22.56
N VAL A 85 -26.22 -2.37 -22.35
CA VAL A 85 -25.29 -1.48 -23.03
C VAL A 85 -24.38 -0.81 -21.98
N GLN A 86 -23.24 -0.31 -22.43
CA GLN A 86 -22.29 0.35 -21.54
C GLN A 86 -22.60 1.84 -21.40
N ASP A 87 -21.74 2.67 -21.98
CA ASP A 87 -21.89 4.12 -21.94
C ASP A 87 -22.93 4.57 -22.96
N LEU A 88 -23.61 5.67 -22.66
CA LEU A 88 -24.63 6.21 -23.54
C LEU A 88 -24.50 7.72 -23.59
N TYR A 89 -24.53 8.25 -24.82
CA TYR A 89 -24.39 9.68 -25.02
C TYR A 89 -25.66 10.33 -25.52
N LEU A 90 -26.05 11.40 -24.85
CA LEU A 90 -27.22 12.15 -25.26
C LEU A 90 -26.56 13.22 -26.13
N VAL A 91 -26.76 13.10 -27.44
CA VAL A 91 -26.17 14.03 -28.37
C VAL A 91 -27.21 14.89 -29.07
N GLY A 92 -27.17 16.19 -28.79
CA GLY A 92 -28.10 17.11 -29.40
C GLY A 92 -27.36 18.08 -30.28
N ARG A 93 -28.04 18.58 -31.31
CA ARG A 93 -27.40 19.51 -32.22
C ARG A 93 -28.15 20.83 -32.43
N GLY A 94 -28.21 21.62 -31.36
CA GLY A 94 -28.83 22.93 -31.42
C GLY A 94 -30.33 23.08 -31.47
N ASP A 95 -31.09 22.06 -31.07
CA ASP A 95 -32.53 22.19 -31.07
C ASP A 95 -32.92 23.13 -29.95
N PRO A 96 -33.58 24.25 -30.28
CA PRO A 96 -34.01 25.23 -29.29
C PRO A 96 -35.38 24.91 -28.70
N THR A 97 -35.93 23.75 -29.04
CA THR A 97 -37.26 23.39 -28.57
C THR A 97 -37.37 22.04 -27.85
N LEU A 98 -36.23 21.53 -27.36
CA LEU A 98 -36.24 20.24 -26.65
C LEU A 98 -37.10 20.26 -25.41
N SER A 99 -38.25 19.62 -25.50
CA SER A 99 -39.18 19.54 -24.38
C SER A 99 -38.74 18.43 -23.42
N ALA A 100 -39.36 18.40 -22.25
CA ALA A 100 -39.04 17.39 -21.25
C ALA A 100 -39.60 16.08 -21.75
N GLU A 101 -40.75 16.16 -22.43
CA GLU A 101 -41.38 14.96 -22.96
C GLU A 101 -40.60 14.43 -24.16
N ASP A 102 -40.07 15.34 -24.98
CA ASP A 102 -39.28 14.93 -26.15
C ASP A 102 -38.24 13.93 -25.67
N LEU A 103 -37.66 14.22 -24.50
CA LEU A 103 -36.65 13.36 -23.89
C LEU A 103 -37.28 12.06 -23.36
N ASP A 104 -38.55 12.15 -22.95
CA ASP A 104 -39.26 11.00 -22.42
C ASP A 104 -39.65 10.04 -23.56
N ALA A 105 -39.89 10.62 -24.74
CA ALA A 105 -40.25 9.83 -25.93
C ALA A 105 -39.00 9.09 -26.40
N MET A 106 -37.83 9.64 -26.09
CA MET A 106 -36.55 9.03 -26.45
C MET A 106 -36.14 8.04 -25.38
N ALA A 107 -36.55 8.29 -24.14
CA ALA A 107 -36.24 7.41 -23.03
C ALA A 107 -36.99 6.10 -23.31
N ALA A 108 -38.18 6.25 -23.86
CA ALA A 108 -39.02 5.12 -24.22
C ALA A 108 -38.42 4.36 -25.40
N GLU A 109 -38.02 5.09 -26.44
CA GLU A 109 -37.43 4.44 -27.62
C GLU A 109 -36.23 3.59 -27.23
N VAL A 110 -35.37 4.16 -26.37
CA VAL A 110 -34.18 3.46 -25.89
C VAL A 110 -34.60 2.11 -25.32
N ALA A 111 -35.75 2.09 -24.67
CA ALA A 111 -36.29 0.87 -24.07
C ALA A 111 -36.99 0.05 -25.16
N ALA A 112 -37.57 0.76 -26.13
CA ALA A 112 -38.27 0.12 -27.25
C ALA A 112 -37.29 -0.46 -28.26
N SER A 113 -35.99 -0.27 -28.00
CA SER A 113 -34.96 -0.80 -28.89
C SER A 113 -34.22 -1.93 -28.18
N GLY A 114 -34.80 -2.42 -27.10
CA GLY A 114 -34.21 -3.53 -26.36
C GLY A 114 -33.36 -3.25 -25.13
N VAL A 115 -32.88 -2.02 -24.98
CA VAL A 115 -32.04 -1.68 -23.82
C VAL A 115 -32.85 -1.81 -22.53
N ARG A 116 -32.22 -2.38 -21.51
CA ARG A 116 -32.89 -2.56 -20.23
C ARG A 116 -31.92 -2.27 -19.09
N THR A 117 -30.65 -2.04 -19.45
CA THR A 117 -29.61 -1.74 -18.47
C THR A 117 -28.45 -0.96 -19.08
N VAL A 118 -28.12 0.17 -18.46
CA VAL A 118 -27.02 1.01 -18.90
C VAL A 118 -25.94 0.88 -17.85
N ARG A 119 -25.21 -0.24 -17.90
CA ARG A 119 -24.14 -0.54 -16.96
C ARG A 119 -23.03 0.53 -16.98
N GLY A 120 -23.02 1.34 -18.03
CA GLY A 120 -22.00 2.38 -18.14
C GLY A 120 -22.51 3.76 -17.72
N ASP A 121 -21.62 4.74 -17.79
CA ASP A 121 -21.96 6.12 -17.43
C ASP A 121 -22.82 6.76 -18.50
N LEU A 122 -23.68 7.69 -18.08
CA LEU A 122 -24.57 8.41 -18.98
C LEU A 122 -24.03 9.80 -19.32
N TYR A 123 -23.28 9.91 -20.41
CA TYR A 123 -22.71 11.19 -20.81
C TYR A 123 -23.67 12.02 -21.65
N ALA A 124 -23.49 13.34 -21.57
CA ALA A 124 -24.29 14.29 -22.34
C ALA A 124 -23.30 15.01 -23.26
N ASP A 125 -23.52 14.86 -24.57
CA ASP A 125 -22.66 15.45 -25.58
C ASP A 125 -23.33 16.61 -26.31
N ASP A 126 -22.70 17.78 -26.28
CA ASP A 126 -23.20 19.00 -26.93
C ASP A 126 -22.10 19.72 -27.70
N THR A 127 -21.17 18.95 -28.28
CA THR A 127 -20.03 19.47 -29.03
C THR A 127 -20.36 20.06 -30.40
N TRP A 128 -21.61 19.98 -30.81
CA TRP A 128 -22.01 20.55 -32.08
C TRP A 128 -21.73 22.06 -31.97
N PHE A 129 -21.76 22.56 -30.75
CA PHE A 129 -21.49 23.96 -30.45
C PHE A 129 -20.28 23.98 -29.52
N ASP A 130 -19.60 25.11 -29.46
CA ASP A 130 -18.44 25.23 -28.57
C ASP A 130 -18.96 25.31 -27.14
N SER A 131 -18.06 25.23 -26.18
CA SER A 131 -18.46 25.27 -24.78
C SER A 131 -18.47 26.67 -24.22
N GLU A 132 -18.44 27.68 -25.09
CA GLU A 132 -18.46 29.08 -24.65
C GLU A 132 -19.92 29.41 -24.34
N ARG A 133 -20.23 29.35 -23.05
CA ARG A 133 -21.59 29.57 -22.56
C ARG A 133 -22.21 30.96 -22.72
N LEU A 134 -21.46 32.01 -22.36
CA LEU A 134 -21.97 33.38 -22.41
C LEU A 134 -21.10 34.28 -23.27
N VAL A 135 -21.70 35.32 -23.88
CA VAL A 135 -20.88 36.25 -24.68
C VAL A 135 -19.98 36.99 -23.69
N ASP A 136 -18.75 37.30 -24.11
CA ASP A 136 -17.77 37.96 -23.25
C ASP A 136 -18.17 39.26 -22.54
N ASP A 137 -18.97 40.10 -23.19
CA ASP A 137 -19.33 41.33 -22.50
C ASP A 137 -20.64 41.30 -21.70
N TRP A 138 -21.40 40.19 -21.77
CA TRP A 138 -22.63 40.11 -21.00
C TRP A 138 -22.17 40.25 -19.56
N TRP A 139 -23.06 40.66 -18.66
CA TRP A 139 -22.68 40.86 -17.27
C TRP A 139 -23.00 39.62 -16.43
N PRO A 140 -22.15 39.31 -15.45
CA PRO A 140 -22.38 38.13 -14.60
C PRO A 140 -23.55 38.28 -13.63
N GLU A 141 -23.96 39.51 -13.35
CA GLU A 141 -25.09 39.76 -12.44
C GLU A 141 -26.39 39.34 -13.07
N ASP A 142 -26.40 39.27 -14.39
CA ASP A 142 -27.58 38.90 -15.16
C ASP A 142 -27.66 37.39 -15.42
N GLU A 143 -26.67 36.65 -14.94
CA GLU A 143 -26.62 35.21 -15.17
C GLU A 143 -27.66 34.33 -14.45
N PRO A 144 -28.31 34.86 -13.41
CA PRO A 144 -29.28 33.96 -12.78
C PRO A 144 -30.63 33.88 -13.50
N TYR A 145 -30.92 34.89 -14.32
CA TYR A 145 -32.22 34.97 -14.99
C TYR A 145 -32.30 34.47 -16.42
N ALA A 146 -33.46 33.91 -16.74
CA ALA A 146 -33.75 33.33 -18.05
C ALA A 146 -33.20 34.09 -19.25
N TYR A 147 -33.18 35.42 -19.15
CA TYR A 147 -32.69 36.27 -20.24
C TYR A 147 -31.26 35.94 -20.62
N SER A 148 -30.45 35.59 -19.63
CA SER A 148 -29.04 35.31 -19.82
C SER A 148 -28.59 33.85 -19.56
N ALA A 149 -29.37 32.90 -20.02
CA ALA A 149 -29.05 31.49 -19.82
C ALA A 149 -27.86 31.08 -20.68
N GLN A 150 -26.99 30.25 -20.11
CA GLN A 150 -25.81 29.76 -20.81
C GLN A 150 -26.19 29.14 -22.14
N ILE A 151 -25.32 29.21 -23.13
CA ILE A 151 -25.60 28.60 -24.42
C ILE A 151 -24.92 27.23 -24.56
N SER A 152 -25.69 26.25 -25.01
CA SER A 152 -25.20 24.90 -25.22
C SER A 152 -25.98 24.29 -26.39
N ALA A 153 -25.41 23.31 -27.05
CA ALA A 153 -26.06 22.64 -28.18
C ALA A 153 -27.18 21.74 -27.67
N LEU A 154 -26.97 21.20 -26.48
CA LEU A 154 -27.91 20.29 -25.83
C LEU A 154 -28.44 20.96 -24.56
N THR A 155 -29.64 21.53 -24.68
CA THR A 155 -30.27 22.23 -23.58
C THR A 155 -31.78 22.00 -23.57
N VAL A 156 -32.36 21.84 -22.39
CA VAL A 156 -33.81 21.61 -22.31
C VAL A 156 -34.60 22.93 -22.29
N ALA A 157 -35.66 22.97 -23.09
CA ALA A 157 -36.48 24.17 -23.19
C ALA A 157 -37.79 24.08 -22.39
N HIS A 158 -38.01 25.07 -21.52
CA HIS A 158 -39.20 25.13 -20.68
C HIS A 158 -40.42 25.75 -21.35
N GLY A 159 -41.59 25.23 -20.97
CA GLY A 159 -42.85 25.73 -21.48
C GLY A 159 -43.11 25.80 -22.96
N GLU A 160 -44.19 26.52 -23.30
CA GLU A 160 -44.66 26.72 -24.66
C GLU A 160 -43.89 27.82 -25.34
N ARG A 161 -43.05 28.51 -24.57
CA ARG A 161 -42.24 29.60 -25.11
C ARG A 161 -40.80 29.17 -25.28
N PHE A 162 -40.50 27.96 -24.83
CA PHE A 162 -39.17 27.37 -24.95
C PHE A 162 -38.01 28.12 -24.29
N ASP A 163 -38.21 28.55 -23.04
CA ASP A 163 -37.16 29.23 -22.30
C ASP A 163 -36.10 28.16 -22.03
N THR A 164 -34.96 28.26 -22.71
CA THR A 164 -33.89 27.28 -22.57
C THR A 164 -32.96 27.49 -21.39
N GLY A 165 -32.13 26.49 -21.12
CA GLY A 165 -31.17 26.54 -20.03
C GLY A 165 -31.70 26.99 -18.68
N VAL A 166 -32.99 26.78 -18.45
CA VAL A 166 -33.59 27.18 -17.18
C VAL A 166 -34.46 26.14 -16.50
N THR A 167 -34.81 26.43 -15.26
CA THR A 167 -35.64 25.56 -14.46
C THR A 167 -36.69 26.42 -13.76
N GLU A 168 -37.84 25.84 -13.44
CA GLU A 168 -38.89 26.58 -12.76
C GLU A 168 -38.84 26.28 -11.27
N VAL A 169 -38.47 27.27 -10.48
CA VAL A 169 -38.41 27.11 -9.03
C VAL A 169 -39.74 27.56 -8.45
N SER A 170 -40.24 26.87 -7.43
CA SER A 170 -41.52 27.22 -6.84
C SER A 170 -41.40 27.41 -5.33
N VAL A 171 -42.12 28.38 -4.79
CA VAL A 171 -42.10 28.64 -3.36
C VAL A 171 -43.53 28.68 -2.83
N THR A 172 -43.87 27.72 -1.97
CA THR A 172 -45.21 27.63 -1.39
C THR A 172 -45.18 27.89 0.12
N PRO A 173 -46.09 28.75 0.60
CA PRO A 173 -46.17 29.08 2.02
C PRO A 173 -46.48 27.89 2.91
N ALA A 174 -46.27 28.07 4.21
CA ALA A 174 -46.53 27.07 5.22
C ALA A 174 -47.27 27.81 6.33
N ALA A 175 -46.96 27.51 7.57
CA ALA A 175 -47.58 28.19 8.70
C ALA A 175 -46.56 29.19 9.25
N GLU A 176 -47.04 30.37 9.65
CA GLU A 176 -46.17 31.40 10.19
C GLU A 176 -45.10 30.77 11.09
N GLY A 177 -43.83 31.01 10.75
CA GLY A 177 -42.73 30.49 11.55
C GLY A 177 -42.05 29.22 11.03
N GLU A 178 -42.77 28.43 10.24
CA GLU A 178 -42.21 27.20 9.68
C GLU A 178 -41.46 27.54 8.39
N PRO A 179 -40.58 26.64 7.94
CA PRO A 179 -39.82 26.88 6.70
C PRO A 179 -40.78 26.79 5.52
N ALA A 180 -40.43 27.46 4.43
CA ALA A 180 -41.25 27.43 3.24
C ALA A 180 -40.87 26.20 2.43
N ASP A 181 -41.72 25.78 1.51
CA ASP A 181 -41.42 24.63 0.68
C ASP A 181 -40.91 25.15 -0.64
N VAL A 182 -39.73 24.67 -1.04
CA VAL A 182 -39.12 25.09 -2.30
C VAL A 182 -38.95 23.85 -3.18
N ASP A 183 -39.48 23.92 -4.39
CA ASP A 183 -39.37 22.84 -5.37
C ASP A 183 -38.49 23.45 -6.47
N LEU A 184 -37.49 22.71 -6.93
CA LEU A 184 -36.59 23.21 -7.96
C LEU A 184 -36.96 22.86 -9.39
N GLY A 185 -38.20 22.44 -9.63
CA GLY A 185 -38.58 22.08 -10.98
C GLY A 185 -37.68 20.99 -11.53
N ALA A 186 -37.26 21.15 -12.79
CA ALA A 186 -36.39 20.16 -13.45
C ALA A 186 -35.03 19.95 -12.78
N ALA A 187 -34.40 21.02 -12.34
CA ALA A 187 -33.09 20.95 -11.69
C ALA A 187 -33.12 20.28 -10.32
N GLU A 188 -34.21 19.56 -10.03
CA GLU A 188 -34.34 18.86 -8.75
C GLU A 188 -33.41 17.65 -8.82
N GLY A 189 -32.52 17.56 -7.85
CA GLY A 189 -31.57 16.45 -7.83
C GLY A 189 -30.32 16.85 -8.57
N TYR A 190 -30.44 17.86 -9.44
CA TYR A 190 -29.29 18.34 -10.20
C TYR A 190 -28.61 19.50 -9.49
N ALA A 191 -29.32 20.63 -9.41
CA ALA A 191 -28.77 21.82 -8.77
C ALA A 191 -28.92 21.73 -7.27
N GLU A 192 -27.97 22.31 -6.55
CA GLU A 192 -28.01 22.30 -5.09
C GLU A 192 -29.11 23.27 -4.63
N LEU A 193 -29.45 23.22 -3.35
CA LEU A 193 -30.46 24.10 -2.79
C LEU A 193 -30.10 24.58 -1.40
N ASP A 194 -30.29 25.88 -1.17
CA ASP A 194 -30.02 26.47 0.13
C ASP A 194 -31.27 27.27 0.50
N ASN A 195 -32.19 26.60 1.17
CA ASN A 195 -33.46 27.18 1.57
C ASN A 195 -33.39 27.92 2.89
N ARG A 196 -33.35 29.25 2.83
CA ARG A 196 -33.31 30.06 4.04
C ARG A 196 -34.60 30.85 4.18
N ALA A 197 -35.56 30.57 3.31
CA ALA A 197 -36.86 31.27 3.29
C ALA A 197 -37.87 30.74 4.32
N VAL A 198 -38.49 31.66 5.04
CA VAL A 198 -39.48 31.29 6.05
C VAL A 198 -40.89 31.74 5.62
N THR A 199 -41.89 31.31 6.36
CA THR A 199 -43.27 31.69 6.07
C THR A 199 -43.60 32.79 7.05
N GLY A 200 -43.97 33.95 6.53
CA GLY A 200 -44.30 35.07 7.38
C GLY A 200 -45.76 35.09 7.74
N ALA A 201 -46.10 35.93 8.72
CA ALA A 201 -47.46 36.08 9.17
C ALA A 201 -48.36 36.35 7.97
N ALA A 202 -49.65 36.03 8.11
CA ALA A 202 -50.59 36.26 7.02
C ALA A 202 -50.72 37.78 6.86
N GLY A 203 -50.58 38.27 5.62
CA GLY A 203 -50.68 39.68 5.36
C GLY A 203 -49.35 40.42 5.51
N SER A 204 -48.26 39.67 5.63
CA SER A 204 -46.93 40.29 5.79
C SER A 204 -46.27 40.60 4.46
N ALA A 205 -45.27 41.48 4.52
CA ALA A 205 -44.53 41.88 3.34
C ALA A 205 -43.81 40.70 2.73
N ASN A 206 -44.04 40.45 1.44
CA ASN A 206 -43.37 39.38 0.75
C ASN A 206 -41.98 39.92 0.41
N THR A 207 -40.95 39.26 0.92
CA THR A 207 -39.58 39.69 0.67
C THR A 207 -38.77 38.54 0.10
N LEU A 208 -39.44 37.70 -0.67
CA LEU A 208 -38.81 36.53 -1.25
C LEU A 208 -37.71 36.91 -2.22
N VAL A 209 -36.70 36.06 -2.33
CA VAL A 209 -35.55 36.27 -3.21
C VAL A 209 -35.01 34.92 -3.68
N ILE A 210 -35.10 34.67 -4.98
CA ILE A 210 -34.63 33.42 -5.58
C ILE A 210 -33.38 33.73 -6.40
N ASP A 211 -32.22 33.23 -5.95
CA ASP A 211 -30.96 33.49 -6.63
C ASP A 211 -30.08 32.28 -6.91
N ARG A 212 -29.14 32.45 -7.83
CA ARG A 212 -28.16 31.43 -8.18
C ARG A 212 -26.82 32.16 -8.11
N PRO A 213 -26.27 32.33 -6.88
CA PRO A 213 -24.99 33.01 -6.69
C PRO A 213 -24.04 32.74 -7.83
N VAL A 214 -23.35 33.79 -8.27
CA VAL A 214 -22.42 33.65 -9.38
C VAL A 214 -21.39 32.56 -9.13
N GLY A 215 -21.07 31.81 -10.18
CA GLY A 215 -20.07 30.76 -10.08
C GLY A 215 -20.50 29.44 -9.48
N THR A 216 -21.79 29.28 -9.14
CA THR A 216 -22.26 28.03 -8.58
C THR A 216 -23.48 27.49 -9.31
N ASN A 217 -23.90 26.29 -8.93
CA ASN A 217 -25.08 25.64 -9.50
C ASN A 217 -26.07 25.41 -8.38
N THR A 218 -26.10 26.36 -7.44
CA THR A 218 -26.97 26.31 -6.26
C THR A 218 -28.10 27.34 -6.36
N ILE A 219 -29.33 26.88 -6.18
CA ILE A 219 -30.50 27.76 -6.20
C ILE A 219 -30.71 28.19 -4.75
N ALA A 220 -30.44 29.46 -4.46
CA ALA A 220 -30.57 30.00 -3.12
C ALA A 220 -31.86 30.80 -2.95
N VAL A 221 -32.47 30.67 -1.78
CA VAL A 221 -33.71 31.36 -1.49
C VAL A 221 -33.60 31.96 -0.09
N THR A 222 -33.98 33.23 0.03
CA THR A 222 -33.92 33.92 1.31
C THR A 222 -35.15 34.79 1.50
N GLY A 223 -35.30 35.35 2.71
CA GLY A 223 -36.43 36.20 3.02
C GLY A 223 -37.64 35.41 3.50
N SER A 224 -38.83 35.98 3.34
CA SER A 224 -40.03 35.27 3.75
C SER A 224 -41.22 35.56 2.87
N LEU A 225 -42.10 34.58 2.78
CA LEU A 225 -43.32 34.68 2.00
C LEU A 225 -44.45 34.54 3.02
N PRO A 226 -45.44 35.43 2.95
CA PRO A 226 -46.56 35.37 3.90
C PRO A 226 -47.40 34.09 3.83
N ALA A 227 -47.91 33.70 4.99
CA ALA A 227 -48.72 32.51 5.13
C ALA A 227 -49.91 32.53 4.18
N ASP A 228 -50.51 33.70 4.02
CA ASP A 228 -51.70 33.87 3.17
C ASP A 228 -51.37 34.14 1.71
N ALA A 229 -50.08 34.19 1.40
CA ALA A 229 -49.61 34.46 0.04
C ALA A 229 -49.83 33.29 -0.90
N ALA A 230 -50.00 33.61 -2.19
CA ALA A 230 -50.21 32.60 -3.22
C ALA A 230 -48.87 32.04 -3.68
N PRO A 231 -48.79 30.73 -3.97
CA PRO A 231 -47.57 30.06 -4.42
C PRO A 231 -46.86 30.80 -5.56
N VAL A 232 -45.56 31.02 -5.39
CA VAL A 232 -44.75 31.75 -6.36
C VAL A 232 -43.82 30.85 -7.19
N THR A 233 -43.71 31.15 -8.48
CA THR A 233 -42.82 30.41 -9.36
C THR A 233 -41.91 31.42 -10.04
N ALA A 234 -40.81 30.94 -10.61
CA ALA A 234 -39.86 31.83 -11.26
C ALA A 234 -38.81 31.05 -12.05
N LEU A 235 -38.55 31.50 -13.26
CA LEU A 235 -37.53 30.85 -14.08
C LEU A 235 -36.14 31.25 -13.59
N ARG A 236 -35.24 30.29 -13.60
CA ARG A 236 -33.87 30.48 -13.19
C ARG A 236 -33.00 29.60 -14.05
N THR A 237 -31.85 30.12 -14.46
CA THR A 237 -30.91 29.38 -15.29
C THR A 237 -30.11 28.42 -14.43
N VAL A 238 -29.50 27.44 -15.08
CA VAL A 238 -28.66 26.46 -14.41
C VAL A 238 -27.29 26.42 -15.07
N ASP A 239 -26.27 26.11 -14.29
CA ASP A 239 -24.93 26.01 -14.85
C ASP A 239 -24.90 24.76 -15.72
N GLU A 240 -24.38 24.91 -16.94
CA GLU A 240 -24.28 23.80 -17.89
C GLU A 240 -25.63 23.15 -18.24
N PRO A 241 -26.35 23.76 -19.20
CA PRO A 241 -27.66 23.26 -19.65
C PRO A 241 -27.62 21.76 -19.95
N ALA A 242 -26.57 21.34 -20.65
CA ALA A 242 -26.40 19.93 -21.03
C ALA A 242 -26.46 18.95 -19.85
N ALA A 243 -25.74 19.25 -18.78
CA ALA A 243 -25.70 18.40 -17.60
C ALA A 243 -27.10 18.21 -16.99
N LEU A 244 -27.98 19.18 -17.23
CA LEU A 244 -29.33 19.08 -16.73
C LEU A 244 -30.11 18.20 -17.71
N ALA A 245 -29.92 18.42 -19.00
CA ALA A 245 -30.60 17.60 -19.99
C ALA A 245 -30.13 16.17 -19.75
N GLY A 246 -28.92 16.05 -19.22
CA GLY A 246 -28.38 14.74 -18.91
C GLY A 246 -29.11 14.16 -17.71
N HIS A 247 -29.31 14.98 -16.68
CA HIS A 247 -30.00 14.55 -15.47
C HIS A 247 -31.44 14.15 -15.75
N LEU A 248 -32.15 14.97 -16.53
CA LEU A 248 -33.53 14.68 -16.85
C LEU A 248 -33.70 13.40 -17.65
N PHE A 249 -32.85 13.20 -18.65
CA PHE A 249 -32.93 12.00 -19.49
C PHE A 249 -32.63 10.74 -18.68
N GLU A 250 -31.76 10.87 -17.69
CA GLU A 250 -31.41 9.76 -16.79
C GLU A 250 -32.70 9.40 -16.04
N GLU A 251 -33.42 10.43 -15.57
CA GLU A 251 -34.68 10.23 -14.85
C GLU A 251 -35.70 9.64 -15.83
N ALA A 252 -35.64 10.12 -17.07
CA ALA A 252 -36.56 9.68 -18.13
C ALA A 252 -36.43 8.19 -18.47
N LEU A 253 -35.19 7.71 -18.55
CA LEU A 253 -34.94 6.31 -18.85
C LEU A 253 -35.53 5.49 -17.70
N GLU A 254 -35.17 5.89 -16.49
CA GLU A 254 -35.63 5.25 -15.26
C GLU A 254 -37.16 5.19 -15.23
N SER A 255 -37.78 6.07 -16.00
CA SER A 255 -39.23 6.12 -16.08
C SER A 255 -39.70 5.22 -17.23
N ASN A 256 -38.73 4.62 -17.92
CA ASN A 256 -39.03 3.74 -19.03
C ASN A 256 -38.39 2.36 -18.91
N GLY A 257 -38.20 1.91 -17.67
CA GLY A 257 -37.61 0.60 -17.42
C GLY A 257 -36.15 0.39 -17.75
N VAL A 258 -35.38 1.47 -17.89
CA VAL A 258 -33.97 1.35 -18.19
C VAL A 258 -33.14 1.79 -16.98
N THR A 259 -32.42 0.85 -16.38
CA THR A 259 -31.59 1.11 -15.20
C THR A 259 -30.23 1.66 -15.61
N VAL A 260 -29.78 2.72 -14.94
CA VAL A 260 -28.51 3.35 -15.24
C VAL A 260 -27.56 3.17 -14.04
N LYS A 261 -26.58 2.28 -14.18
CA LYS A 261 -25.62 1.99 -13.11
C LYS A 261 -24.55 3.07 -12.97
N GLY A 262 -24.07 3.57 -14.11
CA GLY A 262 -23.03 4.58 -14.09
C GLY A 262 -23.50 5.97 -13.74
N ASP A 263 -22.58 6.93 -13.76
CA ASP A 263 -22.89 8.32 -13.42
C ASP A 263 -23.29 9.13 -14.65
N VAL A 264 -24.00 10.23 -14.41
CA VAL A 264 -24.46 11.13 -15.47
C VAL A 264 -23.45 12.28 -15.57
N GLY A 265 -22.87 12.48 -16.76
CA GLY A 265 -21.90 13.55 -16.90
C GLY A 265 -21.73 14.18 -18.28
N LEU A 266 -20.82 15.14 -18.36
CA LEU A 266 -20.53 15.84 -19.60
C LEU A 266 -19.49 15.07 -20.41
N GLY A 267 -19.83 14.71 -21.64
CA GLY A 267 -18.89 13.99 -22.47
C GLY A 267 -19.29 13.88 -23.92
N GLY A 268 -18.30 13.71 -24.79
CA GLY A 268 -18.56 13.58 -26.21
C GLY A 268 -18.28 12.17 -26.68
N VAL A 269 -18.97 11.72 -27.73
CA VAL A 269 -18.77 10.39 -28.27
C VAL A 269 -17.29 10.20 -28.59
N PRO A 270 -16.66 9.16 -28.02
CA PRO A 270 -15.25 8.82 -28.19
C PRO A 270 -14.56 9.12 -29.52
N ALA A 271 -15.32 9.24 -30.60
CA ALA A 271 -14.74 9.49 -31.92
C ALA A 271 -13.92 8.24 -32.20
N ASP A 272 -14.30 7.18 -31.49
CA ASP A 272 -13.68 5.87 -31.54
C ASP A 272 -14.71 4.90 -32.13
N TRP A 273 -15.96 5.32 -32.12
CA TRP A 273 -17.08 4.53 -32.66
C TRP A 273 -17.60 5.22 -33.92
N GLN A 274 -16.82 5.17 -34.99
CA GLN A 274 -17.22 5.81 -36.24
C GLN A 274 -18.58 5.34 -36.78
N ASP A 275 -19.15 4.32 -36.15
CA ASP A 275 -20.45 3.80 -36.57
C ASP A 275 -21.34 3.33 -35.40
N ALA A 276 -21.35 4.12 -34.33
CA ALA A 276 -22.14 3.82 -33.14
C ALA A 276 -23.60 3.57 -33.50
N GLU A 277 -24.28 2.80 -32.66
CA GLU A 277 -25.68 2.49 -32.89
C GLU A 277 -26.53 3.64 -32.35
N VAL A 278 -27.44 4.15 -33.19
CA VAL A 278 -28.34 5.25 -32.79
C VAL A 278 -29.65 4.69 -32.27
N LEU A 279 -29.71 4.49 -30.95
CA LEU A 279 -30.88 3.94 -30.28
C LEU A 279 -32.18 4.77 -30.41
N ALA A 280 -32.06 6.09 -30.53
CA ALA A 280 -33.23 6.95 -30.66
C ALA A 280 -32.86 8.32 -31.22
N ASP A 281 -33.86 9.00 -31.79
CA ASP A 281 -33.65 10.33 -32.37
C ASP A 281 -34.89 11.20 -32.23
N HIS A 282 -34.68 12.51 -32.29
CA HIS A 282 -35.79 13.45 -32.22
C HIS A 282 -35.57 14.60 -33.19
N THR A 283 -36.63 15.01 -33.87
CA THR A 283 -36.55 16.12 -34.81
C THR A 283 -37.59 17.14 -34.36
N SER A 284 -37.16 18.40 -34.33
CA SER A 284 -38.03 19.49 -33.91
C SER A 284 -38.80 20.02 -35.11
N ALA A 285 -39.53 21.10 -34.89
CA ALA A 285 -40.31 21.74 -35.95
C ALA A 285 -39.37 22.51 -36.85
N GLU A 286 -39.89 23.08 -37.92
CA GLU A 286 -39.07 23.86 -38.85
C GLU A 286 -38.86 25.26 -38.29
N LEU A 287 -37.74 25.87 -38.64
CA LEU A 287 -37.41 27.21 -38.20
C LEU A 287 -38.55 28.18 -38.46
N SER A 288 -39.20 28.01 -39.61
CA SER A 288 -40.33 28.86 -39.98
C SER A 288 -41.31 28.92 -38.82
N GLU A 289 -41.44 27.78 -38.13
CA GLU A 289 -42.34 27.66 -36.99
C GLU A 289 -41.69 28.17 -35.72
N ILE A 290 -40.50 27.67 -35.40
CA ILE A 290 -39.82 28.11 -34.19
C ILE A 290 -39.64 29.63 -34.23
N LEU A 291 -39.69 30.21 -35.43
CA LEU A 291 -39.56 31.65 -35.60
C LEU A 291 -40.53 32.39 -34.70
N VAL A 292 -41.79 31.97 -34.75
CA VAL A 292 -42.86 32.58 -33.97
C VAL A 292 -42.50 32.78 -32.50
N PRO A 293 -42.33 31.69 -31.73
CA PRO A 293 -41.98 31.85 -30.30
C PRO A 293 -40.58 32.41 -30.05
N PHE A 294 -39.98 32.97 -31.10
CA PHE A 294 -38.64 33.56 -31.00
C PHE A 294 -38.78 35.07 -31.06
N MET A 295 -39.35 35.58 -32.15
CA MET A 295 -39.52 37.02 -32.35
C MET A 295 -40.69 37.67 -31.57
N LYS A 296 -41.61 36.84 -31.06
CA LYS A 296 -42.75 37.37 -30.32
C LYS A 296 -42.34 37.69 -28.89
N PHE A 297 -41.54 36.82 -28.29
CA PHE A 297 -41.09 36.99 -26.92
C PHE A 297 -39.59 37.34 -26.80
N SER A 298 -38.92 37.49 -27.94
CA SER A 298 -37.49 37.80 -27.98
C SER A 298 -36.72 36.85 -27.10
N ASN A 299 -36.69 35.60 -27.53
CA ASN A 299 -35.97 34.58 -26.80
C ASN A 299 -34.50 34.86 -27.04
N ASN A 300 -33.76 35.19 -25.99
CA ASN A 300 -32.34 35.50 -26.11
C ASN A 300 -31.53 34.24 -26.43
N GLY A 301 -31.81 33.17 -25.69
CA GLY A 301 -31.13 31.92 -25.90
C GLY A 301 -31.37 31.37 -27.30
N HIS A 302 -32.53 31.67 -27.87
CA HIS A 302 -32.82 31.21 -29.23
C HIS A 302 -31.85 31.93 -30.16
N ALA A 303 -31.82 33.26 -30.05
CA ALA A 303 -30.96 34.09 -30.87
C ALA A 303 -29.52 33.60 -30.99
N GLU A 304 -28.88 33.35 -29.85
CA GLU A 304 -27.50 32.89 -29.85
C GLU A 304 -27.37 31.49 -30.46
N MET A 305 -28.33 30.62 -30.20
CA MET A 305 -28.29 29.27 -30.76
C MET A 305 -28.38 29.38 -32.29
N LEU A 306 -29.20 30.28 -32.80
CA LEU A 306 -29.31 30.45 -34.24
C LEU A 306 -27.98 30.90 -34.80
N VAL A 307 -27.38 31.91 -34.16
CA VAL A 307 -26.11 32.44 -34.60
C VAL A 307 -25.10 31.31 -34.79
N LYS A 308 -24.80 30.62 -33.69
CA LYS A 308 -23.86 29.51 -33.71
C LYS A 308 -24.30 28.47 -34.74
N SER A 309 -25.60 28.22 -34.84
CA SER A 309 -26.13 27.27 -35.82
C SER A 309 -25.68 27.72 -37.20
N ILE A 310 -25.66 29.04 -37.42
CA ILE A 310 -25.23 29.59 -38.70
C ILE A 310 -23.72 29.36 -38.84
N GLY A 311 -23.03 29.36 -37.70
CA GLY A 311 -21.59 29.13 -37.69
C GLY A 311 -21.20 27.69 -38.01
N GLN A 312 -22.14 26.75 -37.83
CA GLN A 312 -21.92 25.33 -38.10
C GLN A 312 -22.19 25.09 -39.57
N GLU A 313 -23.13 25.86 -40.11
CA GLU A 313 -23.49 25.71 -41.50
C GLU A 313 -22.39 26.27 -42.40
N THR A 314 -22.23 27.59 -42.33
CA THR A 314 -21.24 28.32 -43.14
C THR A 314 -19.79 27.96 -42.95
N ALA A 315 -19.46 27.28 -41.85
CA ALA A 315 -18.06 26.95 -41.60
C ALA A 315 -17.80 25.79 -40.66
N GLY A 316 -18.83 25.01 -40.35
CA GLY A 316 -18.63 23.88 -39.45
C GLY A 316 -18.05 24.25 -38.10
N ALA A 317 -18.58 25.32 -37.49
CA ALA A 317 -18.08 25.75 -36.20
C ALA A 317 -19.17 26.41 -35.36
N GLY A 318 -19.67 25.69 -34.37
CA GLY A 318 -20.69 26.24 -33.51
C GLY A 318 -20.03 27.27 -32.62
N THR A 319 -19.85 28.47 -33.17
CA THR A 319 -19.19 29.56 -32.47
C THR A 319 -19.76 30.90 -32.87
N TRP A 320 -19.71 31.86 -31.95
CA TRP A 320 -20.22 33.21 -32.23
C TRP A 320 -19.44 33.88 -33.34
N ASP A 321 -18.12 33.92 -33.21
CA ASP A 321 -17.30 34.56 -34.23
C ASP A 321 -17.65 34.06 -35.61
N ALA A 322 -17.75 32.76 -35.77
CA ALA A 322 -18.10 32.19 -37.07
C ALA A 322 -19.55 32.52 -37.37
N GLY A 323 -20.39 32.45 -36.34
CA GLY A 323 -21.80 32.75 -36.56
C GLY A 323 -22.00 34.18 -37.05
N LEU A 324 -21.45 35.14 -36.29
CA LEU A 324 -21.57 36.55 -36.63
C LEU A 324 -21.04 36.88 -38.01
N VAL A 325 -19.92 36.26 -38.40
CA VAL A 325 -19.36 36.53 -39.72
C VAL A 325 -20.41 36.12 -40.75
N GLY A 326 -21.06 34.98 -40.49
CA GLY A 326 -22.11 34.51 -41.36
C GLY A 326 -23.25 35.51 -41.42
N VAL A 327 -23.70 35.99 -40.28
CA VAL A 327 -24.81 36.96 -40.27
C VAL A 327 -24.45 38.19 -41.10
N GLU A 328 -23.30 38.80 -40.78
CA GLU A 328 -22.84 39.98 -41.49
C GLU A 328 -22.95 39.81 -43.00
N GLU A 329 -22.32 38.77 -43.51
CA GLU A 329 -22.35 38.51 -44.95
C GLU A 329 -23.73 38.12 -45.47
N ALA A 330 -24.46 37.31 -44.72
CA ALA A 330 -25.79 36.93 -45.16
C ALA A 330 -26.65 38.19 -45.31
N LEU A 331 -26.39 39.19 -44.47
CA LEU A 331 -27.14 40.45 -44.53
C LEU A 331 -26.66 41.27 -45.72
N SER A 332 -25.45 40.96 -46.17
CA SER A 332 -24.84 41.65 -47.30
C SER A 332 -25.37 41.05 -48.60
N GLY A 333 -25.43 39.73 -48.63
CA GLY A 333 -25.92 39.03 -49.81
C GLY A 333 -27.40 39.33 -49.93
N LEU A 334 -27.99 39.83 -48.84
CA LEU A 334 -29.39 40.18 -48.83
C LEU A 334 -29.51 41.59 -49.39
N GLY A 335 -28.36 42.23 -49.56
CA GLY A 335 -28.31 43.58 -50.11
C GLY A 335 -28.29 44.69 -49.07
N VAL A 336 -28.01 44.35 -47.81
CA VAL A 336 -28.00 45.37 -46.77
C VAL A 336 -26.63 45.95 -46.54
N ASP A 337 -26.51 47.28 -46.68
CA ASP A 337 -25.25 47.96 -46.44
C ASP A 337 -25.00 47.82 -44.94
N THR A 338 -24.01 47.01 -44.56
CA THR A 338 -23.70 46.77 -43.16
C THR A 338 -22.58 47.60 -42.55
N ALA A 339 -22.31 48.76 -43.13
CA ALA A 339 -21.22 49.62 -42.65
C ALA A 339 -21.36 50.11 -41.21
N GLY A 340 -22.53 50.65 -40.87
CA GLY A 340 -22.74 51.13 -39.51
C GLY A 340 -22.99 50.03 -38.52
N LEU A 341 -23.01 48.78 -38.99
CA LEU A 341 -23.28 47.67 -38.08
C LEU A 341 -22.06 47.20 -37.32
N VAL A 342 -22.30 46.66 -36.14
CA VAL A 342 -21.25 46.11 -35.29
C VAL A 342 -21.90 44.98 -34.51
N LEU A 343 -21.72 43.76 -35.01
CA LEU A 343 -22.32 42.57 -34.44
C LEU A 343 -21.52 41.91 -33.35
N ASN A 344 -22.04 41.90 -32.12
CA ASN A 344 -21.32 41.24 -31.04
C ASN A 344 -22.10 40.05 -30.49
N ASP A 345 -23.37 39.94 -30.89
CA ASP A 345 -24.18 38.81 -30.48
C ASP A 345 -25.45 38.74 -31.31
N GLY A 346 -26.25 37.70 -31.11
CA GLY A 346 -27.46 37.56 -31.87
C GLY A 346 -28.71 38.05 -31.17
N SER A 347 -28.70 37.99 -29.83
CA SER A 347 -29.87 38.41 -29.04
C SER A 347 -30.05 39.90 -28.90
N GLY A 348 -28.94 40.62 -28.75
CA GLY A 348 -29.00 42.06 -28.58
C GLY A 348 -28.61 42.42 -27.15
N LEU A 349 -28.37 41.39 -26.34
CA LEU A 349 -27.99 41.54 -24.93
C LEU A 349 -26.67 42.30 -24.72
N SER A 350 -25.79 42.19 -25.69
CA SER A 350 -24.48 42.82 -25.62
C SER A 350 -24.51 44.31 -25.90
N ARG A 351 -23.78 45.07 -25.08
CA ARG A 351 -23.68 46.52 -25.25
C ARG A 351 -22.62 46.80 -26.29
N GLY A 352 -22.04 45.74 -26.84
CA GLY A 352 -21.04 45.90 -27.88
C GLY A 352 -21.72 45.99 -29.24
N ASN A 353 -23.04 45.80 -29.28
CA ASN A 353 -23.76 45.88 -30.54
C ASN A 353 -24.06 47.32 -30.95
N LEU A 354 -24.19 47.54 -32.24
CA LEU A 354 -24.48 48.86 -32.79
C LEU A 354 -25.19 48.78 -34.15
N VAL A 355 -26.17 49.66 -34.36
CA VAL A 355 -26.91 49.73 -35.61
C VAL A 355 -27.25 51.19 -35.81
N THR A 356 -27.82 51.51 -36.96
CA THR A 356 -28.27 52.87 -37.25
C THR A 356 -29.71 52.67 -37.71
N ALA A 357 -30.59 53.61 -37.36
CA ALA A 357 -31.98 53.49 -37.76
C ALA A 357 -32.05 53.18 -39.27
N ASP A 358 -31.15 53.76 -40.05
CA ASP A 358 -31.15 53.49 -41.49
C ASP A 358 -30.82 52.04 -41.81
N THR A 359 -29.86 51.49 -41.10
CA THR A 359 -29.49 50.10 -41.34
C THR A 359 -30.67 49.21 -40.99
N VAL A 360 -31.40 49.57 -39.95
CA VAL A 360 -32.55 48.79 -39.52
C VAL A 360 -33.62 48.83 -40.61
N VAL A 361 -33.94 50.04 -41.05
CA VAL A 361 -34.95 50.22 -42.10
C VAL A 361 -34.51 49.46 -43.33
N ASP A 362 -33.27 49.69 -43.72
CA ASP A 362 -32.68 49.03 -44.87
C ASP A 362 -33.05 47.55 -44.74
N LEU A 363 -32.69 46.94 -43.61
CA LEU A 363 -32.99 45.54 -43.39
C LEU A 363 -34.46 45.21 -43.54
N LEU A 364 -35.32 46.11 -43.05
CA LEU A 364 -36.77 45.88 -43.15
C LEU A 364 -37.21 45.74 -44.59
N GLY A 365 -36.79 46.68 -45.44
CA GLY A 365 -37.17 46.59 -46.84
C GLY A 365 -36.72 45.27 -47.47
N GLN A 366 -35.41 45.05 -47.53
CA GLN A 366 -34.85 43.84 -48.13
C GLN A 366 -35.53 42.55 -47.66
N ALA A 367 -35.79 42.45 -46.36
CA ALA A 367 -36.42 41.24 -45.83
C ALA A 367 -37.85 41.08 -46.33
N GLY A 368 -38.48 42.19 -46.68
CA GLY A 368 -39.84 42.12 -47.16
C GLY A 368 -39.95 41.47 -48.52
N SER A 369 -38.85 41.45 -49.26
CA SER A 369 -38.84 40.88 -50.61
C SER A 369 -38.26 39.48 -50.70
N ALA A 370 -37.64 39.02 -49.61
CA ALA A 370 -37.06 37.69 -49.60
C ALA A 370 -38.14 36.59 -49.69
N PRO A 371 -37.85 35.48 -50.39
CA PRO A 371 -38.81 34.38 -50.52
C PRO A 371 -39.41 33.93 -49.19
N TRP A 372 -38.86 34.42 -48.08
CA TRP A 372 -39.37 34.06 -46.76
C TRP A 372 -40.09 35.22 -46.07
N ALA A 373 -40.27 36.31 -46.81
CA ALA A 373 -40.90 37.53 -46.30
C ALA A 373 -42.19 37.35 -45.49
N GLN A 374 -42.93 36.27 -45.74
CA GLN A 374 -44.17 36.04 -45.00
C GLN A 374 -43.95 35.34 -43.67
N THR A 375 -43.09 34.34 -43.64
CA THR A 375 -42.81 33.62 -42.41
C THR A 375 -42.04 34.55 -41.47
N TRP A 376 -41.51 35.64 -42.03
CA TRP A 376 -40.73 36.62 -41.28
C TRP A 376 -41.62 37.72 -40.70
N SER A 377 -42.44 38.31 -41.55
CA SER A 377 -43.34 39.37 -41.13
C SER A 377 -44.32 38.86 -40.08
N ALA A 378 -44.68 37.59 -40.21
CA ALA A 378 -45.63 36.95 -39.29
C ALA A 378 -45.02 36.59 -37.93
N SER A 379 -43.71 36.51 -37.86
CA SER A 379 -43.04 36.18 -36.60
C SER A 379 -43.03 37.39 -35.68
N LEU A 380 -43.19 38.56 -36.28
CA LEU A 380 -43.16 39.81 -35.55
C LEU A 380 -44.36 40.07 -34.65
N PRO A 381 -44.12 40.81 -33.56
CA PRO A 381 -45.18 41.13 -32.60
C PRO A 381 -46.22 42.01 -33.28
N VAL A 382 -47.50 41.75 -32.99
CA VAL A 382 -48.58 42.54 -33.55
C VAL A 382 -49.07 43.44 -32.43
N ALA A 383 -49.30 44.72 -32.73
CA ALA A 383 -49.75 45.66 -31.71
C ALA A 383 -51.16 45.43 -31.18
N GLY A 384 -51.35 45.73 -29.89
CA GLY A 384 -52.63 45.59 -29.24
C GLY A 384 -53.31 44.25 -29.32
N GLU A 385 -52.56 43.20 -29.63
CA GLU A 385 -53.16 41.88 -29.72
C GLU A 385 -53.06 41.09 -28.43
N SER A 386 -54.22 40.84 -27.83
CA SER A 386 -54.35 40.14 -26.56
C SER A 386 -53.71 38.76 -26.45
N ASP A 387 -53.77 37.97 -27.52
CA ASP A 387 -53.18 36.63 -27.48
C ASP A 387 -51.65 36.68 -27.51
N PRO A 388 -51.01 36.19 -26.43
CA PRO A 388 -49.56 36.15 -26.27
C PRO A 388 -48.75 35.75 -27.50
N PHE A 389 -49.25 34.79 -28.26
CA PHE A 389 -48.53 34.33 -29.45
C PHE A 389 -48.79 35.16 -30.69
N VAL A 390 -49.51 36.26 -30.53
CA VAL A 390 -49.81 37.14 -31.65
C VAL A 390 -49.28 38.54 -31.36
N GLY A 391 -49.62 39.04 -30.17
CA GLY A 391 -49.18 40.36 -29.79
C GLY A 391 -47.73 40.36 -29.35
N GLY A 392 -47.37 39.36 -28.57
CA GLY A 392 -46.01 39.29 -28.08
C GLY A 392 -45.75 40.55 -27.26
N THR A 393 -44.50 40.99 -27.28
CA THR A 393 -44.10 42.18 -26.53
C THR A 393 -44.94 43.43 -26.82
N LEU A 394 -45.95 43.29 -27.66
CA LEU A 394 -46.82 44.43 -27.97
C LEU A 394 -48.29 44.11 -27.64
N ALA A 395 -48.51 43.07 -26.86
CA ALA A 395 -49.86 42.64 -26.49
C ALA A 395 -50.62 43.62 -25.60
N ASN A 396 -49.89 44.51 -24.92
CA ASN A 396 -50.54 45.49 -24.05
C ASN A 396 -50.25 46.91 -24.51
N ARG A 397 -49.85 47.07 -25.77
CA ARG A 397 -49.54 48.40 -26.29
C ARG A 397 -50.41 48.80 -27.47
N MET A 398 -50.76 50.07 -27.52
CA MET A 398 -51.55 50.62 -28.59
C MET A 398 -52.92 49.97 -28.79
N ARG A 399 -53.47 49.37 -27.73
CA ARG A 399 -54.80 48.76 -27.85
C ARG A 399 -55.77 49.91 -28.07
N GLY A 400 -56.75 49.69 -28.95
CA GLY A 400 -57.75 50.72 -29.21
C GLY A 400 -57.29 51.90 -30.03
N THR A 401 -56.29 51.69 -30.90
CA THR A 401 -55.80 52.77 -31.75
C THR A 401 -55.67 52.23 -33.16
N ALA A 402 -55.35 53.10 -34.10
CA ALA A 402 -55.19 52.67 -35.47
C ALA A 402 -54.12 51.56 -35.57
N ALA A 403 -53.19 51.52 -34.62
CA ALA A 403 -52.12 50.53 -34.65
C ALA A 403 -52.54 49.14 -34.20
N GLU A 404 -53.76 49.01 -33.69
CA GLU A 404 -54.21 47.72 -33.23
C GLU A 404 -54.36 46.70 -34.37
N GLY A 405 -53.81 45.51 -34.16
CA GLY A 405 -53.87 44.47 -35.17
C GLY A 405 -53.13 44.81 -36.45
N VAL A 406 -52.52 45.99 -36.52
CA VAL A 406 -51.80 46.43 -37.71
C VAL A 406 -50.26 46.42 -37.63
N VAL A 407 -49.71 47.29 -36.78
CA VAL A 407 -48.26 47.41 -36.61
C VAL A 407 -47.57 46.09 -36.25
N GLU A 408 -46.61 45.72 -37.08
CA GLU A 408 -45.82 44.52 -36.89
C GLU A 408 -44.44 45.09 -36.63
N ALA A 409 -44.06 45.15 -35.36
CA ALA A 409 -42.77 45.71 -34.98
C ALA A 409 -42.05 44.86 -33.96
N LYS A 410 -40.75 45.05 -33.89
CA LYS A 410 -39.90 44.34 -32.96
C LYS A 410 -39.49 45.35 -31.89
N THR A 411 -39.41 44.88 -30.64
CA THR A 411 -39.03 45.74 -29.54
C THR A 411 -37.59 45.48 -29.15
N GLY A 412 -37.14 46.26 -28.16
CA GLY A 412 -35.79 46.13 -27.65
C GLY A 412 -35.74 46.95 -26.37
N THR A 413 -35.45 46.28 -25.25
CA THR A 413 -35.37 46.98 -23.98
C THR A 413 -34.08 46.64 -23.26
N MET A 414 -33.47 47.65 -22.67
CA MET A 414 -32.24 47.47 -21.94
C MET A 414 -32.14 48.71 -21.09
N SER A 415 -31.29 48.68 -20.06
CA SER A 415 -31.13 49.85 -19.20
C SER A 415 -30.61 50.98 -20.08
N GLY A 416 -31.39 52.05 -20.19
CA GLY A 416 -30.99 53.19 -21.00
C GLY A 416 -31.18 52.99 -22.49
N VAL A 417 -31.76 51.86 -22.89
CA VAL A 417 -31.98 51.58 -24.30
C VAL A 417 -33.39 51.07 -24.57
N SER A 418 -33.96 51.48 -25.69
CA SER A 418 -35.29 51.04 -26.04
C SER A 418 -35.44 51.23 -27.55
N ALA A 419 -36.19 50.33 -28.19
CA ALA A 419 -36.37 50.40 -29.65
C ALA A 419 -37.66 49.77 -30.14
N LEU A 420 -38.10 50.24 -31.30
CA LEU A 420 -39.32 49.76 -31.96
C LEU A 420 -39.11 49.94 -33.46
N SER A 421 -39.00 48.82 -34.18
CA SER A 421 -38.79 48.86 -35.62
C SER A 421 -39.70 47.84 -36.28
N GLY A 422 -40.26 48.19 -37.44
CA GLY A 422 -41.15 47.26 -38.11
C GLY A 422 -41.91 47.81 -39.30
N TYR A 423 -43.08 47.23 -39.57
CA TYR A 423 -43.89 47.65 -40.69
C TYR A 423 -45.27 48.14 -40.27
N VAL A 424 -45.79 49.09 -41.04
CA VAL A 424 -47.11 49.65 -40.83
C VAL A 424 -47.81 49.55 -42.18
N PRO A 425 -48.46 48.41 -42.44
CA PRO A 425 -49.17 48.14 -43.69
C PRO A 425 -50.50 48.85 -43.79
N GLY A 426 -50.57 49.85 -44.66
CA GLY A 426 -51.81 50.58 -44.83
C GLY A 426 -52.12 50.79 -46.30
N PRO A 427 -53.41 50.80 -46.69
CA PRO A 427 -53.77 51.01 -48.09
C PRO A 427 -53.16 52.32 -48.60
N GLU A 428 -52.68 53.13 -47.67
CA GLU A 428 -52.06 54.40 -48.01
C GLU A 428 -50.55 54.21 -48.13
N GLY A 429 -50.11 52.96 -48.08
CA GLY A 429 -48.70 52.70 -48.20
C GLY A 429 -48.10 51.71 -47.23
N GLU A 430 -47.24 50.85 -47.74
CA GLU A 430 -46.56 49.85 -46.94
C GLU A 430 -45.44 50.65 -46.29
N LEU A 431 -45.33 50.57 -44.97
CA LEU A 431 -44.30 51.32 -44.27
C LEU A 431 -43.35 50.48 -43.44
N ALA A 432 -42.13 50.99 -43.34
CA ALA A 432 -41.08 50.38 -42.57
C ALA A 432 -40.58 51.55 -41.74
N PHE A 433 -40.35 51.32 -40.45
CA PHE A 433 -39.90 52.40 -39.56
C PHE A 433 -38.99 51.85 -38.49
N SER A 434 -38.14 52.71 -37.95
CA SER A 434 -37.23 52.34 -36.88
C SER A 434 -37.08 53.48 -35.88
N ILE A 435 -37.22 53.14 -34.59
CA ILE A 435 -37.09 54.12 -33.51
C ILE A 435 -36.15 53.52 -32.48
N VAL A 436 -34.98 54.13 -32.35
CA VAL A 436 -33.99 53.66 -31.39
C VAL A 436 -33.70 54.78 -30.42
N ASN A 437 -33.79 54.47 -29.13
CA ASN A 437 -33.53 55.46 -28.09
C ASN A 437 -32.41 55.00 -27.17
N ASN A 438 -31.40 55.83 -27.05
CA ASN A 438 -30.27 55.54 -26.18
C ASN A 438 -30.02 56.79 -25.32
N GLY A 439 -29.73 56.57 -24.05
CA GLY A 439 -29.42 57.71 -23.21
C GLY A 439 -30.49 58.31 -22.32
N HIS A 440 -31.75 57.97 -22.52
CA HIS A 440 -32.80 58.51 -21.67
C HIS A 440 -32.51 57.96 -20.27
N SER A 441 -32.86 58.69 -19.22
CA SER A 441 -32.55 58.21 -17.88
C SER A 441 -33.73 57.69 -17.07
N GLY A 442 -34.93 57.76 -17.63
CA GLY A 442 -36.09 57.25 -16.92
C GLY A 442 -36.52 55.94 -17.53
N PRO A 443 -37.82 55.63 -17.50
CA PRO A 443 -38.34 54.38 -18.08
C PRO A 443 -38.29 54.41 -19.61
N ALA A 444 -38.46 53.25 -20.22
CA ALA A 444 -38.47 53.13 -21.68
C ALA A 444 -39.53 54.11 -22.17
N PRO A 445 -39.19 54.93 -23.20
CA PRO A 445 -40.14 55.91 -23.75
C PRO A 445 -41.21 55.29 -24.65
N LEU A 446 -41.95 54.33 -24.10
CA LEU A 446 -42.99 53.65 -24.85
C LEU A 446 -44.03 54.59 -25.45
N ALA A 447 -44.54 55.51 -24.64
CA ALA A 447 -45.56 56.44 -25.11
C ALA A 447 -45.08 57.22 -26.33
N VAL A 448 -43.80 57.60 -26.31
CA VAL A 448 -43.21 58.33 -27.42
C VAL A 448 -43.27 57.41 -28.64
N GLN A 449 -42.85 56.17 -28.46
CA GLN A 449 -42.85 55.20 -29.54
C GLN A 449 -44.28 54.98 -30.00
N ASP A 450 -45.10 54.40 -29.12
CA ASP A 450 -46.50 54.15 -29.43
C ASP A 450 -47.11 55.32 -30.18
N ALA A 451 -46.85 56.53 -29.69
CA ALA A 451 -47.40 57.73 -30.32
C ALA A 451 -47.04 57.82 -31.80
N ILE A 452 -45.76 57.67 -32.12
CA ILE A 452 -45.31 57.72 -33.50
C ILE A 452 -45.90 56.55 -34.28
N ALA A 453 -45.88 55.36 -33.69
CA ALA A 453 -46.43 54.18 -34.36
C ALA A 453 -47.89 54.40 -34.72
N VAL A 454 -48.71 54.70 -33.71
CA VAL A 454 -50.14 54.95 -33.89
C VAL A 454 -50.42 56.09 -34.88
N ARG A 455 -49.49 57.03 -34.98
CA ARG A 455 -49.66 58.13 -35.92
C ARG A 455 -49.38 57.62 -37.33
N LEU A 456 -48.42 56.70 -37.43
CA LEU A 456 -48.07 56.12 -38.72
C LEU A 456 -49.21 55.20 -39.15
N ALA A 457 -49.79 54.49 -38.19
CA ALA A 457 -50.90 53.60 -38.48
C ALA A 457 -51.99 54.41 -39.18
N GLU A 458 -52.16 55.65 -38.73
CA GLU A 458 -53.17 56.54 -39.30
C GLU A 458 -52.70 57.04 -40.66
N TYR A 459 -51.46 57.52 -40.72
CA TYR A 459 -50.92 58.04 -41.97
C TYR A 459 -51.08 56.99 -43.06
N ALA A 460 -51.03 55.72 -42.67
CA ALA A 460 -51.17 54.62 -43.60
C ALA A 460 -52.63 54.36 -43.97
N GLY A 461 -53.54 55.13 -43.37
CA GLY A 461 -54.95 54.97 -43.68
C GLY A 461 -55.78 54.13 -42.73
N HIS A 462 -55.38 54.03 -41.46
CA HIS A 462 -56.14 53.25 -40.49
C HIS A 462 -56.89 54.17 -39.54
N GLN A 463 -57.89 53.62 -38.85
CA GLN A 463 -58.68 54.39 -37.91
C GLN A 463 -58.73 53.66 -36.56
N ALA A 464 -58.85 54.43 -35.48
CA ALA A 464 -58.95 53.86 -34.14
C ALA A 464 -60.35 53.28 -33.96
N PRO A 465 -60.45 52.15 -33.26
CA PRO A 465 -61.77 51.53 -33.04
C PRO A 465 -62.68 52.29 -32.07
N GLU A 466 -63.99 52.26 -32.36
CA GLU A 466 -65.01 52.93 -31.55
C GLU A 466 -65.94 51.88 -30.91
N GLY A 467 -66.41 50.98 -31.62
N ARG B 1 16.78 -22.25 -5.45
CA ARG B 1 16.36 -20.88 -5.00
C ARG B 1 15.73 -20.11 -6.15
N LEU B 2 15.07 -19.01 -5.80
CA LEU B 2 14.41 -18.17 -6.79
C LEU B 2 15.41 -17.24 -7.48
N THR B 3 16.19 -16.51 -6.68
CA THR B 3 17.18 -15.58 -7.24
C THR B 3 18.08 -16.27 -8.25
N GLU B 4 18.07 -17.60 -8.22
CA GLU B 4 18.89 -18.39 -9.13
C GLU B 4 18.17 -18.49 -10.48
N LEU B 5 16.89 -18.81 -10.43
CA LEU B 5 16.08 -18.94 -11.64
C LEU B 5 16.08 -17.64 -12.44
N ARG B 6 16.02 -16.51 -11.75
CA ARG B 6 16.00 -15.21 -12.40
C ARG B 6 17.22 -14.91 -13.27
N GLU B 7 18.42 -15.06 -12.70
CA GLU B 7 19.62 -14.79 -13.46
C GLU B 7 19.76 -15.75 -14.65
N ASP B 8 19.00 -16.85 -14.61
CA ASP B 8 19.02 -17.82 -15.70
C ASP B 8 18.19 -17.33 -16.88
N ILE B 9 16.98 -16.89 -16.59
CA ILE B 9 16.10 -16.37 -17.63
C ILE B 9 16.80 -15.09 -18.12
N ASP B 10 17.38 -14.36 -17.18
CA ASP B 10 18.12 -13.12 -17.47
C ASP B 10 19.16 -13.34 -18.55
N ALA B 11 19.77 -14.52 -18.53
CA ALA B 11 20.83 -14.89 -19.46
C ALA B 11 20.33 -15.43 -20.81
N ILE B 12 19.29 -16.27 -20.77
CA ILE B 12 18.75 -16.82 -22.01
C ILE B 12 18.26 -15.67 -22.86
N LEU B 13 17.77 -14.62 -22.21
CA LEU B 13 17.27 -13.45 -22.92
C LEU B 13 18.36 -12.63 -23.58
N GLU B 14 19.62 -13.04 -23.40
CA GLU B 14 20.75 -12.33 -24.00
C GLU B 14 21.11 -12.96 -25.33
N ASP B 15 20.32 -13.95 -25.76
CA ASP B 15 20.55 -14.62 -27.02
C ASP B 15 20.55 -13.57 -28.12
N PRO B 16 21.55 -13.60 -29.01
CA PRO B 16 21.62 -12.61 -30.09
C PRO B 16 20.33 -12.43 -30.89
N ALA B 17 19.52 -13.48 -30.96
CA ALA B 17 18.25 -13.43 -31.68
C ALA B 17 17.29 -12.34 -31.17
N LEU B 18 17.44 -11.99 -29.89
CA LEU B 18 16.58 -10.99 -29.26
C LEU B 18 17.21 -9.59 -29.22
N GLU B 19 18.39 -9.45 -29.79
CA GLU B 19 19.07 -8.17 -29.80
C GLU B 19 18.24 -7.08 -30.48
N GLY B 20 18.11 -5.95 -29.79
CA GLY B 20 17.35 -4.83 -30.33
C GLY B 20 15.84 -5.01 -30.25
N ALA B 21 15.41 -6.14 -29.71
CA ALA B 21 13.99 -6.44 -29.58
C ALA B 21 13.46 -6.14 -28.18
N VAL B 22 12.14 -6.23 -28.01
CA VAL B 22 11.49 -6.00 -26.72
C VAL B 22 10.72 -7.28 -26.37
N SER B 23 11.14 -7.95 -25.30
CA SER B 23 10.49 -9.17 -24.86
C SER B 23 9.77 -8.99 -23.55
N GLY B 24 8.56 -9.53 -23.47
CA GLY B 24 7.78 -9.45 -22.25
C GLY B 24 7.73 -10.86 -21.70
N VAL B 25 8.28 -11.05 -20.50
CA VAL B 25 8.29 -12.36 -19.87
C VAL B 25 7.79 -12.21 -18.44
N VAL B 26 6.77 -12.98 -18.11
CA VAL B 26 6.18 -12.93 -16.78
C VAL B 26 5.76 -14.34 -16.34
N VAL B 27 6.47 -14.86 -15.33
CA VAL B 27 6.19 -16.20 -14.78
C VAL B 27 5.49 -16.05 -13.44
N VAL B 28 4.47 -16.87 -13.21
CA VAL B 28 3.71 -16.81 -11.97
C VAL B 28 3.34 -18.17 -11.43
N ASP B 29 3.35 -18.26 -10.11
CA ASP B 29 3.00 -19.47 -9.39
C ASP B 29 1.52 -19.37 -9.06
N THR B 30 0.68 -20.00 -9.88
CA THR B 30 -0.76 -19.97 -9.67
C THR B 30 -1.15 -20.27 -8.23
N ALA B 31 -0.49 -21.24 -7.62
CA ALA B 31 -0.79 -21.64 -6.24
C ALA B 31 -0.50 -20.54 -5.21
N THR B 32 0.78 -20.27 -4.97
CA THR B 32 1.19 -19.25 -4.01
C THR B 32 1.07 -17.84 -4.59
N GLY B 33 0.59 -17.75 -5.82
CA GLY B 33 0.44 -16.48 -6.49
C GLY B 33 1.73 -15.67 -6.64
N GLU B 34 2.86 -16.30 -6.34
CA GLU B 34 4.16 -15.62 -6.42
C GLU B 34 4.61 -15.22 -7.82
N GLU B 35 5.22 -14.05 -7.90
CA GLU B 35 5.73 -13.51 -9.16
C GLU B 35 7.20 -13.90 -9.29
N LEU B 36 7.45 -15.04 -9.91
CA LEU B 36 8.81 -15.54 -10.09
C LEU B 36 9.65 -14.65 -10.99
N TYR B 37 9.20 -14.43 -12.22
CA TYR B 37 9.96 -13.59 -13.14
C TYR B 37 9.06 -12.55 -13.81
N SER B 38 9.59 -11.34 -14.02
CA SER B 38 8.82 -10.28 -14.66
C SER B 38 9.68 -9.19 -15.32
N ARG B 39 9.64 -9.13 -16.66
CA ARG B 39 10.38 -8.13 -17.41
C ARG B 39 9.49 -7.50 -18.49
N ASP B 40 9.20 -6.21 -18.33
CA ASP B 40 8.35 -5.46 -19.26
C ASP B 40 6.98 -6.11 -19.37
N GLY B 41 6.46 -6.57 -18.23
CA GLY B 41 5.16 -7.20 -18.22
C GLY B 41 4.05 -6.24 -18.55
N GLY B 42 4.30 -4.97 -18.27
CA GLY B 42 3.32 -3.93 -18.53
C GLY B 42 3.45 -3.25 -19.88
N GLU B 43 4.29 -3.81 -20.75
CA GLU B 43 4.45 -3.22 -22.08
C GLU B 43 3.44 -3.84 -23.04
N GLN B 44 2.91 -3.03 -23.94
CA GLN B 44 1.93 -3.51 -24.92
C GLN B 44 2.66 -3.97 -26.17
N LEU B 45 2.40 -5.20 -26.58
CA LEU B 45 3.06 -5.79 -27.74
C LEU B 45 2.08 -6.60 -28.57
N LEU B 46 2.49 -6.99 -29.78
CA LEU B 46 1.62 -7.80 -30.62
C LEU B 46 1.73 -9.21 -30.07
N PRO B 47 0.59 -9.90 -29.90
CA PRO B 47 0.64 -11.27 -29.36
C PRO B 47 0.57 -12.29 -30.48
N ALA B 48 0.24 -11.80 -31.66
CA ALA B 48 0.05 -12.64 -32.82
C ALA B 48 -1.01 -13.65 -32.40
N SER B 49 -0.81 -14.93 -32.70
CA SER B 49 -1.80 -15.95 -32.36
C SER B 49 -2.12 -16.17 -30.89
N ASN B 50 -1.28 -15.65 -30.00
CA ASN B 50 -1.52 -15.80 -28.55
C ASN B 50 -2.85 -15.13 -28.23
N MET B 51 -3.27 -14.22 -29.11
CA MET B 51 -4.53 -13.53 -28.97
C MET B 51 -5.70 -14.52 -28.87
N LYS B 52 -5.53 -15.71 -29.45
CA LYS B 52 -6.56 -16.74 -29.43
C LYS B 52 -6.91 -17.20 -28.02
N LEU B 53 -6.01 -16.99 -27.08
CA LEU B 53 -6.28 -17.39 -25.70
C LEU B 53 -7.43 -16.54 -25.15
N PHE B 54 -7.46 -15.27 -25.52
CA PHE B 54 -8.52 -14.36 -25.07
C PHE B 54 -9.80 -14.70 -25.83
N THR B 55 -9.65 -15.31 -26.99
CA THR B 55 -10.79 -15.67 -27.80
C THR B 55 -11.39 -16.97 -27.28
N ALA B 56 -10.52 -17.92 -26.93
CA ALA B 56 -10.98 -19.20 -26.43
C ALA B 56 -11.72 -18.98 -25.11
N ALA B 57 -11.21 -18.06 -24.29
CA ALA B 57 -11.81 -17.76 -23.01
C ALA B 57 -13.23 -17.19 -23.19
N ALA B 58 -13.34 -16.17 -24.03
CA ALA B 58 -14.63 -15.55 -24.30
C ALA B 58 -15.60 -16.57 -24.88
N ALA B 59 -15.09 -17.47 -25.71
CA ALA B 59 -15.92 -18.50 -26.32
C ALA B 59 -16.60 -19.34 -25.25
N LEU B 60 -15.79 -19.95 -24.39
CA LEU B 60 -16.29 -20.79 -23.32
C LEU B 60 -17.22 -20.00 -22.40
N GLU B 61 -16.73 -18.88 -21.90
CA GLU B 61 -17.51 -18.05 -20.99
C GLU B 61 -18.84 -17.58 -21.58
N VAL B 62 -18.87 -17.29 -22.88
CA VAL B 62 -20.09 -16.81 -23.54
C VAL B 62 -20.98 -17.90 -24.12
N LEU B 63 -20.36 -18.92 -24.72
CA LEU B 63 -21.09 -20.01 -25.36
C LEU B 63 -21.11 -21.29 -24.52
N GLY B 64 -20.05 -21.55 -23.79
CA GLY B 64 -19.99 -22.74 -22.97
C GLY B 64 -19.39 -23.95 -23.67
N ALA B 65 -18.79 -24.82 -22.88
CA ALA B 65 -18.15 -26.02 -23.40
C ALA B 65 -19.09 -26.95 -24.15
N ASP B 66 -20.38 -26.86 -23.87
CA ASP B 66 -21.34 -27.75 -24.51
C ASP B 66 -21.96 -27.17 -25.78
N HIS B 67 -21.79 -25.87 -25.99
CA HIS B 67 -22.36 -25.21 -27.17
C HIS B 67 -22.00 -25.98 -28.43
N SER B 68 -22.94 -26.03 -29.37
CA SER B 68 -22.74 -26.72 -30.65
C SER B 68 -23.26 -25.77 -31.70
N PHE B 69 -22.88 -25.99 -32.95
CA PHE B 69 -23.31 -25.12 -34.04
C PHE B 69 -24.17 -25.86 -35.04
N GLY B 70 -25.16 -25.16 -35.62
CA GLY B 70 -26.05 -25.80 -36.58
C GLY B 70 -26.08 -25.22 -37.98
N THR B 71 -26.56 -26.04 -38.91
CA THR B 71 -26.68 -25.68 -40.31
C THR B 71 -28.03 -26.24 -40.78
N GLU B 72 -28.81 -25.44 -41.51
CA GLU B 72 -30.11 -25.88 -41.98
C GLU B 72 -30.39 -25.64 -43.46
N VAL B 73 -31.36 -26.37 -43.98
CA VAL B 73 -31.81 -26.25 -45.37
C VAL B 73 -33.27 -25.91 -45.23
N ALA B 74 -33.82 -25.12 -46.15
CA ALA B 74 -35.21 -24.73 -46.01
C ALA B 74 -35.89 -24.11 -47.24
N ALA B 75 -37.18 -24.40 -47.35
CA ALA B 75 -38.03 -23.89 -48.42
C ALA B 75 -39.12 -23.14 -47.70
N GLU B 76 -39.89 -22.36 -48.45
CA GLU B 76 -40.96 -21.58 -47.84
C GLU B 76 -41.91 -22.46 -47.06
N SER B 77 -42.15 -23.67 -47.57
CA SER B 77 -43.02 -24.64 -46.94
C SER B 77 -42.65 -26.03 -47.42
N ALA B 78 -43.34 -27.04 -46.91
CA ALA B 78 -43.06 -28.42 -47.32
C ALA B 78 -43.24 -28.56 -48.83
N PRO B 79 -42.58 -29.57 -49.44
CA PRO B 79 -42.69 -29.78 -50.88
C PRO B 79 -44.09 -30.13 -51.39
N GLY B 80 -44.45 -29.60 -52.55
CA GLY B 80 -45.76 -29.84 -53.14
C GLY B 80 -46.06 -31.26 -53.62
N ARG B 81 -47.20 -31.41 -54.30
CA ARG B 81 -47.64 -32.72 -54.81
C ARG B 81 -46.55 -33.47 -55.58
N ARG B 82 -45.97 -32.81 -56.57
CA ARG B 82 -44.91 -33.41 -57.37
C ARG B 82 -43.59 -33.52 -56.61
N GLY B 83 -43.61 -33.15 -55.33
CA GLY B 83 -42.40 -33.21 -54.52
C GLY B 83 -41.46 -32.09 -54.91
N GLU B 84 -42.03 -30.92 -55.19
CA GLU B 84 -41.26 -29.76 -55.62
C GLU B 84 -41.35 -28.57 -54.67
N VAL B 85 -40.26 -27.80 -54.61
CA VAL B 85 -40.20 -26.59 -53.80
C VAL B 85 -39.82 -25.52 -54.82
N GLN B 86 -39.97 -24.25 -54.45
CA GLN B 86 -39.61 -23.18 -55.37
C GLN B 86 -38.12 -22.88 -55.13
N ASP B 87 -37.83 -21.99 -54.19
CA ASP B 87 -36.45 -21.66 -53.87
C ASP B 87 -35.98 -22.44 -52.65
N LEU B 88 -34.69 -22.73 -52.60
CA LEU B 88 -34.11 -23.46 -51.49
C LEU B 88 -33.03 -22.62 -50.84
N TYR B 89 -32.86 -22.79 -49.54
CA TYR B 89 -31.85 -22.02 -48.82
C TYR B 89 -30.93 -22.88 -47.95
N LEU B 90 -29.64 -22.84 -48.28
CA LEU B 90 -28.64 -23.54 -47.49
C LEU B 90 -28.24 -22.47 -46.50
N VAL B 91 -28.65 -22.65 -45.24
CA VAL B 91 -28.41 -21.68 -44.18
C VAL B 91 -27.34 -22.11 -43.19
N GLY B 92 -26.23 -21.38 -43.18
CA GLY B 92 -25.16 -21.69 -42.25
C GLY B 92 -25.18 -20.73 -41.08
N ARG B 93 -24.94 -21.24 -39.87
CA ARG B 93 -24.95 -20.39 -38.69
C ARG B 93 -23.69 -20.44 -37.86
N GLY B 94 -22.54 -20.34 -38.53
CA GLY B 94 -21.27 -20.31 -37.83
C GLY B 94 -20.59 -21.60 -37.43
N ASP B 95 -20.87 -22.68 -38.15
CA ASP B 95 -20.21 -23.94 -37.83
C ASP B 95 -18.85 -23.85 -38.52
N PRO B 96 -17.76 -24.06 -37.77
CA PRO B 96 -16.39 -24.00 -38.31
C PRO B 96 -15.90 -25.38 -38.71
N THR B 97 -16.80 -26.36 -38.71
CA THR B 97 -16.44 -27.72 -39.06
C THR B 97 -17.44 -28.36 -40.00
N LEU B 98 -18.11 -27.54 -40.81
CA LEU B 98 -19.08 -28.05 -41.78
C LEU B 98 -18.32 -28.65 -42.94
N SER B 99 -18.33 -29.99 -43.02
CA SER B 99 -17.64 -30.71 -44.08
C SER B 99 -18.55 -30.99 -45.26
N ALA B 100 -17.95 -31.33 -46.40
CA ALA B 100 -18.72 -31.65 -47.60
C ALA B 100 -19.43 -32.99 -47.34
N GLU B 101 -18.96 -33.68 -46.31
CA GLU B 101 -19.55 -34.96 -45.89
C GLU B 101 -20.87 -34.60 -45.22
N ASP B 102 -20.86 -33.51 -44.47
CA ASP B 102 -22.07 -33.04 -43.80
C ASP B 102 -23.07 -32.50 -44.81
N LEU B 103 -22.57 -31.87 -45.89
CA LEU B 103 -23.43 -31.31 -46.93
C LEU B 103 -24.14 -32.44 -47.66
N ASP B 104 -23.47 -33.58 -47.73
CA ASP B 104 -24.02 -34.76 -48.39
C ASP B 104 -25.17 -35.32 -47.55
N ALA B 105 -24.95 -35.48 -46.25
CA ALA B 105 -25.97 -35.99 -45.36
C ALA B 105 -27.22 -35.12 -45.42
N MET B 106 -27.03 -33.81 -45.56
CA MET B 106 -28.17 -32.92 -45.63
C MET B 106 -28.87 -32.99 -46.99
N ALA B 107 -28.10 -33.26 -48.04
CA ALA B 107 -28.66 -33.36 -49.38
C ALA B 107 -29.58 -34.59 -49.44
N ALA B 108 -29.17 -35.64 -48.75
CA ALA B 108 -29.93 -36.88 -48.71
C ALA B 108 -31.24 -36.65 -47.98
N GLU B 109 -31.15 -36.02 -46.81
CA GLU B 109 -32.34 -35.73 -46.02
C GLU B 109 -33.31 -34.85 -46.80
N VAL B 110 -32.80 -34.00 -47.68
CA VAL B 110 -33.69 -33.16 -48.46
C VAL B 110 -34.54 -34.08 -49.36
N ALA B 111 -33.88 -35.05 -49.97
CA ALA B 111 -34.56 -36.01 -50.83
C ALA B 111 -35.55 -36.83 -50.02
N ALA B 112 -35.13 -37.24 -48.83
CA ALA B 112 -35.97 -38.02 -47.93
C ALA B 112 -37.18 -37.22 -47.47
N SER B 113 -36.97 -35.94 -47.19
CA SER B 113 -38.05 -35.08 -46.74
C SER B 113 -39.16 -34.96 -47.78
N GLY B 114 -38.86 -35.43 -48.99
CA GLY B 114 -39.84 -35.40 -50.05
C GLY B 114 -39.55 -34.45 -51.19
N VAL B 115 -38.29 -34.07 -51.36
CA VAL B 115 -37.91 -33.16 -52.45
C VAL B 115 -37.27 -33.91 -53.60
N ARG B 116 -37.79 -33.67 -54.80
CA ARG B 116 -37.28 -34.30 -56.02
C ARG B 116 -36.83 -33.19 -56.96
N THR B 117 -37.47 -32.04 -56.86
CA THR B 117 -37.13 -30.92 -57.72
C THR B 117 -37.17 -29.57 -57.02
N VAL B 118 -36.18 -28.75 -57.32
CA VAL B 118 -36.11 -27.39 -56.79
C VAL B 118 -36.31 -26.59 -58.08
N ARG B 119 -37.51 -26.05 -58.28
CA ARG B 119 -37.80 -25.30 -59.50
C ARG B 119 -37.08 -23.95 -59.54
N GLY B 120 -36.98 -23.31 -58.39
CA GLY B 120 -36.33 -22.02 -58.32
C GLY B 120 -34.82 -22.10 -58.23
N ASP B 121 -34.26 -21.25 -57.37
CA ASP B 121 -32.81 -21.20 -57.19
C ASP B 121 -32.39 -21.70 -55.82
N LEU B 122 -31.13 -22.08 -55.72
CA LEU B 122 -30.56 -22.57 -54.49
C LEU B 122 -29.75 -21.39 -53.95
N TYR B 123 -30.06 -20.95 -52.74
CA TYR B 123 -29.35 -19.82 -52.13
C TYR B 123 -28.47 -20.20 -50.97
N ALA B 124 -27.36 -19.47 -50.85
CA ALA B 124 -26.41 -19.67 -49.76
C ALA B 124 -26.67 -18.57 -48.74
N ASP B 125 -27.18 -18.95 -47.56
CA ASP B 125 -27.51 -17.97 -46.52
C ASP B 125 -26.48 -17.91 -45.40
N ASP B 126 -25.59 -16.93 -45.45
CA ASP B 126 -24.60 -16.77 -44.40
C ASP B 126 -24.88 -15.51 -43.58
N THR B 127 -26.13 -15.03 -43.65
CA THR B 127 -26.52 -13.81 -42.93
C THR B 127 -26.45 -13.86 -41.42
N TRP B 128 -26.14 -15.02 -40.86
CA TRP B 128 -26.00 -15.13 -39.41
C TRP B 128 -24.85 -14.16 -39.03
N PHE B 129 -23.93 -13.98 -39.97
CA PHE B 129 -22.81 -13.06 -39.82
C PHE B 129 -22.97 -12.02 -40.95
N ASP B 130 -22.21 -10.93 -40.87
CA ASP B 130 -22.27 -9.92 -41.91
C ASP B 130 -21.36 -10.37 -43.06
N SER B 131 -21.40 -9.64 -44.16
CA SER B 131 -20.61 -9.96 -45.33
C SER B 131 -19.18 -9.43 -45.34
N GLU B 132 -18.67 -8.99 -44.18
CA GLU B 132 -17.30 -8.48 -44.12
C GLU B 132 -16.38 -9.68 -43.96
N ARG B 133 -15.75 -10.05 -45.07
CA ARG B 133 -14.88 -11.21 -45.18
C ARG B 133 -13.52 -11.13 -44.52
N LEU B 134 -12.91 -9.96 -44.53
CA LEU B 134 -11.58 -9.82 -43.95
C LEU B 134 -11.48 -8.64 -43.01
N VAL B 135 -10.50 -8.69 -42.12
CA VAL B 135 -10.31 -7.60 -41.21
C VAL B 135 -9.59 -6.47 -41.96
N ASP B 136 -10.06 -5.26 -41.70
CA ASP B 136 -9.53 -4.06 -42.33
C ASP B 136 -8.02 -4.01 -42.51
N ASP B 137 -7.26 -4.27 -41.46
CA ASP B 137 -5.81 -4.18 -41.58
C ASP B 137 -5.01 -5.46 -41.86
N TRP B 138 -5.67 -6.49 -42.37
CA TRP B 138 -4.97 -7.72 -42.76
C TRP B 138 -4.37 -7.36 -44.11
N TRP B 139 -3.34 -8.06 -44.53
CA TRP B 139 -2.73 -7.76 -45.81
C TRP B 139 -3.36 -8.49 -47.00
N PRO B 140 -3.73 -7.74 -48.04
CA PRO B 140 -4.35 -8.38 -49.21
C PRO B 140 -3.39 -9.46 -49.79
N GLU B 141 -2.10 -9.27 -49.56
CA GLU B 141 -1.09 -10.20 -50.02
C GLU B 141 -1.26 -11.59 -49.39
N ASP B 142 -1.86 -11.65 -48.21
CA ASP B 142 -2.06 -12.92 -47.51
C ASP B 142 -3.32 -13.70 -47.91
N GLU B 143 -4.27 -13.02 -48.55
CA GLU B 143 -5.55 -13.62 -48.95
C GLU B 143 -5.62 -14.97 -49.64
N PRO B 144 -4.65 -15.29 -50.52
CA PRO B 144 -4.66 -16.57 -51.23
C PRO B 144 -4.42 -17.77 -50.31
N TYR B 145 -3.99 -17.49 -49.09
CA TYR B 145 -3.65 -18.57 -48.16
C TYR B 145 -4.64 -18.88 -47.06
N ALA B 146 -4.69 -20.17 -46.74
CA ALA B 146 -5.56 -20.73 -45.73
C ALA B 146 -5.64 -19.91 -44.43
N TYR B 147 -4.50 -19.42 -43.94
CA TYR B 147 -4.52 -18.66 -42.70
C TYR B 147 -5.23 -17.32 -42.83
N SER B 148 -5.72 -17.02 -44.01
CA SER B 148 -6.41 -15.75 -44.25
C SER B 148 -7.70 -15.93 -45.05
N ALA B 149 -8.31 -17.10 -44.97
CA ALA B 149 -9.54 -17.38 -45.70
C ALA B 149 -10.62 -16.38 -45.30
N GLN B 150 -11.57 -16.14 -46.20
CA GLN B 150 -12.66 -15.22 -45.89
C GLN B 150 -13.52 -15.82 -44.80
N ILE B 151 -14.07 -14.97 -43.94
CA ILE B 151 -14.91 -15.39 -42.83
C ILE B 151 -16.39 -15.31 -43.22
N SER B 152 -17.11 -16.43 -43.05
CA SER B 152 -18.52 -16.48 -43.40
C SER B 152 -19.25 -17.36 -42.42
N ALA B 153 -20.54 -17.10 -42.23
CA ALA B 153 -21.37 -17.89 -41.33
C ALA B 153 -21.54 -19.28 -41.95
N LEU B 154 -21.44 -19.32 -43.28
CA LEU B 154 -21.57 -20.56 -44.03
C LEU B 154 -20.26 -20.84 -44.77
N THR B 155 -19.46 -21.74 -44.21
CA THR B 155 -18.19 -22.09 -44.82
C THR B 155 -17.97 -23.59 -44.73
N VAL B 156 -17.32 -24.13 -45.76
CA VAL B 156 -17.02 -25.56 -45.79
C VAL B 156 -15.60 -25.70 -45.29
N ALA B 157 -15.42 -26.58 -44.31
CA ALA B 157 -14.12 -26.85 -43.72
C ALA B 157 -13.47 -28.05 -44.38
N HIS B 158 -12.15 -27.98 -44.56
CA HIS B 158 -11.38 -29.06 -45.21
C HIS B 158 -10.57 -29.88 -44.21
N GLY B 159 -10.60 -31.20 -44.42
CA GLY B 159 -9.87 -32.12 -43.57
C GLY B 159 -10.31 -32.20 -42.12
N GLU B 160 -9.61 -33.00 -41.34
CA GLU B 160 -9.93 -33.15 -39.91
C GLU B 160 -9.36 -32.03 -39.07
N ARG B 161 -8.64 -31.10 -39.71
CA ARG B 161 -8.08 -29.95 -39.02
C ARG B 161 -9.09 -28.83 -39.17
N PHE B 162 -9.99 -29.01 -40.13
CA PHE B 162 -11.07 -28.06 -40.39
C PHE B 162 -10.64 -26.68 -40.87
N ASP B 163 -9.83 -26.64 -41.93
CA ASP B 163 -9.41 -25.37 -42.48
C ASP B 163 -10.61 -24.95 -43.32
N THR B 164 -11.14 -23.76 -43.07
CA THR B 164 -12.32 -23.30 -43.79
C THR B 164 -12.00 -22.39 -44.98
N GLY B 165 -13.00 -22.20 -45.83
CA GLY B 165 -12.89 -21.34 -46.99
C GLY B 165 -11.77 -21.63 -47.97
N VAL B 166 -11.37 -22.90 -48.03
CA VAL B 166 -10.30 -23.29 -48.95
C VAL B 166 -10.72 -24.43 -49.88
N THR B 167 -9.82 -24.72 -50.83
CA THR B 167 -10.00 -25.78 -51.82
C THR B 167 -8.61 -26.40 -52.03
N GLU B 168 -8.54 -27.71 -52.22
CA GLU B 168 -7.26 -28.37 -52.43
C GLU B 168 -6.88 -28.34 -53.89
N VAL B 169 -5.82 -27.61 -54.21
CA VAL B 169 -5.31 -27.49 -55.57
C VAL B 169 -4.21 -28.52 -55.73
N SER B 170 -4.23 -29.24 -56.84
CA SER B 170 -3.21 -30.24 -57.07
C SER B 170 -2.67 -30.07 -58.47
N VAL B 171 -1.36 -30.13 -58.59
CA VAL B 171 -0.67 -29.95 -59.86
C VAL B 171 0.22 -31.14 -60.06
N THR B 172 0.14 -31.76 -61.22
CA THR B 172 0.95 -32.92 -61.49
C THR B 172 1.72 -32.66 -62.77
N PRO B 173 2.87 -33.32 -62.93
CA PRO B 173 3.64 -33.08 -64.16
C PRO B 173 3.20 -33.96 -65.34
N ALA B 174 3.34 -33.43 -66.55
CA ALA B 174 3.05 -34.15 -67.78
C ALA B 174 4.41 -34.37 -68.42
N ALA B 175 4.54 -34.14 -69.72
CA ALA B 175 5.85 -34.31 -70.35
C ALA B 175 6.63 -33.01 -70.30
N GLU B 176 7.95 -33.11 -70.40
CA GLU B 176 8.79 -31.93 -70.37
C GLU B 176 8.37 -30.92 -71.44
N GLY B 177 8.08 -29.69 -71.02
CA GLY B 177 7.68 -28.66 -71.96
C GLY B 177 6.18 -28.56 -72.07
N GLU B 178 5.51 -29.62 -71.68
CA GLU B 178 4.06 -29.70 -71.72
C GLU B 178 3.51 -28.98 -70.49
N PRO B 179 2.34 -28.32 -70.63
CA PRO B 179 1.80 -27.64 -69.46
C PRO B 179 1.45 -28.63 -68.36
N ALA B 180 1.55 -28.19 -67.11
CA ALA B 180 1.22 -29.06 -65.99
C ALA B 180 -0.30 -29.20 -65.88
N ASP B 181 -0.75 -30.32 -65.31
CA ASP B 181 -2.18 -30.54 -65.13
C ASP B 181 -2.57 -30.08 -63.74
N VAL B 182 -3.66 -29.34 -63.68
CA VAL B 182 -4.12 -28.79 -62.42
C VAL B 182 -5.57 -29.17 -62.12
N ASP B 183 -5.84 -29.42 -60.85
CA ASP B 183 -7.17 -29.76 -60.41
C ASP B 183 -7.47 -28.82 -59.26
N LEU B 184 -8.56 -28.07 -59.36
CA LEU B 184 -8.91 -27.12 -58.33
C LEU B 184 -9.66 -27.76 -57.17
N GLY B 185 -9.66 -29.09 -57.10
CA GLY B 185 -10.35 -29.78 -56.03
C GLY B 185 -11.82 -29.41 -55.91
N ALA B 186 -12.26 -29.11 -54.70
CA ALA B 186 -13.66 -28.74 -54.44
C ALA B 186 -14.15 -27.54 -55.24
N ALA B 187 -13.25 -26.63 -55.58
CA ALA B 187 -13.64 -25.43 -56.32
C ALA B 187 -13.78 -25.66 -57.82
N GLU B 188 -13.72 -26.93 -58.23
CA GLU B 188 -13.86 -27.26 -59.64
C GLU B 188 -15.23 -26.81 -60.12
N GLY B 189 -15.23 -26.05 -61.22
CA GLY B 189 -16.49 -25.56 -61.76
C GLY B 189 -17.04 -24.39 -60.95
N TYR B 190 -16.24 -23.87 -60.05
CA TYR B 190 -16.66 -22.74 -59.23
C TYR B 190 -15.70 -21.58 -59.43
N ALA B 191 -14.41 -21.87 -59.31
CA ALA B 191 -13.39 -20.86 -59.45
C ALA B 191 -12.75 -20.99 -60.83
N GLU B 192 -12.29 -19.86 -61.35
CA GLU B 192 -11.65 -19.84 -62.66
C GLU B 192 -10.25 -20.42 -62.55
N LEU B 193 -9.73 -20.93 -63.67
CA LEU B 193 -8.39 -21.49 -63.70
C LEU B 193 -7.54 -20.79 -64.75
N ASP B 194 -6.40 -20.26 -64.29
CA ASP B 194 -5.46 -19.60 -65.17
C ASP B 194 -4.17 -20.40 -65.02
N ASN B 195 -4.00 -21.40 -65.87
CA ASN B 195 -2.84 -22.25 -65.79
C ASN B 195 -1.78 -21.92 -66.82
N ARG B 196 -0.71 -21.30 -66.34
CA ARG B 196 0.41 -20.92 -67.20
C ARG B 196 1.68 -21.62 -66.69
N ALA B 197 1.49 -22.76 -66.03
CA ALA B 197 2.60 -23.54 -65.50
C ALA B 197 3.19 -24.47 -66.56
N VAL B 198 4.44 -24.90 -66.37
CA VAL B 198 5.10 -25.78 -67.33
C VAL B 198 5.67 -27.00 -66.63
N THR B 199 5.74 -28.09 -67.36
CA THR B 199 6.34 -29.29 -66.81
C THR B 199 7.81 -29.13 -67.15
N GLY B 200 8.66 -29.07 -66.11
CA GLY B 200 10.08 -28.92 -66.35
C GLY B 200 10.79 -30.25 -66.58
N ALA B 201 12.05 -30.17 -66.98
CA ALA B 201 12.88 -31.34 -67.25
C ALA B 201 13.11 -32.07 -65.94
N ALA B 202 13.09 -33.40 -65.98
CA ALA B 202 13.31 -34.18 -64.77
C ALA B 202 14.60 -33.75 -64.06
N GLY B 203 14.57 -33.65 -62.74
CA GLY B 203 15.76 -33.26 -62.00
C GLY B 203 16.01 -31.76 -61.93
N SER B 204 15.06 -30.98 -62.42
CA SER B 204 15.17 -29.53 -62.41
C SER B 204 14.47 -28.95 -61.16
N ALA B 205 14.67 -27.66 -60.91
CA ALA B 205 14.07 -26.98 -59.75
C ALA B 205 12.56 -26.79 -59.87
N ASN B 206 11.88 -26.85 -58.74
CA ASN B 206 10.43 -26.65 -58.73
C ASN B 206 10.20 -25.18 -58.41
N THR B 207 9.73 -24.43 -59.40
CA THR B 207 9.48 -23.00 -59.22
C THR B 207 7.99 -22.71 -59.30
N LEU B 208 7.19 -23.77 -59.17
CA LEU B 208 5.74 -23.67 -59.25
C LEU B 208 5.15 -22.74 -58.20
N VAL B 209 4.21 -21.90 -58.62
CA VAL B 209 3.53 -20.97 -57.70
C VAL B 209 2.02 -21.10 -57.92
N ILE B 210 1.28 -21.21 -56.83
CA ILE B 210 -0.18 -21.34 -56.89
C ILE B 210 -0.71 -20.12 -56.17
N ASP B 211 -1.42 -19.28 -56.92
CA ASP B 211 -1.91 -18.05 -56.38
C ASP B 211 -3.37 -17.77 -56.73
N ARG B 212 -3.94 -16.81 -56.03
CA ARG B 212 -5.28 -16.33 -56.31
C ARG B 212 -5.09 -14.82 -56.36
N PRO B 213 -4.96 -14.25 -57.56
CA PRO B 213 -4.77 -12.80 -57.65
C PRO B 213 -5.82 -12.09 -56.83
N VAL B 214 -5.41 -11.01 -56.18
CA VAL B 214 -6.29 -10.21 -55.32
C VAL B 214 -7.50 -9.70 -56.08
N GLY B 215 -8.67 -9.84 -55.48
CA GLY B 215 -9.89 -9.36 -56.10
C GLY B 215 -10.55 -10.28 -57.10
N THR B 216 -10.03 -11.50 -57.25
CA THR B 216 -10.65 -12.43 -58.20
C THR B 216 -10.96 -13.73 -57.49
N ASN B 217 -11.57 -14.65 -58.24
CA ASN B 217 -11.88 -15.97 -57.72
C ASN B 217 -11.22 -16.86 -58.77
N THR B 218 -10.00 -16.46 -59.13
CA THR B 218 -9.22 -17.16 -60.12
C THR B 218 -7.94 -17.73 -59.51
N ILE B 219 -7.75 -19.03 -59.66
CA ILE B 219 -6.55 -19.67 -59.17
C ILE B 219 -5.57 -19.51 -60.31
N ALA B 220 -4.45 -18.86 -60.02
CA ALA B 220 -3.41 -18.62 -61.00
C ALA B 220 -2.24 -19.55 -60.76
N VAL B 221 -1.88 -20.34 -61.78
CA VAL B 221 -0.75 -21.27 -61.63
C VAL B 221 0.39 -20.86 -62.54
N THR B 222 1.58 -20.74 -61.97
CA THR B 222 2.74 -20.33 -62.77
C THR B 222 3.98 -21.10 -62.35
N GLY B 223 5.09 -20.90 -63.07
CA GLY B 223 6.30 -21.61 -62.72
C GLY B 223 6.46 -22.97 -63.40
N SER B 224 7.46 -23.72 -62.96
CA SER B 224 7.76 -25.01 -63.57
C SER B 224 7.88 -26.14 -62.56
N LEU B 225 7.20 -27.24 -62.86
CA LEU B 225 7.21 -28.43 -62.01
C LEU B 225 7.98 -29.55 -62.70
N PRO B 226 9.04 -30.06 -62.05
CA PRO B 226 9.89 -31.14 -62.56
C PRO B 226 9.06 -32.33 -63.05
N ALA B 227 9.41 -32.85 -64.23
CA ALA B 227 8.68 -33.97 -64.79
C ALA B 227 8.68 -35.17 -63.85
N ASP B 228 9.77 -35.34 -63.11
CA ASP B 228 9.91 -36.47 -62.19
C ASP B 228 9.40 -36.13 -60.80
N ALA B 229 8.78 -34.96 -60.67
CA ALA B 229 8.27 -34.52 -59.38
C ALA B 229 7.00 -35.24 -58.95
N ALA B 230 6.78 -35.28 -57.64
CA ALA B 230 5.59 -35.89 -57.07
C ALA B 230 4.54 -34.80 -57.16
N PRO B 231 3.25 -35.16 -57.05
CA PRO B 231 2.18 -34.16 -57.14
C PRO B 231 2.34 -33.04 -56.11
N VAL B 232 1.98 -31.82 -56.51
CA VAL B 232 2.02 -30.70 -55.59
C VAL B 232 0.59 -30.57 -55.10
N THR B 233 0.42 -30.43 -53.80
CA THR B 233 -0.91 -30.31 -53.23
C THR B 233 -0.90 -29.18 -52.23
N ALA B 234 -1.71 -28.16 -52.49
CA ALA B 234 -1.76 -27.02 -51.58
C ALA B 234 -3.18 -26.50 -51.40
N LEU B 235 -3.41 -25.89 -50.26
CA LEU B 235 -4.72 -25.34 -49.94
C LEU B 235 -4.73 -23.87 -50.30
N ARG B 236 -5.81 -23.44 -50.95
CA ARG B 236 -5.93 -22.04 -51.29
C ARG B 236 -7.35 -21.59 -50.99
N THR B 237 -7.50 -20.29 -50.75
CA THR B 237 -8.79 -19.70 -50.46
C THR B 237 -9.55 -19.36 -51.76
N VAL B 238 -10.86 -19.18 -51.64
CA VAL B 238 -11.67 -18.80 -52.78
C VAL B 238 -12.48 -17.61 -52.31
N ASP B 239 -13.10 -16.90 -53.25
CA ASP B 239 -13.91 -15.77 -52.86
C ASP B 239 -15.30 -16.28 -52.47
N GLU B 240 -15.88 -15.71 -51.42
CA GLU B 240 -17.21 -16.11 -50.96
C GLU B 240 -17.33 -17.62 -50.63
N PRO B 241 -16.86 -18.01 -49.43
CA PRO B 241 -16.92 -19.40 -48.96
C PRO B 241 -18.34 -19.93 -49.10
N ALA B 242 -19.29 -19.11 -48.67
CA ALA B 242 -20.70 -19.48 -48.74
C ALA B 242 -21.10 -20.00 -50.13
N ALA B 243 -20.70 -19.29 -51.18
CA ALA B 243 -21.05 -19.71 -52.55
C ALA B 243 -20.44 -21.05 -52.91
N LEU B 244 -19.22 -21.30 -52.44
CA LEU B 244 -18.57 -22.59 -52.72
C LEU B 244 -19.44 -23.66 -52.07
N ALA B 245 -19.89 -23.37 -50.85
CA ALA B 245 -20.76 -24.27 -50.10
C ALA B 245 -22.05 -24.56 -50.89
N GLY B 246 -22.55 -23.56 -51.61
CA GLY B 246 -23.75 -23.74 -52.39
C GLY B 246 -23.47 -24.59 -53.60
N HIS B 247 -22.33 -24.34 -54.24
CA HIS B 247 -21.90 -25.08 -55.42
C HIS B 247 -21.85 -26.56 -55.03
N LEU B 248 -21.20 -26.84 -53.91
CA LEU B 248 -21.08 -28.20 -53.40
C LEU B 248 -22.43 -28.83 -53.12
N PHE B 249 -23.25 -28.11 -52.37
CA PHE B 249 -24.57 -28.59 -52.01
C PHE B 249 -25.43 -28.87 -53.24
N GLU B 250 -25.27 -28.05 -54.28
CA GLU B 250 -26.02 -28.25 -55.50
C GLU B 250 -25.59 -29.58 -56.11
N GLU B 251 -24.29 -29.85 -56.09
CA GLU B 251 -23.78 -31.09 -56.64
C GLU B 251 -24.20 -32.26 -55.78
N ALA B 252 -24.36 -32.00 -54.49
CA ALA B 252 -24.77 -33.04 -53.55
C ALA B 252 -26.26 -33.36 -53.75
N LEU B 253 -27.02 -32.36 -54.15
CA LEU B 253 -28.46 -32.52 -54.40
C LEU B 253 -28.68 -33.26 -55.71
N GLU B 254 -27.84 -32.98 -56.70
CA GLU B 254 -27.94 -33.62 -57.99
C GLU B 254 -27.45 -35.05 -57.83
N SER B 255 -26.71 -35.28 -56.75
CA SER B 255 -26.18 -36.59 -56.49
C SER B 255 -27.24 -37.43 -55.76
N ASN B 256 -27.95 -36.81 -54.83
CA ASN B 256 -28.95 -37.52 -54.06
C ASN B 256 -30.34 -37.64 -54.69
N GLY B 257 -30.47 -37.26 -55.96
CA GLY B 257 -31.75 -37.38 -56.63
C GLY B 257 -32.61 -36.13 -56.57
N VAL B 258 -31.96 -34.98 -56.39
CA VAL B 258 -32.68 -33.72 -56.34
C VAL B 258 -32.21 -32.76 -57.43
N THR B 259 -33.13 -32.42 -58.33
CA THR B 259 -32.83 -31.52 -59.43
C THR B 259 -32.98 -30.06 -59.04
N VAL B 260 -32.02 -29.25 -59.48
CA VAL B 260 -32.04 -27.81 -59.21
C VAL B 260 -32.08 -27.18 -60.60
N LYS B 261 -33.23 -26.66 -61.00
CA LYS B 261 -33.35 -26.05 -62.33
C LYS B 261 -32.85 -24.62 -62.38
N GLY B 262 -32.84 -23.94 -61.23
CA GLY B 262 -32.39 -22.56 -61.18
C GLY B 262 -30.89 -22.39 -61.00
N ASP B 263 -30.50 -21.20 -60.55
CA ASP B 263 -29.10 -20.88 -60.34
C ASP B 263 -28.69 -21.01 -58.87
N VAL B 264 -27.39 -21.02 -58.64
CA VAL B 264 -26.83 -21.10 -57.30
C VAL B 264 -26.33 -19.69 -57.00
N GLY B 265 -26.51 -19.25 -55.76
CA GLY B 265 -26.07 -17.92 -55.40
C GLY B 265 -26.27 -17.58 -53.93
N LEU B 266 -25.98 -16.33 -53.58
CA LEU B 266 -26.12 -15.89 -52.20
C LEU B 266 -27.46 -15.18 -52.03
N GLY B 267 -27.97 -15.26 -50.81
CA GLY B 267 -29.23 -14.63 -50.49
C GLY B 267 -29.70 -15.16 -49.15
N GLY B 268 -30.34 -14.31 -48.35
CA GLY B 268 -30.82 -14.74 -47.06
C GLY B 268 -32.29 -15.09 -47.11
N VAL B 269 -32.73 -15.95 -46.19
CA VAL B 269 -34.14 -16.35 -46.16
C VAL B 269 -35.02 -15.11 -46.11
N PRO B 270 -35.97 -15.01 -47.05
CA PRO B 270 -36.94 -13.91 -47.23
C PRO B 270 -37.42 -13.14 -46.00
N ALA B 271 -37.42 -13.78 -44.83
CA ALA B 271 -37.84 -13.12 -43.60
C ALA B 271 -39.35 -12.90 -43.55
N ASP B 272 -39.95 -12.64 -44.70
CA ASP B 272 -41.39 -12.44 -44.77
C ASP B 272 -42.07 -13.82 -44.73
N TRP B 273 -41.24 -14.86 -44.63
CA TRP B 273 -41.72 -16.23 -44.54
C TRP B 273 -42.22 -16.47 -43.12
N GLN B 274 -43.53 -16.34 -42.92
CA GLN B 274 -44.15 -16.50 -41.62
C GLN B 274 -43.75 -17.81 -40.94
N ASP B 275 -43.61 -18.87 -41.73
CA ASP B 275 -43.22 -20.18 -41.19
C ASP B 275 -42.60 -21.07 -42.27
N ALA B 276 -41.27 -21.04 -42.34
CA ALA B 276 -40.53 -21.83 -43.32
C ALA B 276 -40.39 -23.28 -42.88
N GLU B 277 -40.08 -24.14 -43.84
CA GLU B 277 -39.91 -25.57 -43.55
C GLU B 277 -38.44 -25.99 -43.58
N VAL B 278 -38.01 -26.62 -42.48
CA VAL B 278 -36.63 -27.11 -42.37
C VAL B 278 -36.59 -28.56 -42.82
N LEU B 279 -36.06 -28.78 -44.02
CA LEU B 279 -35.97 -30.12 -44.59
C LEU B 279 -34.79 -30.88 -44.00
N ALA B 280 -33.61 -30.28 -44.03
CA ALA B 280 -32.44 -30.95 -43.49
C ALA B 280 -31.73 -30.05 -42.49
N ASP B 281 -30.80 -30.63 -41.75
CA ASP B 281 -30.05 -29.87 -40.77
C ASP B 281 -28.93 -30.70 -40.15
N HIS B 282 -27.80 -30.05 -39.88
CA HIS B 282 -26.67 -30.72 -39.28
C HIS B 282 -26.32 -30.00 -37.99
N THR B 283 -25.73 -30.72 -37.05
CA THR B 283 -25.34 -30.15 -35.77
C THR B 283 -23.92 -30.61 -35.45
N SER B 284 -23.00 -29.64 -35.36
CA SER B 284 -21.60 -29.93 -35.09
C SER B 284 -21.40 -30.53 -33.72
N ALA B 285 -20.15 -30.83 -33.42
CA ALA B 285 -19.79 -31.39 -32.12
C ALA B 285 -19.81 -30.24 -31.12
N GLU B 286 -19.58 -30.57 -29.85
CA GLU B 286 -19.57 -29.59 -28.77
C GLU B 286 -18.38 -28.63 -28.95
N LEU B 287 -18.44 -27.46 -28.31
CA LEU B 287 -17.32 -26.52 -28.44
C LEU B 287 -16.05 -27.14 -27.87
N SER B 288 -16.18 -27.76 -26.69
CA SER B 288 -15.08 -28.41 -26.02
C SER B 288 -14.18 -29.20 -26.96
N GLU B 289 -14.79 -30.01 -27.82
CA GLU B 289 -14.05 -30.83 -28.78
C GLU B 289 -13.45 -30.00 -29.90
N ILE B 290 -14.16 -28.95 -30.30
CA ILE B 290 -13.70 -28.09 -31.38
C ILE B 290 -12.43 -27.33 -30.98
N LEU B 291 -12.35 -26.92 -29.72
CA LEU B 291 -11.20 -26.19 -29.22
C LEU B 291 -9.89 -26.90 -29.53
N VAL B 292 -9.95 -28.20 -29.79
CA VAL B 292 -8.73 -28.94 -30.10
C VAL B 292 -8.11 -28.50 -31.43
N PRO B 293 -8.72 -28.86 -32.58
CA PRO B 293 -8.11 -28.43 -33.84
C PRO B 293 -7.93 -26.92 -33.93
N PHE B 294 -8.72 -26.19 -33.13
CA PHE B 294 -8.65 -24.73 -33.09
C PHE B 294 -7.38 -24.24 -32.42
N MET B 295 -7.18 -24.62 -31.17
CA MET B 295 -6.02 -24.19 -30.41
C MET B 295 -4.75 -24.98 -30.66
N LYS B 296 -4.88 -26.23 -31.12
CA LYS B 296 -3.70 -27.05 -31.38
C LYS B 296 -2.93 -26.57 -32.62
N PHE B 297 -3.69 -26.24 -33.67
CA PHE B 297 -3.11 -25.81 -34.95
C PHE B 297 -3.17 -24.31 -35.21
N SER B 298 -3.80 -23.59 -34.28
CA SER B 298 -3.95 -22.14 -34.36
C SER B 298 -4.74 -21.69 -35.59
N ASN B 299 -5.92 -22.28 -35.75
CA ASN B 299 -6.80 -22.00 -36.87
C ASN B 299 -7.37 -20.59 -36.80
N ASN B 300 -6.97 -19.75 -37.76
CA ASN B 300 -7.42 -18.36 -37.78
C ASN B 300 -8.91 -18.18 -38.06
N GLY B 301 -9.44 -18.98 -38.98
CA GLY B 301 -10.86 -18.88 -39.29
C GLY B 301 -11.75 -19.16 -38.09
N HIS B 302 -11.44 -20.22 -37.35
CA HIS B 302 -12.21 -20.58 -36.16
C HIS B 302 -12.27 -19.41 -35.18
N ALA B 303 -11.12 -18.81 -34.89
CA ALA B 303 -11.09 -17.70 -33.96
C ALA B 303 -12.04 -16.58 -34.38
N GLU B 304 -11.95 -16.16 -35.64
CA GLU B 304 -12.79 -15.08 -36.13
C GLU B 304 -14.27 -15.47 -36.13
N MET B 305 -14.57 -16.73 -36.42
CA MET B 305 -15.95 -17.18 -36.42
C MET B 305 -16.47 -17.22 -35.01
N LEU B 306 -15.61 -17.57 -34.07
CA LEU B 306 -16.03 -17.60 -32.68
C LEU B 306 -16.37 -16.17 -32.28
N VAL B 307 -15.46 -15.22 -32.53
CA VAL B 307 -15.72 -13.83 -32.20
C VAL B 307 -17.08 -13.37 -32.70
N LYS B 308 -17.36 -13.65 -33.98
CA LYS B 308 -18.62 -13.24 -34.60
C LYS B 308 -19.84 -13.99 -34.04
N SER B 309 -19.59 -15.16 -33.47
CA SER B 309 -20.68 -15.92 -32.88
C SER B 309 -20.97 -15.29 -31.52
N ILE B 310 -19.90 -14.99 -30.78
CA ILE B 310 -20.03 -14.36 -29.47
C ILE B 310 -20.81 -13.06 -29.65
N GLY B 311 -20.73 -12.48 -30.85
CA GLY B 311 -21.45 -11.27 -31.13
C GLY B 311 -22.93 -11.57 -31.31
N GLN B 312 -23.23 -12.75 -31.85
CA GLN B 312 -24.61 -13.16 -32.04
C GLN B 312 -25.22 -13.55 -30.71
N GLU B 313 -24.40 -14.14 -29.84
CA GLU B 313 -24.89 -14.59 -28.54
C GLU B 313 -24.99 -13.48 -27.50
N THR B 314 -24.08 -12.52 -27.54
CA THR B 314 -24.12 -11.46 -26.55
C THR B 314 -24.87 -10.23 -27.01
N ALA B 315 -25.24 -10.18 -28.29
CA ALA B 315 -25.95 -9.03 -28.83
C ALA B 315 -26.71 -9.31 -30.12
N GLY B 316 -26.83 -10.58 -30.48
CA GLY B 316 -27.55 -10.93 -31.69
C GLY B 316 -27.07 -10.21 -32.94
N ALA B 317 -25.75 -10.19 -33.13
CA ALA B 317 -25.15 -9.55 -34.29
C ALA B 317 -23.77 -10.15 -34.53
N GLY B 318 -23.62 -10.86 -35.65
CA GLY B 318 -22.35 -11.48 -35.98
C GLY B 318 -21.40 -10.53 -36.66
N THR B 319 -20.83 -9.62 -35.90
CA THR B 319 -19.90 -8.63 -36.44
C THR B 319 -18.72 -8.50 -35.49
N TRP B 320 -17.56 -8.21 -36.06
CA TRP B 320 -16.33 -8.02 -35.28
C TRP B 320 -16.54 -6.94 -34.24
N ASP B 321 -17.03 -5.77 -34.67
CA ASP B 321 -17.27 -4.66 -33.76
C ASP B 321 -18.04 -5.09 -32.52
N ALA B 322 -19.03 -5.96 -32.71
CA ALA B 322 -19.85 -6.44 -31.62
C ALA B 322 -19.20 -7.64 -30.91
N GLY B 323 -18.67 -8.56 -31.69
CA GLY B 323 -18.03 -9.73 -31.11
C GLY B 323 -16.86 -9.35 -30.22
N LEU B 324 -16.08 -8.35 -30.62
CA LEU B 324 -14.94 -7.93 -29.82
C LEU B 324 -15.38 -7.26 -28.52
N VAL B 325 -16.39 -6.40 -28.59
CA VAL B 325 -16.88 -5.74 -27.38
C VAL B 325 -17.37 -6.83 -26.42
N GLY B 326 -17.89 -7.92 -26.98
CA GLY B 326 -18.38 -9.03 -26.18
C GLY B 326 -17.22 -9.80 -25.58
N VAL B 327 -16.20 -10.07 -26.39
CA VAL B 327 -15.03 -10.79 -25.92
C VAL B 327 -14.41 -10.05 -24.74
N GLU B 328 -14.22 -8.74 -24.90
CA GLU B 328 -13.64 -7.93 -23.85
C GLU B 328 -14.50 -8.07 -22.58
N GLU B 329 -15.81 -8.03 -22.76
CA GLU B 329 -16.69 -8.16 -21.62
C GLU B 329 -16.55 -9.51 -20.91
N ALA B 330 -16.48 -10.58 -21.68
CA ALA B 330 -16.34 -11.91 -21.10
C ALA B 330 -15.02 -12.03 -20.34
N LEU B 331 -14.01 -11.29 -20.78
CA LEU B 331 -12.69 -11.34 -20.14
C LEU B 331 -12.70 -10.69 -18.76
N SER B 332 -13.27 -9.50 -18.67
CA SER B 332 -13.34 -8.81 -17.40
C SER B 332 -14.35 -9.58 -16.55
N GLY B 333 -15.38 -10.09 -17.21
CA GLY B 333 -16.41 -10.85 -16.53
C GLY B 333 -15.82 -12.14 -15.98
N LEU B 334 -14.59 -12.43 -16.38
CA LEU B 334 -13.87 -13.61 -15.92
C LEU B 334 -12.87 -13.13 -14.86
N GLY B 335 -12.81 -11.81 -14.70
CA GLY B 335 -11.93 -11.22 -13.72
C GLY B 335 -10.65 -10.59 -14.25
N VAL B 336 -10.30 -10.93 -15.49
CA VAL B 336 -9.09 -10.39 -16.11
C VAL B 336 -9.14 -8.86 -16.17
N ASP B 337 -7.97 -8.25 -15.99
CA ASP B 337 -7.84 -6.80 -16.06
C ASP B 337 -7.47 -6.47 -17.50
N THR B 338 -8.48 -6.17 -18.31
CA THR B 338 -8.31 -5.87 -19.73
C THR B 338 -7.94 -4.43 -20.07
N ALA B 339 -7.29 -3.73 -19.15
CA ALA B 339 -6.92 -2.33 -19.36
C ALA B 339 -5.82 -2.11 -20.41
N GLY B 340 -4.86 -3.02 -20.48
CA GLY B 340 -3.77 -2.86 -21.44
C GLY B 340 -4.04 -3.53 -22.77
N LEU B 341 -5.22 -4.12 -22.91
CA LEU B 341 -5.61 -4.83 -24.13
C LEU B 341 -6.18 -3.94 -25.25
N VAL B 342 -6.08 -4.46 -26.47
CA VAL B 342 -6.63 -3.79 -27.66
C VAL B 342 -6.98 -4.95 -28.56
N LEU B 343 -8.25 -5.06 -28.92
CA LEU B 343 -8.70 -6.16 -29.76
C LEU B 343 -9.12 -5.73 -31.15
N ASN B 344 -8.43 -6.24 -32.17
CA ASN B 344 -8.78 -5.88 -33.53
C ASN B 344 -9.25 -7.13 -34.27
N ASP B 345 -9.06 -8.29 -33.63
CA ASP B 345 -9.52 -9.55 -34.20
C ASP B 345 -9.39 -10.73 -33.24
N GLY B 346 -9.93 -11.88 -33.66
CA GLY B 346 -9.88 -13.05 -32.82
C GLY B 346 -8.65 -13.94 -32.96
N SER B 347 -8.13 -14.07 -34.18
CA SER B 347 -6.99 -14.94 -34.41
C SER B 347 -5.63 -14.43 -33.97
N GLY B 348 -5.42 -13.12 -34.09
CA GLY B 348 -4.14 -12.55 -33.73
C GLY B 348 -3.37 -12.26 -35.00
N LEU B 349 -4.01 -12.51 -36.13
CA LEU B 349 -3.40 -12.28 -37.43
C LEU B 349 -3.14 -10.79 -37.61
N SER B 350 -4.06 -9.95 -37.12
CA SER B 350 -3.95 -8.50 -37.26
C SER B 350 -2.83 -7.81 -36.48
N ARG B 351 -2.22 -6.83 -37.13
CA ARG B 351 -1.13 -6.06 -36.50
C ARG B 351 -1.68 -4.92 -35.67
N GLY B 352 -2.99 -4.97 -35.41
CA GLY B 352 -3.63 -3.95 -34.61
C GLY B 352 -3.98 -4.47 -33.23
N ASN B 353 -3.50 -5.66 -32.89
CA ASN B 353 -3.77 -6.26 -31.58
C ASN B 353 -2.64 -5.91 -30.61
N LEU B 354 -3.03 -5.70 -29.35
CA LEU B 354 -2.05 -5.39 -28.33
C LEU B 354 -2.43 -6.11 -27.05
N VAL B 355 -1.40 -6.56 -26.32
CA VAL B 355 -1.59 -7.23 -25.06
C VAL B 355 -0.35 -6.89 -24.23
N THR B 356 -0.29 -7.38 -23.01
CA THR B 356 0.87 -7.18 -22.17
C THR B 356 1.06 -8.55 -21.57
N ALA B 357 2.30 -8.88 -21.20
CA ALA B 357 2.58 -10.18 -20.61
C ALA B 357 1.69 -10.41 -19.40
N ASP B 358 1.67 -9.43 -18.49
CA ASP B 358 0.85 -9.56 -17.29
C ASP B 358 -0.57 -9.97 -17.64
N THR B 359 -1.16 -9.24 -18.57
CA THR B 359 -2.53 -9.53 -18.99
C THR B 359 -2.68 -10.97 -19.52
N VAL B 360 -1.61 -11.54 -20.07
CA VAL B 360 -1.69 -12.90 -20.58
C VAL B 360 -1.61 -13.93 -19.44
N VAL B 361 -0.79 -13.65 -18.43
CA VAL B 361 -0.68 -14.57 -17.29
C VAL B 361 -1.95 -14.37 -16.44
N ASP B 362 -2.40 -13.13 -16.33
CA ASP B 362 -3.61 -12.79 -15.58
C ASP B 362 -4.74 -13.70 -16.08
N LEU B 363 -4.93 -13.73 -17.39
CA LEU B 363 -5.96 -14.55 -18.03
C LEU B 363 -5.69 -16.02 -17.79
N LEU B 364 -4.42 -16.38 -17.71
CA LEU B 364 -4.05 -17.77 -17.49
C LEU B 364 -4.45 -18.17 -16.08
N GLY B 365 -4.37 -17.21 -15.16
CA GLY B 365 -4.78 -17.50 -13.80
C GLY B 365 -6.27 -17.74 -13.74
N GLN B 366 -7.04 -16.76 -14.18
CA GLN B 366 -8.50 -16.86 -14.16
C GLN B 366 -9.01 -18.11 -14.87
N ALA B 367 -8.35 -18.49 -15.96
CA ALA B 367 -8.75 -19.65 -16.74
C ALA B 367 -8.50 -20.95 -15.98
N GLY B 368 -7.36 -21.02 -15.30
CA GLY B 368 -7.02 -22.21 -14.53
C GLY B 368 -8.08 -22.61 -13.53
N SER B 369 -8.67 -21.62 -12.86
CA SER B 369 -9.71 -21.88 -11.86
C SER B 369 -11.11 -21.59 -12.38
N ALA B 370 -11.37 -21.98 -13.63
CA ALA B 370 -12.67 -21.78 -14.25
C ALA B 370 -13.40 -23.12 -14.27
N PRO B 371 -14.73 -23.08 -14.46
CA PRO B 371 -15.51 -24.32 -14.50
C PRO B 371 -15.11 -25.23 -15.67
N TRP B 372 -14.46 -24.65 -16.68
CA TRP B 372 -14.06 -25.39 -17.87
C TRP B 372 -12.56 -25.48 -18.10
N ALA B 373 -11.79 -25.20 -17.06
CA ALA B 373 -10.34 -25.25 -17.15
C ALA B 373 -9.89 -26.56 -17.81
N GLN B 374 -10.72 -27.59 -17.71
CA GLN B 374 -10.39 -28.89 -18.28
C GLN B 374 -10.13 -28.75 -19.77
N THR B 375 -11.20 -28.67 -20.56
CA THR B 375 -11.06 -28.54 -22.00
C THR B 375 -10.10 -27.44 -22.35
N TRP B 376 -10.14 -26.36 -21.58
CA TRP B 376 -9.27 -25.22 -21.82
C TRP B 376 -7.82 -25.66 -21.94
N SER B 377 -7.32 -26.39 -20.96
CA SER B 377 -5.93 -26.85 -21.00
C SER B 377 -5.75 -27.95 -22.04
N ALA B 378 -6.74 -28.82 -22.17
CA ALA B 378 -6.69 -29.93 -23.12
C ALA B 378 -6.48 -29.47 -24.57
N SER B 379 -6.98 -28.28 -24.90
CA SER B 379 -6.83 -27.77 -26.26
C SER B 379 -5.45 -27.18 -26.53
N LEU B 380 -4.72 -26.84 -25.48
CA LEU B 380 -3.39 -26.26 -25.65
C LEU B 380 -2.35 -27.26 -26.14
N PRO B 381 -1.41 -26.81 -27.00
CA PRO B 381 -0.37 -27.70 -27.52
C PRO B 381 0.50 -28.22 -26.38
N VAL B 382 0.94 -29.48 -26.48
CA VAL B 382 1.79 -30.06 -25.46
C VAL B 382 3.17 -30.32 -26.04
N ALA B 383 4.15 -29.55 -25.57
CA ALA B 383 5.53 -29.66 -26.03
C ALA B 383 6.02 -31.09 -26.22
N GLY B 384 6.83 -31.30 -27.24
CA GLY B 384 7.40 -32.61 -27.49
C GLY B 384 6.51 -33.69 -28.09
N GLU B 385 5.22 -33.67 -27.79
CA GLU B 385 4.32 -34.70 -28.32
C GLU B 385 4.23 -34.68 -29.84
N SER B 386 4.87 -35.67 -30.47
CA SER B 386 4.89 -35.79 -31.93
C SER B 386 3.51 -36.04 -32.54
N ASP B 387 2.52 -36.34 -31.71
CA ASP B 387 1.19 -36.58 -32.25
C ASP B 387 0.50 -35.25 -32.52
N PRO B 388 0.33 -34.90 -33.81
CA PRO B 388 -0.31 -33.66 -34.25
C PRO B 388 -1.38 -33.09 -33.32
N PHE B 389 -2.45 -33.85 -33.10
CA PHE B 389 -3.55 -33.42 -32.25
C PHE B 389 -3.19 -33.31 -30.79
N VAL B 390 -1.92 -33.53 -30.48
CA VAL B 390 -1.46 -33.45 -29.11
C VAL B 390 -0.42 -32.35 -29.02
N GLY B 391 0.64 -32.51 -29.80
CA GLY B 391 1.71 -31.53 -29.80
C GLY B 391 1.37 -30.27 -30.56
N GLY B 392 0.48 -30.35 -31.54
CA GLY B 392 0.12 -29.19 -32.32
C GLY B 392 1.35 -28.42 -32.77
N THR B 393 1.31 -27.10 -32.64
CA THR B 393 2.44 -26.27 -33.04
C THR B 393 3.70 -26.49 -32.20
N LEU B 394 3.62 -27.30 -31.14
CA LEU B 394 4.80 -27.53 -30.31
C LEU B 394 5.34 -28.97 -30.41
N ALA B 395 4.82 -29.74 -31.37
CA ALA B 395 5.22 -31.15 -31.54
C ALA B 395 6.65 -31.46 -31.93
N ASN B 396 7.42 -30.48 -32.35
CA ASN B 396 8.80 -30.75 -32.74
C ASN B 396 9.77 -29.98 -31.87
N ARG B 397 9.23 -29.09 -31.05
CA ARG B 397 10.03 -28.26 -30.17
C ARG B 397 10.03 -28.85 -28.76
N MET B 398 11.17 -28.77 -28.09
CA MET B 398 11.31 -29.24 -26.73
C MET B 398 11.23 -30.74 -26.44
N ARG B 399 11.58 -31.56 -27.42
CA ARG B 399 11.57 -33.01 -27.19
C ARG B 399 12.87 -33.34 -26.43
N GLY B 400 12.82 -34.35 -25.59
CA GLY B 400 14.00 -34.75 -24.85
C GLY B 400 14.46 -33.77 -23.78
N THR B 401 13.53 -32.94 -23.31
CA THR B 401 13.85 -31.97 -22.27
C THR B 401 12.84 -32.11 -21.14
N ALA B 402 13.14 -31.48 -20.01
CA ALA B 402 12.26 -31.54 -18.85
C ALA B 402 10.87 -31.01 -19.18
N ALA B 403 10.75 -30.33 -20.31
CA ALA B 403 9.47 -29.75 -20.73
C ALA B 403 8.59 -30.70 -21.53
N GLU B 404 9.18 -31.76 -22.08
CA GLU B 404 8.40 -32.70 -22.88
C GLU B 404 7.21 -33.24 -22.11
N GLY B 405 6.09 -33.38 -22.81
CA GLY B 405 4.88 -33.91 -22.20
C GLY B 405 4.33 -33.14 -20.99
N VAL B 406 5.00 -32.07 -20.60
CA VAL B 406 4.57 -31.27 -19.45
C VAL B 406 3.98 -29.92 -19.85
N VAL B 407 4.83 -29.04 -20.37
CA VAL B 407 4.42 -27.70 -20.76
C VAL B 407 3.23 -27.69 -21.71
N GLU B 408 2.24 -26.86 -21.39
CA GLU B 408 1.04 -26.70 -22.21
C GLU B 408 1.01 -25.22 -22.53
N ALA B 409 1.25 -24.85 -23.78
CA ALA B 409 1.27 -23.44 -24.15
C ALA B 409 0.85 -23.16 -25.59
N LYS B 410 0.34 -21.94 -25.79
CA LYS B 410 -0.10 -21.50 -27.11
C LYS B 410 1.00 -20.71 -27.81
N THR B 411 1.24 -21.03 -29.08
CA THR B 411 2.26 -20.34 -29.84
C THR B 411 1.68 -19.16 -30.60
N GLY B 412 2.53 -18.44 -31.31
CA GLY B 412 2.08 -17.30 -32.08
C GLY B 412 3.27 -16.71 -32.80
N THR B 413 3.16 -16.61 -34.12
CA THR B 413 4.26 -16.07 -34.90
C THR B 413 3.85 -15.33 -36.17
N MET B 414 4.51 -14.20 -36.40
CA MET B 414 4.31 -13.38 -37.60
C MET B 414 5.57 -12.52 -37.71
N SER B 415 5.74 -11.85 -38.84
CA SER B 415 6.94 -11.02 -39.08
C SER B 415 7.33 -10.08 -37.94
N GLY B 416 8.43 -10.41 -37.24
CA GLY B 416 8.89 -9.59 -36.14
C GLY B 416 8.08 -9.79 -34.88
N VAL B 417 7.37 -10.91 -34.80
CA VAL B 417 6.55 -11.21 -33.63
C VAL B 417 6.48 -12.69 -33.33
N SER B 418 6.78 -13.04 -32.08
CA SER B 418 6.73 -14.45 -31.66
C SER B 418 6.25 -14.55 -30.22
N ALA B 419 5.52 -15.62 -29.91
CA ALA B 419 5.02 -15.76 -28.55
C ALA B 419 4.80 -17.20 -28.08
N LEU B 420 4.95 -17.40 -26.77
CA LEU B 420 4.76 -18.72 -26.15
C LEU B 420 4.26 -18.50 -24.74
N SER B 421 2.96 -18.61 -24.55
CA SER B 421 2.36 -18.42 -23.24
C SER B 421 1.60 -19.66 -22.87
N GLY B 422 1.77 -20.12 -21.64
CA GLY B 422 1.08 -21.32 -21.22
C GLY B 422 1.27 -21.71 -19.76
N TYR B 423 1.26 -23.01 -19.53
CA TYR B 423 1.40 -23.56 -18.18
C TYR B 423 2.55 -24.55 -18.01
N VAL B 424 3.06 -24.62 -16.78
CA VAL B 424 4.12 -25.55 -16.42
C VAL B 424 3.51 -26.34 -15.25
N PRO B 425 2.66 -27.33 -15.56
CA PRO B 425 2.02 -28.15 -14.53
C PRO B 425 2.98 -28.93 -13.65
N GLY B 426 3.16 -28.45 -12.42
CA GLY B 426 4.06 -29.11 -11.49
C GLY B 426 3.29 -29.65 -10.28
N PRO B 427 3.93 -30.52 -9.48
CA PRO B 427 3.30 -31.11 -8.29
C PRO B 427 3.21 -30.08 -7.16
N GLU B 428 4.33 -29.41 -6.90
CA GLU B 428 4.39 -28.41 -5.84
C GLU B 428 3.45 -27.24 -6.13
N GLY B 429 3.48 -26.75 -7.37
CA GLY B 429 2.62 -25.64 -7.74
C GLY B 429 2.50 -25.45 -9.23
N GLU B 430 1.32 -24.99 -9.66
CA GLU B 430 1.03 -24.73 -11.08
C GLU B 430 1.63 -23.40 -11.53
N LEU B 431 2.43 -23.43 -12.60
CA LEU B 431 3.05 -22.22 -13.12
C LEU B 431 2.43 -21.73 -14.43
N ALA B 432 2.32 -20.41 -14.54
CA ALA B 432 1.77 -19.77 -15.73
C ALA B 432 2.84 -18.79 -16.23
N PHE B 433 3.02 -18.73 -17.54
CA PHE B 433 4.03 -17.85 -18.11
C PHE B 433 3.64 -17.29 -19.49
N SER B 434 4.19 -16.12 -19.80
CA SER B 434 3.93 -15.48 -21.08
C SER B 434 5.19 -14.86 -21.64
N ILE B 435 5.59 -15.32 -22.82
CA ILE B 435 6.77 -14.77 -23.50
C ILE B 435 6.27 -14.14 -24.80
N VAL B 436 6.50 -12.85 -24.96
CA VAL B 436 6.08 -12.13 -26.17
C VAL B 436 7.27 -11.35 -26.73
N ASN B 437 7.75 -11.76 -27.89
CA ASN B 437 8.90 -11.10 -28.49
C ASN B 437 8.51 -10.30 -29.74
N ASN B 438 8.82 -9.01 -29.70
CA ASN B 438 8.54 -8.07 -30.80
C ASN B 438 9.84 -7.34 -31.11
N GLY B 439 10.04 -6.96 -32.36
CA GLY B 439 11.22 -6.19 -32.70
C GLY B 439 12.50 -6.92 -33.08
N HIS B 440 12.47 -8.25 -33.05
CA HIS B 440 13.65 -8.98 -33.45
C HIS B 440 13.67 -8.93 -34.97
N SER B 441 14.88 -8.88 -35.53
CA SER B 441 15.05 -8.80 -36.97
C SER B 441 15.22 -10.16 -37.64
N GLY B 442 15.59 -11.20 -36.88
CA GLY B 442 15.78 -12.50 -37.49
C GLY B 442 14.52 -13.34 -37.52
N PRO B 443 14.67 -14.67 -37.59
CA PRO B 443 13.56 -15.64 -37.61
C PRO B 443 12.96 -15.70 -36.21
N ALA B 444 11.84 -16.39 -36.05
CA ALA B 444 11.23 -16.50 -34.73
C ALA B 444 12.26 -17.01 -33.73
N PRO B 445 12.42 -16.32 -32.59
CA PRO B 445 13.38 -16.70 -31.54
C PRO B 445 12.86 -17.90 -30.73
N LEU B 446 12.51 -18.96 -31.45
CA LEU B 446 11.97 -20.17 -30.84
C LEU B 446 12.90 -20.77 -29.78
N ALA B 447 14.20 -20.81 -30.07
CA ALA B 447 15.20 -21.36 -29.15
C ALA B 447 15.11 -20.71 -27.76
N VAL B 448 15.09 -19.39 -27.71
CA VAL B 448 15.02 -18.67 -26.46
C VAL B 448 13.72 -18.99 -25.71
N GLN B 449 12.66 -19.23 -26.44
CA GLN B 449 11.36 -19.54 -25.83
C GLN B 449 11.38 -20.92 -25.20
N ASP B 450 11.84 -21.91 -25.96
CA ASP B 450 11.90 -23.26 -25.46
C ASP B 450 12.92 -23.30 -24.32
N ALA B 451 13.90 -22.41 -24.39
CA ALA B 451 14.94 -22.34 -23.36
C ALA B 451 14.37 -21.84 -22.03
N ILE B 452 13.42 -20.92 -22.09
CA ILE B 452 12.80 -20.36 -20.89
C ILE B 452 11.71 -21.32 -20.41
N ALA B 453 11.16 -22.09 -21.35
CA ALA B 453 10.09 -23.03 -21.04
C ALA B 453 10.64 -24.21 -20.28
N VAL B 454 11.66 -24.85 -20.87
CA VAL B 454 12.31 -26.01 -20.27
C VAL B 454 12.85 -25.68 -18.89
N ARG B 455 13.39 -24.47 -18.74
CA ARG B 455 13.92 -24.07 -17.46
C ARG B 455 12.81 -24.02 -16.42
N LEU B 456 11.66 -23.50 -16.81
CA LEU B 456 10.53 -23.43 -15.89
C LEU B 456 10.03 -24.80 -15.52
N ALA B 457 10.17 -25.74 -16.46
CA ALA B 457 9.75 -27.11 -16.22
C ALA B 457 10.68 -27.70 -15.18
N GLU B 458 11.98 -27.46 -15.35
CA GLU B 458 12.98 -27.96 -14.41
C GLU B 458 12.70 -27.47 -12.99
N TYR B 459 12.51 -26.16 -12.85
CA TYR B 459 12.23 -25.54 -11.55
C TYR B 459 11.02 -26.21 -10.88
N ALA B 460 10.10 -26.69 -11.70
CA ALA B 460 8.89 -27.33 -11.20
C ALA B 460 9.14 -28.79 -10.84
N GLY B 461 10.42 -29.18 -10.79
CA GLY B 461 10.76 -30.54 -10.44
C GLY B 461 10.50 -31.53 -11.56
N HIS B 462 10.95 -31.17 -12.76
CA HIS B 462 10.79 -32.00 -13.94
C HIS B 462 12.16 -32.20 -14.60
N GLN B 463 12.39 -33.39 -15.14
CA GLN B 463 13.65 -33.69 -15.81
C GLN B 463 13.39 -34.36 -17.16
N ALA B 464 14.38 -34.26 -18.04
CA ALA B 464 14.28 -34.83 -19.38
C ALA B 464 13.83 -36.30 -19.32
N PRO B 465 12.64 -36.60 -19.88
CA PRO B 465 12.12 -37.97 -19.87
C PRO B 465 13.01 -38.94 -20.63
N GLU B 466 12.63 -40.13 -20.72
N ARG C 1 46.26 6.73 64.09
CA ARG C 1 44.81 7.10 64.19
C ARG C 1 44.33 7.86 62.95
N LEU C 2 43.80 9.06 63.17
CA LEU C 2 43.31 9.89 62.08
C LEU C 2 44.33 10.97 61.76
N THR C 3 45.29 11.15 62.66
CA THR C 3 46.34 12.14 62.46
C THR C 3 47.17 11.71 61.26
N GLU C 4 47.22 10.40 61.02
CA GLU C 4 47.98 9.86 59.90
C GLU C 4 47.23 10.04 58.58
N LEU C 5 45.92 9.76 58.59
CA LEU C 5 45.09 9.88 57.40
C LEU C 5 45.24 11.26 56.75
N ARG C 6 45.53 12.26 57.58
CA ARG C 6 45.70 13.62 57.09
C ARG C 6 47.09 13.82 56.49
N GLU C 7 48.11 13.32 57.16
CA GLU C 7 49.49 13.45 56.70
C GLU C 7 49.58 12.88 55.28
N ASP C 8 49.09 11.67 55.14
CA ASP C 8 49.12 10.97 53.87
C ASP C 8 48.36 11.73 52.78
N ILE C 9 47.33 12.47 53.15
CA ILE C 9 46.57 13.23 52.15
C ILE C 9 47.25 14.53 51.74
N ASP C 10 47.97 15.16 52.67
CA ASP C 10 48.68 16.39 52.36
C ASP C 10 49.80 16.04 51.40
N ALA C 11 50.49 14.96 51.71
CA ALA C 11 51.60 14.50 50.89
C ALA C 11 51.10 14.09 49.51
N ILE C 12 49.93 13.47 49.46
CA ILE C 12 49.36 13.04 48.20
C ILE C 12 49.01 14.25 47.36
N LEU C 13 48.48 15.28 48.02
CA LEU C 13 48.12 16.51 47.35
C LEU C 13 49.38 17.26 46.97
N GLU C 14 50.54 16.69 47.33
CA GLU C 14 51.81 17.29 47.01
C GLU C 14 52.33 16.71 45.71
N ASP C 15 51.40 16.32 44.85
CA ASP C 15 51.74 15.73 43.57
C ASP C 15 52.15 16.87 42.64
N PRO C 16 53.07 16.60 41.70
CA PRO C 16 53.53 17.62 40.76
C PRO C 16 52.40 18.16 39.89
N ALA C 17 51.45 17.28 39.57
CA ALA C 17 50.32 17.63 38.72
C ALA C 17 49.41 18.74 39.25
N LEU C 18 49.44 18.98 40.56
CA LEU C 18 48.59 20.02 41.14
C LEU C 18 49.33 21.32 41.42
N GLU C 19 50.55 21.41 40.92
CA GLU C 19 51.37 22.60 41.12
C GLU C 19 50.65 23.85 40.62
N GLY C 20 50.45 24.82 41.50
CA GLY C 20 49.79 26.05 41.10
C GLY C 20 48.29 25.94 40.92
N ALA C 21 47.72 24.81 41.34
CA ALA C 21 46.28 24.61 41.22
C ALA C 21 45.59 24.68 42.58
N VAL C 22 44.26 24.80 42.57
CA VAL C 22 43.49 24.86 43.81
C VAL C 22 42.66 23.58 43.91
N SER C 23 42.81 22.87 45.02
CA SER C 23 42.11 21.62 45.23
C SER C 23 41.15 21.58 46.40
N GLY C 24 39.86 21.54 46.11
CA GLY C 24 38.86 21.47 47.17
C GLY C 24 38.78 20.02 47.60
N VAL C 25 39.17 19.75 48.84
CA VAL C 25 39.15 18.38 49.36
C VAL C 25 38.45 18.29 50.71
N VAL C 26 37.50 17.37 50.82
CA VAL C 26 36.76 17.17 52.05
C VAL C 26 36.32 15.71 52.20
N VAL C 27 36.54 15.17 53.39
CA VAL C 27 36.17 13.79 53.71
C VAL C 27 35.40 13.79 55.02
N VAL C 28 34.30 13.04 55.05
CA VAL C 28 33.47 12.97 56.23
C VAL C 28 32.94 11.56 56.47
N ASP C 29 32.83 11.19 57.74
CA ASP C 29 32.29 9.90 58.13
C ASP C 29 30.81 10.22 58.31
N THR C 30 29.98 9.77 57.36
CA THR C 30 28.55 10.05 57.42
C THR C 30 27.80 9.15 58.40
N ALA C 31 28.56 8.50 59.28
CA ALA C 31 27.97 7.64 60.29
C ALA C 31 28.00 8.39 61.60
N THR C 32 29.00 9.26 61.75
CA THR C 32 29.19 10.06 62.96
C THR C 32 29.25 11.55 62.64
N GLY C 33 29.20 11.88 61.36
CA GLY C 33 29.25 13.26 60.93
C GLY C 33 30.62 13.87 61.09
N GLU C 34 31.55 13.09 61.66
CA GLU C 34 32.90 13.56 61.88
C GLU C 34 33.57 13.99 60.59
N GLU C 35 34.45 14.99 60.68
CA GLU C 35 35.20 15.47 59.52
C GLU C 35 36.56 14.80 59.49
N LEU C 36 36.81 14.01 58.45
CA LEU C 36 38.10 13.32 58.35
C LEU C 36 39.18 14.20 57.72
N TYR C 37 38.79 15.09 56.80
CA TYR C 37 39.75 15.97 56.15
C TYR C 37 39.09 17.16 55.46
N SER C 38 39.75 18.30 55.49
CA SER C 38 39.21 19.48 54.85
C SER C 38 40.31 20.43 54.40
N ARG C 39 40.17 20.93 53.17
CA ARG C 39 41.12 21.89 52.60
C ARG C 39 40.42 22.63 51.46
N ASP C 40 40.43 23.95 51.51
CA ASP C 40 39.78 24.76 50.49
C ASP C 40 38.37 24.24 50.25
N GLY C 41 37.77 23.65 51.29
CA GLY C 41 36.43 23.10 51.16
C GLY C 41 35.35 24.14 50.91
N GLY C 42 35.68 25.39 51.22
CA GLY C 42 34.73 26.48 51.03
C GLY C 42 34.98 27.28 49.76
N GLU C 43 36.05 26.93 49.05
CA GLU C 43 36.40 27.61 47.81
C GLU C 43 35.44 27.23 46.68
N GLN C 44 35.01 28.22 45.89
CA GLN C 44 34.10 27.98 44.75
C GLN C 44 34.92 27.54 43.55
N LEU C 45 34.62 26.34 43.03
CA LEU C 45 35.34 25.80 41.88
C LEU C 45 34.40 25.26 40.81
N LEU C 46 34.97 25.00 39.64
CA LEU C 46 34.20 24.45 38.53
C LEU C 46 34.02 22.96 38.83
N PRO C 47 32.76 22.50 38.87
CA PRO C 47 32.40 21.12 39.15
C PRO C 47 32.56 20.21 37.97
N ALA C 48 32.34 20.75 36.78
CA ALA C 48 32.41 19.95 35.57
C ALA C 48 31.27 18.95 35.74
N SER C 49 31.40 17.75 35.19
CA SER C 49 30.34 16.77 35.27
C SER C 49 29.89 16.46 36.70
N ASN C 50 30.62 16.95 37.68
CA ASN C 50 30.26 16.73 39.08
C ASN C 50 28.96 17.47 39.38
N MET C 51 28.55 18.31 38.44
CA MET C 51 27.33 19.08 38.57
C MET C 51 26.15 18.13 38.48
N LYS C 52 26.35 17.01 37.79
CA LYS C 52 25.27 16.04 37.62
C LYS C 52 24.75 15.50 38.94
N LEU C 53 25.59 15.53 39.98
CA LEU C 53 25.14 15.06 41.28
C LEU C 53 23.97 15.92 41.77
N PHE C 54 24.10 17.23 41.67
CA PHE C 54 23.05 18.13 42.11
C PHE C 54 21.80 17.97 41.25
N THR C 55 21.99 17.74 39.96
CA THR C 55 20.90 17.55 39.02
C THR C 55 20.16 16.24 39.33
N ALA C 56 20.93 15.18 39.51
CA ALA C 56 20.37 13.87 39.80
C ALA C 56 19.51 13.96 41.07
N ALA C 57 20.06 14.53 42.12
CA ALA C 57 19.34 14.68 43.39
C ALA C 57 18.04 15.46 43.13
N ALA C 58 18.19 16.69 42.66
CA ALA C 58 17.04 17.53 42.37
C ALA C 58 15.97 16.75 41.59
N ALA C 59 16.40 16.12 40.50
CA ALA C 59 15.49 15.36 39.64
C ALA C 59 14.71 14.27 40.37
N LEU C 60 15.38 13.60 41.30
CA LEU C 60 14.75 12.53 42.07
C LEU C 60 13.74 13.14 43.04
N GLU C 61 14.05 14.34 43.52
CA GLU C 61 13.18 15.04 44.46
C GLU C 61 11.98 15.69 43.77
N VAL C 62 12.21 16.27 42.60
CA VAL C 62 11.14 16.93 41.89
C VAL C 62 10.31 16.01 41.00
N LEU C 63 10.97 15.02 40.38
CA LEU C 63 10.25 14.12 39.48
C LEU C 63 9.90 12.77 40.09
N GLY C 64 10.69 12.30 41.04
CA GLY C 64 10.43 11.00 41.66
C GLY C 64 11.17 9.87 40.96
N ALA C 65 11.66 8.91 41.74
CA ALA C 65 12.38 7.78 41.18
C ALA C 65 11.46 6.92 40.33
N ASP C 66 10.16 7.15 40.48
CA ASP C 66 9.15 6.40 39.75
C ASP C 66 8.72 7.06 38.44
N HIS C 67 9.20 8.28 38.23
CA HIS C 67 8.85 9.06 37.05
C HIS C 67 9.30 8.49 35.70
N SER C 68 8.43 8.58 34.71
CA SER C 68 8.72 8.10 33.37
C SER C 68 8.34 9.18 32.34
N PHE C 69 8.83 9.05 31.11
CA PHE C 69 8.56 10.03 30.07
C PHE C 69 7.76 9.44 28.94
N GLY C 70 6.89 10.26 28.33
CA GLY C 70 6.08 9.76 27.24
C GLY C 70 6.27 10.47 25.92
N THR C 71 5.95 9.77 24.84
CA THR C 71 6.06 10.30 23.49
C THR C 71 4.80 9.77 22.84
N GLU C 72 4.21 10.54 21.92
CA GLU C 72 3.00 10.09 21.24
C GLU C 72 2.76 10.75 19.88
N VAL C 73 1.95 10.10 19.05
CA VAL C 73 1.61 10.59 17.73
C VAL C 73 0.13 11.00 17.74
N ALA C 74 -0.20 12.11 17.09
CA ALA C 74 -1.59 12.56 17.07
C ALA C 74 -2.10 13.08 15.75
N ALA C 75 -3.41 12.89 15.55
CA ALA C 75 -4.09 13.34 14.34
C ALA C 75 -5.31 14.12 14.81
N GLU C 76 -5.82 15.04 13.99
CA GLU C 76 -6.99 15.82 14.40
C GLU C 76 -8.12 14.89 14.83
N SER C 77 -8.24 13.76 14.14
CA SER C 77 -9.26 12.76 14.45
C SER C 77 -8.88 11.44 13.78
N ALA C 78 -9.50 10.35 14.23
CA ALA C 78 -9.23 9.03 13.68
C ALA C 78 -9.40 9.04 12.17
N PRO C 79 -8.68 8.16 11.46
CA PRO C 79 -8.75 8.08 10.00
C PRO C 79 -10.09 7.62 9.42
N GLY C 80 -10.41 8.13 8.24
CA GLY C 80 -11.65 7.79 7.57
C GLY C 80 -11.62 6.33 7.12
N ARG C 81 -12.72 5.87 6.56
CA ARG C 81 -12.78 4.47 6.11
C ARG C 81 -11.92 4.28 4.87
N ARG C 82 -11.01 5.22 4.64
CA ARG C 82 -10.10 5.15 3.51
C ARG C 82 -8.67 5.29 4.05
N GLY C 83 -8.55 5.12 5.36
CA GLY C 83 -7.26 5.21 6.02
C GLY C 83 -6.48 6.48 5.77
N GLU C 84 -7.17 7.60 5.62
CA GLU C 84 -6.50 8.86 5.36
C GLU C 84 -6.62 9.84 6.51
N VAL C 85 -5.48 10.40 6.89
CA VAL C 85 -5.39 11.39 7.96
C VAL C 85 -4.78 12.63 7.29
N GLN C 86 -4.98 13.80 7.89
CA GLN C 86 -4.43 15.02 7.33
C GLN C 86 -3.03 15.26 7.91
N ASP C 87 -2.95 16.05 8.97
CA ASP C 87 -1.66 16.33 9.61
C ASP C 87 -1.38 15.36 10.75
N LEU C 88 -0.15 14.87 10.83
CA LEU C 88 0.22 13.95 11.89
C LEU C 88 1.37 14.54 12.70
N TYR C 89 1.19 14.62 14.02
CA TYR C 89 2.20 15.17 14.89
C TYR C 89 2.91 14.14 15.76
N LEU C 90 4.25 14.22 15.75
CA LEU C 90 5.08 13.36 16.56
C LEU C 90 5.44 14.31 17.71
N VAL C 91 4.94 14.01 18.90
CA VAL C 91 5.19 14.86 20.05
C VAL C 91 6.03 14.20 21.11
N GLY C 92 7.12 14.87 21.48
CA GLY C 92 8.00 14.33 22.51
C GLY C 92 7.89 15.17 23.77
N ARG C 93 7.97 14.53 24.93
CA ARG C 93 7.90 15.28 26.18
C ARG C 93 9.10 15.10 27.10
N GLY C 94 10.29 15.11 26.51
CA GLY C 94 11.49 14.99 27.30
C GLY C 94 12.03 13.60 27.59
N ASP C 95 11.69 12.61 26.78
CA ASP C 95 12.23 11.28 27.02
C ASP C 95 13.63 11.18 26.42
N PRO C 96 14.65 11.02 27.26
CA PRO C 96 16.05 10.91 26.83
C PRO C 96 16.47 9.52 26.35
N THR C 97 15.56 8.55 26.39
CA THR C 97 15.91 7.19 25.97
C THR C 97 15.07 6.66 24.82
N LEU C 98 14.54 7.60 24.03
CA LEU C 98 13.71 7.27 22.88
C LEU C 98 14.56 6.83 21.72
N SER C 99 14.47 5.55 21.38
CA SER C 99 15.23 4.95 20.30
C SER C 99 14.46 4.87 18.98
N ALA C 100 15.16 4.49 17.92
CA ALA C 100 14.55 4.38 16.59
C ALA C 100 13.57 3.22 16.57
N GLU C 101 13.86 2.18 17.36
CA GLU C 101 12.99 1.04 17.45
C GLU C 101 11.69 1.54 18.06
N ASP C 102 11.81 2.35 19.12
CA ASP C 102 10.64 2.92 19.78
C ASP C 102 9.86 3.67 18.71
N LEU C 103 10.58 4.31 17.81
CA LEU C 103 9.93 5.06 16.73
C LEU C 103 9.22 4.13 15.77
N ASP C 104 9.82 2.99 15.50
CA ASP C 104 9.22 2.03 14.59
C ASP C 104 8.05 1.33 15.28
N ALA C 105 8.16 1.17 16.60
CA ALA C 105 7.09 0.54 17.35
C ALA C 105 5.85 1.43 17.18
N MET C 106 6.00 2.72 17.41
CA MET C 106 4.89 3.67 17.28
C MET C 106 4.38 3.75 15.84
N ALA C 107 5.27 3.47 14.88
CA ALA C 107 4.88 3.49 13.48
C ALA C 107 3.95 2.31 13.24
N ALA C 108 4.24 1.19 13.88
CA ALA C 108 3.42 0.00 13.74
C ALA C 108 2.00 0.30 14.25
N GLU C 109 1.92 0.94 15.41
CA GLU C 109 0.63 1.28 15.98
C GLU C 109 -0.13 2.21 15.04
N VAL C 110 0.50 3.32 14.67
CA VAL C 110 -0.13 4.28 13.77
C VAL C 110 -0.74 3.56 12.56
N ALA C 111 -0.06 2.55 12.06
CA ALA C 111 -0.56 1.78 10.93
C ALA C 111 -1.69 0.85 11.40
N ALA C 112 -1.45 0.20 12.55
CA ALA C 112 -2.40 -0.73 13.14
C ALA C 112 -3.62 -0.04 13.74
N SER C 113 -3.70 1.27 13.57
CA SER C 113 -4.84 2.02 14.08
C SER C 113 -5.74 2.31 12.88
N GLY C 114 -5.31 1.82 11.72
CA GLY C 114 -6.08 2.01 10.50
C GLY C 114 -5.58 3.12 9.59
N VAL C 115 -4.33 3.51 9.74
CA VAL C 115 -3.79 4.58 8.91
C VAL C 115 -2.98 4.01 7.75
N ARG C 116 -3.21 4.56 6.56
CA ARG C 116 -2.53 4.11 5.35
C ARG C 116 -1.97 5.30 4.59
N THR C 117 -2.45 6.49 4.93
CA THR C 117 -2.00 7.69 4.24
C THR C 117 -2.11 9.00 5.02
N VAL C 118 -1.08 9.82 4.89
CA VAL C 118 -1.04 11.14 5.54
C VAL C 118 -1.04 12.16 4.39
N ARG C 119 -2.24 12.57 4.00
CA ARG C 119 -2.43 13.53 2.92
C ARG C 119 -1.71 14.80 3.33
N GLY C 120 -1.80 15.13 4.62
CA GLY C 120 -1.17 16.34 5.13
C GLY C 120 0.33 16.25 5.28
N ASP C 121 0.87 17.02 6.22
CA ASP C 121 2.29 17.03 6.48
C ASP C 121 2.55 16.27 7.77
N LEU C 122 3.83 16.09 8.07
CA LEU C 122 4.25 15.42 9.29
C LEU C 122 4.98 16.46 10.13
N TYR C 123 4.61 16.57 11.40
CA TYR C 123 5.26 17.55 12.24
C TYR C 123 5.98 17.01 13.47
N ALA C 124 7.16 17.59 13.71
CA ALA C 124 7.96 17.23 14.87
C ALA C 124 7.63 18.27 15.91
N ASP C 125 6.99 17.83 16.98
CA ASP C 125 6.58 18.73 18.04
C ASP C 125 7.41 18.49 19.29
N ASP C 126 8.28 19.46 19.59
CA ASP C 126 9.13 19.38 20.77
C ASP C 126 8.86 20.56 21.69
N THR C 127 7.73 21.23 21.45
CA THR C 127 7.30 22.40 22.21
C THR C 127 7.19 22.22 23.73
N TRP C 128 7.21 20.97 24.19
CA TRP C 128 7.13 20.71 25.63
C TRP C 128 8.36 21.36 26.26
N PHE C 129 9.40 21.54 25.45
CA PHE C 129 10.62 22.17 25.91
C PHE C 129 10.88 23.42 25.09
N ASP C 130 11.79 24.23 25.63
CA ASP C 130 12.28 25.48 25.06
C ASP C 130 13.00 25.15 23.74
N SER C 131 13.10 26.10 22.83
CA SER C 131 13.83 25.84 21.61
C SER C 131 15.24 26.42 21.72
N GLU C 132 15.70 26.57 22.98
CA GLU C 132 17.05 27.05 23.25
C GLU C 132 17.81 25.73 23.25
N ARG C 133 18.57 25.50 22.19
CA ARG C 133 19.31 24.25 22.01
C ARG C 133 20.60 24.10 22.78
N LEU C 134 21.31 25.22 22.94
CA LEU C 134 22.61 25.21 23.62
C LEU C 134 22.70 26.27 24.69
N VAL C 135 23.44 25.95 25.75
CA VAL C 135 23.64 26.90 26.83
C VAL C 135 24.50 28.07 26.32
N ASP C 136 24.11 29.28 26.67
CA ASP C 136 24.81 30.49 26.23
C ASP C 136 26.33 30.45 26.24
N ASP C 137 26.93 29.99 27.34
CA ASP C 137 28.39 29.96 27.41
C ASP C 137 29.08 28.66 26.97
N TRP C 138 28.37 27.84 26.20
CA TRP C 138 28.96 26.61 25.66
C TRP C 138 29.74 27.06 24.43
N TRP C 139 30.82 26.36 24.12
CA TRP C 139 31.65 26.71 22.97
C TRP C 139 31.15 26.13 21.66
N PRO C 140 30.98 27.00 20.64
CA PRO C 140 30.50 26.60 19.31
C PRO C 140 31.40 25.50 18.73
N GLU C 141 32.68 25.55 19.11
CA GLU C 141 33.65 24.58 18.63
C GLU C 141 33.32 23.17 19.12
N ASP C 142 32.55 23.09 20.20
CA ASP C 142 32.17 21.80 20.76
C ASP C 142 30.94 21.18 20.09
N GLU C 143 30.09 22.04 19.53
CA GLU C 143 28.85 21.63 18.89
C GLU C 143 28.79 20.37 18.02
N PRO C 144 29.88 20.03 17.31
CA PRO C 144 29.82 18.82 16.49
C PRO C 144 29.81 17.51 17.27
N TYR C 145 30.20 17.54 18.54
CA TYR C 145 30.30 16.29 19.31
C TYR C 145 29.18 15.89 20.27
N ALA C 146 29.03 14.57 20.41
CA ALA C 146 27.99 13.97 21.26
C ALA C 146 27.77 14.65 22.62
N TYR C 147 28.86 15.02 23.29
CA TYR C 147 28.76 15.66 24.59
C TYR C 147 28.18 17.06 24.53
N SER C 148 27.91 17.56 23.32
CA SER C 148 27.33 18.89 23.18
C SER C 148 26.12 18.92 22.24
N ALA C 149 25.45 17.77 22.10
CA ALA C 149 24.27 17.72 21.25
C ALA C 149 23.23 18.73 21.74
N GLN C 150 22.46 19.27 20.80
CA GLN C 150 21.42 20.24 21.10
C GLN C 150 20.37 19.64 22.03
N ILE C 151 19.71 20.49 22.81
CA ILE C 151 18.68 20.03 23.74
C ILE C 151 17.28 20.22 23.17
N SER C 152 16.53 19.11 23.10
CA SER C 152 15.16 19.12 22.57
C SER C 152 14.24 18.14 23.32
N ALA C 153 12.97 18.50 23.44
CA ALA C 153 12.01 17.63 24.13
C ALA C 153 11.74 16.37 23.30
N LEU C 154 12.03 16.46 22.01
CA LEU C 154 11.82 15.35 21.08
C LEU C 154 13.17 15.04 20.46
N THR C 155 13.87 14.04 20.97
CA THR C 155 15.17 13.66 20.44
C THR C 155 15.39 12.14 20.42
N VAL C 156 16.03 11.66 19.36
CA VAL C 156 16.31 10.24 19.22
C VAL C 156 17.65 9.88 19.87
N ALA C 157 17.62 8.96 20.84
CA ALA C 157 18.82 8.52 21.56
C ALA C 157 19.49 7.35 20.82
N HIS C 158 20.80 7.26 20.92
CA HIS C 158 21.56 6.21 20.23
C HIS C 158 22.24 5.21 21.15
N GLY C 159 22.03 3.93 20.85
CA GLY C 159 22.63 2.85 21.63
C GLY C 159 22.18 2.65 23.06
N GLU C 160 22.81 1.70 23.72
CA GLU C 160 22.48 1.40 25.11
C GLU C 160 22.90 2.50 26.07
N ARG C 161 23.67 3.47 25.59
CA ARG C 161 24.13 4.60 26.42
C ARG C 161 23.23 5.82 26.18
N PHE C 162 22.35 5.66 25.19
CA PHE C 162 21.40 6.68 24.80
C PHE C 162 21.96 8.07 24.59
N ASP C 163 22.87 8.20 23.64
CA ASP C 163 23.40 9.51 23.35
C ASP C 163 22.35 10.12 22.45
N THR C 164 21.91 11.30 22.81
CA THR C 164 20.85 11.96 22.08
C THR C 164 21.31 12.89 20.95
N GLY C 165 20.35 13.30 20.14
CA GLY C 165 20.60 14.20 19.04
C GLY C 165 21.89 14.05 18.26
N VAL C 166 22.25 12.81 17.94
CA VAL C 166 23.46 12.53 17.18
C VAL C 166 23.13 11.45 16.15
N THR C 167 24.01 11.28 15.17
CA THR C 167 23.83 10.26 14.15
C THR C 167 25.18 9.53 14.01
N GLU C 168 25.14 8.27 13.60
CA GLU C 168 26.37 7.52 13.47
C GLU C 168 26.94 7.67 12.08
N VAL C 169 28.14 8.23 11.98
CA VAL C 169 28.79 8.42 10.70
C VAL C 169 29.79 7.29 10.49
N SER C 170 29.71 6.63 9.35
CA SER C 170 30.61 5.53 9.00
C SER C 170 31.45 5.96 7.81
N VAL C 171 32.75 5.72 7.87
CA VAL C 171 33.65 6.08 6.77
C VAL C 171 34.52 4.88 6.43
N THR C 172 34.45 4.42 5.20
CA THR C 172 35.22 3.25 4.78
C THR C 172 36.10 3.53 3.57
N PRO C 173 37.24 2.82 3.47
CA PRO C 173 38.15 3.03 2.34
C PRO C 173 37.77 2.29 1.07
N ALA C 174 37.95 2.97 -0.06
CA ALA C 174 37.71 2.37 -1.37
C ALA C 174 39.13 2.05 -1.79
N ALA C 175 39.41 2.08 -3.09
CA ALA C 175 40.78 1.79 -3.54
C ALA C 175 41.67 3.02 -3.29
N GLU C 176 42.98 2.79 -3.28
CA GLU C 176 43.96 3.84 -3.05
C GLU C 176 43.75 5.02 -4.02
N GLY C 177 43.68 6.23 -3.45
CA GLY C 177 43.49 7.44 -4.23
C GLY C 177 42.04 7.74 -4.52
N GLU C 178 41.17 6.76 -4.30
CA GLU C 178 39.74 6.94 -4.55
C GLU C 178 39.14 7.63 -3.34
N PRO C 179 38.11 8.48 -3.54
CA PRO C 179 37.54 9.13 -2.35
C PRO C 179 37.02 8.07 -1.38
N ALA C 180 36.98 8.41 -0.09
CA ALA C 180 36.47 7.48 0.91
C ALA C 180 34.94 7.46 0.84
N ASP C 181 34.34 6.32 1.18
CA ASP C 181 32.87 6.20 1.16
C ASP C 181 32.29 6.59 2.52
N VAL C 182 31.29 7.45 2.49
CA VAL C 182 30.67 7.94 3.71
C VAL C 182 29.18 7.64 3.88
N ASP C 183 28.84 7.03 5.00
CA ASP C 183 27.46 6.69 5.35
C ASP C 183 27.07 7.55 6.55
N LEU C 184 26.07 8.42 6.41
CA LEU C 184 25.68 9.28 7.51
C LEU C 184 24.83 8.63 8.60
N GLY C 185 24.46 7.36 8.42
CA GLY C 185 23.64 6.72 9.44
C GLY C 185 22.22 7.27 9.46
N ALA C 186 21.67 7.54 10.64
CA ALA C 186 20.31 8.07 10.76
C ALA C 186 20.09 9.36 9.98
N ALA C 187 21.09 10.23 9.94
CA ALA C 187 20.97 11.50 9.22
C ALA C 187 21.01 11.34 7.72
N GLU C 188 21.04 10.11 7.24
CA GLU C 188 21.06 9.90 5.80
C GLU C 188 19.78 10.53 5.23
N GLY C 189 19.95 11.45 4.29
CA GLY C 189 18.81 12.11 3.70
C GLY C 189 18.29 13.25 4.55
N TYR C 190 19.04 13.62 5.59
CA TYR C 190 18.64 14.71 6.46
C TYR C 190 19.72 15.77 6.60
N ALA C 191 20.96 15.36 6.81
CA ALA C 191 22.05 16.31 6.92
C ALA C 191 22.78 16.29 5.60
N GLU C 192 23.33 17.42 5.18
CA GLU C 192 24.06 17.49 3.91
C GLU C 192 25.40 16.79 4.11
N LEU C 193 26.03 16.37 3.01
CA LEU C 193 27.33 15.72 3.09
C LEU C 193 28.39 16.32 2.18
N ASP C 194 29.49 16.78 2.77
CA ASP C 194 30.59 17.36 2.00
C ASP C 194 31.74 16.39 2.21
N ASN C 195 31.77 15.35 1.40
CA ASN C 195 32.81 14.34 1.53
C ASN C 195 33.99 14.64 0.64
N ARG C 196 35.06 15.14 1.26
CA ARG C 196 36.27 15.46 0.52
C ARG C 196 37.45 14.62 1.00
N ALA C 197 37.15 13.54 1.72
CA ALA C 197 38.19 12.65 2.23
C ALA C 197 38.63 11.69 1.12
N VAL C 198 39.86 11.22 1.22
CA VAL C 198 40.40 10.31 0.24
C VAL C 198 40.86 9.02 0.91
N THR C 199 41.09 7.99 0.10
CA THR C 199 41.59 6.72 0.58
C THR C 199 43.06 6.82 0.23
N GLY C 200 43.94 6.70 1.23
CA GLY C 200 45.36 6.78 0.96
C GLY C 200 46.01 5.42 0.88
N ALA C 201 47.29 5.38 0.54
CA ALA C 201 48.02 4.12 0.44
C ALA C 201 47.80 3.29 1.69
N ALA C 202 47.83 1.97 1.54
CA ALA C 202 47.64 1.08 2.67
C ALA C 202 48.84 1.24 3.61
N GLY C 203 48.57 1.41 4.90
CA GLY C 203 49.65 1.59 5.86
C GLY C 203 50.06 3.04 6.09
N SER C 204 49.33 3.98 5.51
CA SER C 204 49.66 5.40 5.67
C SER C 204 48.93 5.97 6.88
N ALA C 205 49.29 7.18 7.26
CA ALA C 205 48.65 7.80 8.41
C ALA C 205 47.18 8.08 8.14
N ASN C 206 46.35 7.85 9.15
CA ASN C 206 44.92 8.12 9.04
C ASN C 206 44.74 9.55 9.51
N THR C 207 44.46 10.47 8.59
CA THR C 207 44.28 11.86 8.98
C THR C 207 42.81 12.22 8.78
N LEU C 208 41.95 11.21 8.78
CA LEU C 208 40.52 11.44 8.58
C LEU C 208 39.90 12.31 9.65
N VAL C 209 39.19 13.34 9.22
CA VAL C 209 38.50 14.29 10.09
C VAL C 209 37.00 14.33 9.72
N ILE C 210 36.13 14.14 10.70
CA ILE C 210 34.68 14.17 10.51
C ILE C 210 34.16 15.32 11.35
N ASP C 211 33.64 16.34 10.69
CA ASP C 211 33.18 17.52 11.40
C ASP C 211 31.79 17.98 10.99
N ARG C 212 31.28 18.97 11.70
CA ARG C 212 30.01 19.60 11.38
C ARG C 212 30.31 21.06 11.60
N PRO C 213 30.56 21.79 10.50
CA PRO C 213 30.86 23.22 10.54
C PRO C 213 29.78 23.95 11.31
N VAL C 214 30.21 24.94 12.07
CA VAL C 214 29.30 25.74 12.87
C VAL C 214 28.11 26.25 12.06
N GLY C 215 26.94 26.27 12.71
CA GLY C 215 25.74 26.76 12.06
C GLY C 215 25.35 26.12 10.74
N THR C 216 25.71 24.86 10.55
CA THR C 216 25.36 24.14 9.33
C THR C 216 24.81 22.79 9.78
N ASN C 217 24.16 22.09 8.87
CA ASN C 217 23.64 20.76 9.17
C ASN C 217 24.31 19.86 8.15
N THR C 218 25.60 20.12 7.95
CA THR C 218 26.40 19.38 6.99
C THR C 218 27.53 18.66 7.67
N ILE C 219 27.72 17.40 7.29
CA ILE C 219 28.80 16.60 7.83
C ILE C 219 29.86 16.65 6.76
N ALA C 220 30.97 17.32 7.08
CA ALA C 220 32.08 17.48 6.15
C ALA C 220 33.15 16.49 6.53
N VAL C 221 33.65 15.74 5.55
CA VAL C 221 34.68 14.75 5.82
C VAL C 221 35.97 15.04 5.06
N THR C 222 37.08 15.12 5.78
CA THR C 222 38.35 15.42 5.15
C THR C 222 39.45 14.51 5.64
N GLY C 223 40.65 14.73 5.13
CA GLY C 223 41.77 13.91 5.54
C GLY C 223 41.87 12.66 4.70
N SER C 224 42.79 11.80 5.08
CA SER C 224 43.03 10.56 4.37
C SER C 224 42.83 9.38 5.30
N LEU C 225 42.20 8.33 4.79
CA LEU C 225 41.95 7.08 5.52
C LEU C 225 42.70 6.03 4.70
N PRO C 226 43.60 5.26 5.33
CA PRO C 226 44.38 4.26 4.58
C PRO C 226 43.52 3.17 3.94
N ALA C 227 44.02 2.63 2.83
CA ALA C 227 43.30 1.60 2.07
C ALA C 227 43.08 0.33 2.86
N ASP C 228 43.92 0.07 3.85
CA ASP C 228 43.80 -1.16 4.64
C ASP C 228 43.17 -0.93 6.00
N ALA C 229 42.54 0.23 6.17
CA ALA C 229 41.92 0.56 7.44
C ALA C 229 40.55 -0.05 7.62
N ALA C 230 40.21 -0.33 8.87
CA ALA C 230 38.91 -0.87 9.22
C ALA C 230 38.02 0.35 9.15
N PRO C 231 36.72 0.18 8.99
CA PRO C 231 35.86 1.38 8.93
C PRO C 231 36.01 2.28 10.15
N VAL C 232 35.81 3.58 9.96
CA VAL C 232 35.88 4.52 11.06
C VAL C 232 34.42 4.84 11.40
N THR C 233 34.10 4.84 12.69
CA THR C 233 32.73 5.08 13.10
C THR C 233 32.71 6.07 14.25
N ALA C 234 32.11 7.23 14.01
CA ALA C 234 32.05 8.25 15.03
C ALA C 234 30.66 8.84 15.18
N LEU C 235 30.32 9.29 16.38
CA LEU C 235 29.02 9.91 16.65
C LEU C 235 29.14 11.42 16.48
N ARG C 236 28.26 11.99 15.66
CA ARG C 236 28.23 13.43 15.43
C ARG C 236 26.82 13.98 15.54
N THR C 237 26.71 15.20 16.06
CA THR C 237 25.43 15.87 16.25
C THR C 237 24.86 16.40 14.94
N VAL C 238 23.58 16.72 14.97
CA VAL C 238 22.90 17.29 13.80
C VAL C 238 22.22 18.55 14.32
N ASP C 239 21.80 19.42 13.42
CA ASP C 239 21.08 20.61 13.85
C ASP C 239 19.63 20.21 13.90
N GLU C 240 18.97 20.50 15.04
CA GLU C 240 17.57 20.20 15.25
C GLU C 240 17.23 18.72 15.44
N PRO C 241 17.51 18.18 16.63
CA PRO C 241 17.23 16.77 16.92
C PRO C 241 15.81 16.32 16.55
N ALA C 242 14.82 17.13 16.93
CA ALA C 242 13.44 16.79 16.65
C ALA C 242 13.20 16.60 15.15
N ALA C 243 13.73 17.51 14.33
CA ALA C 243 13.57 17.43 12.87
C ALA C 243 14.18 16.15 12.29
N LEU C 244 15.14 15.56 13.01
CA LEU C 244 15.75 14.30 12.59
C LEU C 244 14.82 13.18 13.02
N ALA C 245 14.22 13.37 14.19
CA ALA C 245 13.29 12.41 14.75
C ALA C 245 12.12 12.36 13.78
N GLY C 246 11.81 13.52 13.20
CA GLY C 246 10.73 13.61 12.25
C GLY C 246 11.10 12.91 10.97
N HIS C 247 12.36 13.01 10.59
CA HIS C 247 12.85 12.37 9.39
C HIS C 247 12.82 10.85 9.54
N LEU C 248 13.30 10.38 10.69
CA LEU C 248 13.35 8.96 10.94
C LEU C 248 11.94 8.37 10.99
N PHE C 249 11.14 8.88 11.90
CA PHE C 249 9.78 8.39 12.07
C PHE C 249 8.99 8.45 10.77
N GLU C 250 9.38 9.33 9.87
CA GLU C 250 8.68 9.42 8.59
C GLU C 250 9.07 8.19 7.78
N GLU C 251 10.32 7.77 7.92
CA GLU C 251 10.82 6.60 7.22
C GLU C 251 10.21 5.36 7.82
N ALA C 252 10.04 5.38 9.14
CA ALA C 252 9.47 4.25 9.87
C ALA C 252 8.04 3.93 9.41
N LEU C 253 7.21 4.97 9.28
CA LEU C 253 5.82 4.82 8.85
C LEU C 253 5.80 4.13 7.48
N GLU C 254 6.82 4.43 6.67
CA GLU C 254 6.96 3.88 5.34
C GLU C 254 7.24 2.38 5.41
N SER C 255 8.00 1.97 6.42
CA SER C 255 8.34 0.57 6.60
C SER C 255 7.13 -0.16 7.20
N ASN C 256 6.17 0.61 7.70
CA ASN C 256 4.99 0.04 8.29
C ASN C 256 3.73 0.30 7.46
N GLY C 257 3.91 0.47 6.15
CA GLY C 257 2.78 0.68 5.26
C GLY C 257 2.15 2.05 5.14
N VAL C 258 2.47 2.96 6.07
CA VAL C 258 1.88 4.29 6.02
C VAL C 258 2.57 5.12 4.93
N THR C 259 1.77 5.89 4.21
CA THR C 259 2.29 6.73 3.13
C THR C 259 2.20 8.19 3.53
N VAL C 260 3.28 8.93 3.31
CA VAL C 260 3.28 10.35 3.64
C VAL C 260 3.47 11.15 2.36
N LYS C 261 2.43 11.89 2.00
CA LYS C 261 2.42 12.71 0.79
C LYS C 261 2.98 14.10 1.09
N GLY C 262 2.76 14.57 2.32
CA GLY C 262 3.23 15.89 2.71
C GLY C 262 4.72 16.00 2.98
N ASP C 263 5.09 16.98 3.78
CA ASP C 263 6.48 17.21 4.11
C ASP C 263 6.70 16.96 5.60
N VAL C 264 7.96 16.97 6.01
CA VAL C 264 8.31 16.79 7.41
C VAL C 264 8.90 18.09 7.92
N GLY C 265 8.41 18.55 9.08
CA GLY C 265 8.91 19.79 9.65
C GLY C 265 8.69 19.88 11.15
N LEU C 266 8.95 21.05 11.73
CA LEU C 266 8.76 21.27 13.15
C LEU C 266 7.44 21.98 13.36
N GLY C 267 6.81 21.72 14.50
CA GLY C 267 5.54 22.35 14.79
C GLY C 267 4.79 21.64 15.90
N GLY C 268 4.06 22.43 16.70
CA GLY C 268 3.28 21.89 17.79
C GLY C 268 1.84 21.67 17.34
N VAL C 269 1.14 20.79 18.05
CA VAL C 269 -0.25 20.53 17.71
C VAL C 269 -0.99 21.85 17.63
N PRO C 270 -1.83 22.02 16.59
CA PRO C 270 -2.60 23.24 16.36
C PRO C 270 -3.34 23.89 17.55
N ALA C 271 -3.72 23.08 18.54
CA ALA C 271 -4.44 23.59 19.71
C ALA C 271 -5.85 23.98 19.28
N ASP C 272 -5.95 24.42 18.04
CA ASP C 272 -7.23 24.81 17.45
C ASP C 272 -7.95 23.48 17.26
N TRP C 273 -7.18 22.40 17.38
CA TRP C 273 -7.70 21.04 17.27
C TRP C 273 -8.53 20.80 18.53
N GLN C 274 -9.85 20.80 18.39
CA GLN C 274 -10.76 20.62 19.52
C GLN C 274 -10.51 19.32 20.28
N ASP C 275 -10.42 18.23 19.55
CA ASP C 275 -10.18 16.92 20.15
C ASP C 275 -9.18 16.18 19.28
N ALA C 276 -7.97 15.97 19.81
CA ALA C 276 -6.92 15.27 19.08
C ALA C 276 -6.95 13.78 19.35
N GLU C 277 -6.76 13.00 18.29
CA GLU C 277 -6.75 11.54 18.37
C GLU C 277 -5.33 10.99 18.47
N VAL C 278 -5.04 10.35 19.61
CA VAL C 278 -3.73 9.76 19.85
C VAL C 278 -3.68 8.39 19.17
N LEU C 279 -2.84 8.27 18.15
CA LEU C 279 -2.71 7.03 17.40
C LEU C 279 -1.64 6.09 17.95
N ALA C 280 -0.53 6.65 18.43
CA ALA C 280 0.55 5.85 18.98
C ALA C 280 1.27 6.59 20.10
N ASP C 281 1.80 5.84 21.07
CA ASP C 281 2.52 6.44 22.18
C ASP C 281 3.58 5.49 22.70
N HIS C 282 4.44 6.01 23.59
CA HIS C 282 5.50 5.21 24.17
C HIS C 282 5.79 5.74 25.56
N THR C 283 6.16 4.85 26.47
CA THR C 283 6.50 5.23 27.82
C THR C 283 7.89 4.71 28.12
N SER C 284 8.79 5.62 28.48
CA SER C 284 10.17 5.26 28.80
C SER C 284 10.21 4.48 30.11
N ALA C 285 11.39 3.96 30.43
CA ALA C 285 11.57 3.24 31.68
C ALA C 285 11.50 4.29 32.77
N GLU C 286 11.52 3.85 34.02
CA GLU C 286 11.46 4.78 35.15
C GLU C 286 12.78 5.53 35.30
N LEU C 287 12.75 6.65 36.01
CA LEU C 287 13.93 7.48 36.21
C LEU C 287 15.06 6.75 36.96
N SER C 288 14.70 5.94 37.94
CA SER C 288 15.71 5.21 38.70
C SER C 288 16.57 4.32 37.78
N GLU C 289 16.00 3.95 36.63
CA GLU C 289 16.69 3.10 35.67
C GLU C 289 17.51 3.93 34.70
N ILE C 290 16.93 5.05 34.28
CA ILE C 290 17.56 5.96 33.34
C ILE C 290 18.83 6.53 33.98
N LEU C 291 18.85 6.60 35.31
CA LEU C 291 20.01 7.12 36.04
C LEU C 291 21.28 6.33 35.82
N VAL C 292 21.16 5.09 35.37
CA VAL C 292 22.34 4.26 35.16
C VAL C 292 23.15 4.72 33.95
N PRO C 293 22.56 4.64 32.74
CA PRO C 293 23.36 5.10 31.59
C PRO C 293 23.77 6.56 31.80
N PHE C 294 22.86 7.33 32.39
CA PHE C 294 23.09 8.75 32.68
C PHE C 294 24.34 9.03 33.53
N MET C 295 24.34 8.53 34.76
CA MET C 295 25.44 8.77 35.69
C MET C 295 26.71 7.95 35.46
N LYS C 296 26.56 6.74 34.91
CA LYS C 296 27.72 5.91 34.66
C LYS C 296 28.62 6.50 33.57
N PHE C 297 28.00 7.01 32.50
CA PHE C 297 28.76 7.57 31.39
C PHE C 297 28.77 9.11 31.32
N SER C 298 28.07 9.74 32.28
CA SER C 298 28.00 11.19 32.37
C SER C 298 27.39 11.85 31.12
N ASN C 299 26.19 11.41 30.79
CA ASN C 299 25.50 11.91 29.61
C ASN C 299 25.02 13.35 29.85
N ASN C 300 25.58 14.30 29.10
CA ASN C 300 25.18 15.70 29.24
C ASN C 300 23.76 15.96 28.71
N GLY C 301 23.42 15.30 27.60
CA GLY C 301 22.09 15.48 27.03
C GLY C 301 21.05 15.15 28.08
N HIS C 302 21.26 14.02 28.74
CA HIS C 302 20.40 13.51 29.79
C HIS C 302 20.20 14.53 30.91
N ALA C 303 21.31 15.09 31.39
CA ALA C 303 21.25 16.06 32.48
C ALA C 303 20.53 17.35 32.08
N GLU C 304 20.77 17.81 30.85
CA GLU C 304 20.13 19.03 30.37
C GLU C 304 18.64 18.85 30.18
N MET C 305 18.22 17.69 29.70
CA MET C 305 16.80 17.42 29.49
C MET C 305 16.07 17.30 30.83
N LEU C 306 16.76 16.76 31.83
CA LEU C 306 16.15 16.63 33.15
C LEU C 306 15.81 18.02 33.69
N VAL C 307 16.81 18.92 33.70
CA VAL C 307 16.60 20.28 34.17
C VAL C 307 15.35 20.93 33.56
N LYS C 308 15.13 20.73 32.26
CA LYS C 308 13.96 21.30 31.61
C LYS C 308 12.68 20.57 31.98
N SER C 309 12.79 19.29 32.30
CA SER C 309 11.64 18.50 32.72
C SER C 309 11.28 18.96 34.13
N ILE C 310 12.30 19.35 34.89
CA ILE C 310 12.10 19.85 36.25
C ILE C 310 11.36 21.19 36.14
N GLY C 311 11.74 21.96 35.13
CA GLY C 311 11.12 23.25 34.91
C GLY C 311 9.62 23.09 34.67
N GLN C 312 9.25 21.99 34.02
CA GLN C 312 7.85 21.69 33.72
C GLN C 312 7.10 21.25 34.96
N GLU C 313 7.78 20.54 35.86
CA GLU C 313 7.15 20.06 37.08
C GLU C 313 7.08 21.14 38.14
N THR C 314 8.02 22.08 38.07
CA THR C 314 8.08 23.17 39.04
C THR C 314 7.19 24.34 38.67
N ALA C 315 7.56 25.02 37.59
CA ALA C 315 6.82 26.19 37.11
C ALA C 315 6.07 25.87 35.82
N GLY C 316 6.10 24.61 35.41
CA GLY C 316 5.42 24.27 34.18
C GLY C 316 6.05 24.96 32.99
N ALA C 317 7.38 25.00 32.97
CA ALA C 317 8.11 25.64 31.89
C ALA C 317 9.34 24.82 31.54
N GLY C 318 9.40 24.30 30.32
CA GLY C 318 10.53 23.50 29.91
C GLY C 318 11.71 24.37 29.52
N THR C 319 12.36 24.97 30.52
CA THR C 319 13.49 25.86 30.25
C THR C 319 14.56 25.78 31.31
N TRP C 320 15.77 26.20 30.92
CA TRP C 320 16.91 26.21 31.80
C TRP C 320 16.64 27.13 32.99
N ASP C 321 16.10 28.33 32.73
CA ASP C 321 15.83 29.27 33.81
C ASP C 321 14.96 28.65 34.90
N ALA C 322 13.77 28.19 34.51
CA ALA C 322 12.84 27.56 35.45
C ALA C 322 13.47 26.32 36.06
N GLY C 323 14.04 25.49 35.18
CA GLY C 323 14.67 24.25 35.61
C GLY C 323 15.71 24.41 36.69
N LEU C 324 16.70 25.27 36.45
CA LEU C 324 17.76 25.49 37.42
C LEU C 324 17.23 25.97 38.78
N VAL C 325 16.16 26.76 38.75
CA VAL C 325 15.56 27.23 40.00
C VAL C 325 15.05 25.99 40.74
N GLY C 326 14.19 25.22 40.09
CA GLY C 326 13.64 24.03 40.71
C GLY C 326 14.74 23.14 41.24
N VAL C 327 15.86 23.11 40.52
CA VAL C 327 17.01 22.32 40.93
C VAL C 327 17.48 22.91 42.23
N GLU C 328 17.80 24.19 42.19
CA GLU C 328 18.27 24.89 43.35
C GLU C 328 17.32 24.64 44.55
N GLU C 329 16.02 24.79 44.32
CA GLU C 329 15.04 24.59 45.39
C GLU C 329 14.97 23.17 45.93
N ALA C 330 15.02 22.17 45.05
CA ALA C 330 14.97 20.79 45.49
C ALA C 330 16.14 20.52 46.41
N LEU C 331 17.31 21.04 46.04
CA LEU C 331 18.53 20.85 46.83
C LEU C 331 18.39 21.47 48.21
N SER C 332 17.76 22.63 48.28
CA SER C 332 17.56 23.30 49.56
C SER C 332 16.53 22.49 50.36
N GLY C 333 15.47 22.05 49.69
CA GLY C 333 14.44 21.27 50.36
C GLY C 333 14.98 19.95 50.86
N LEU C 334 16.07 19.48 50.27
CA LEU C 334 16.65 18.21 50.69
C LEU C 334 17.55 18.45 51.89
N GLY C 335 17.70 19.73 52.25
CA GLY C 335 18.53 20.08 53.39
C GLY C 335 19.96 20.43 53.02
N VAL C 336 20.13 21.04 51.86
CA VAL C 336 21.46 21.41 51.38
C VAL C 336 21.54 22.91 51.17
N ASP C 337 22.40 23.57 51.94
CA ASP C 337 22.58 25.01 51.81
C ASP C 337 23.26 25.25 50.47
N THR C 338 22.58 25.99 49.59
CA THR C 338 23.11 26.25 48.27
C THR C 338 23.72 27.64 48.14
N ALA C 339 24.26 28.16 49.23
CA ALA C 339 24.86 29.48 49.24
C ALA C 339 25.99 29.62 48.22
N GLY C 340 26.94 28.69 48.25
CA GLY C 340 28.08 28.77 47.34
C GLY C 340 27.87 28.27 45.91
N LEU C 341 26.68 27.80 45.58
CA LEU C 341 26.40 27.28 44.25
C LEU C 341 25.97 28.34 43.26
N VAL C 342 26.27 28.08 41.99
CA VAL C 342 25.89 28.97 40.91
C VAL C 342 25.56 27.97 39.81
N LEU C 343 24.28 27.86 39.48
CA LEU C 343 23.88 26.90 38.48
C LEU C 343 23.67 27.53 37.10
N ASN C 344 24.37 27.00 36.10
CA ASN C 344 24.19 27.54 34.76
C ASN C 344 23.76 26.44 33.80
N ASP C 345 23.84 25.20 34.26
CA ASP C 345 23.43 24.05 33.45
C ASP C 345 23.34 22.76 34.27
N GLY C 346 22.79 21.71 33.66
CA GLY C 346 22.64 20.46 34.38
C GLY C 346 23.77 19.47 34.25
N SER C 347 24.44 19.47 33.10
CA SER C 347 25.51 18.52 32.86
C SER C 347 26.86 18.85 33.49
N GLY C 348 27.16 20.14 33.63
CA GLY C 348 28.45 20.52 34.18
C GLY C 348 29.37 20.97 33.06
N LEU C 349 28.95 20.74 31.83
CA LEU C 349 29.73 21.13 30.66
C LEU C 349 30.08 22.63 30.65
N SER C 350 29.17 23.45 31.17
CA SER C 350 29.38 24.90 31.19
C SER C 350 30.41 25.40 32.19
N ARG C 351 31.16 26.42 31.78
CA ARG C 351 32.17 27.01 32.63
C ARG C 351 31.59 28.08 33.53
N GLY C 352 30.26 28.18 33.56
CA GLY C 352 29.62 29.17 34.40
C GLY C 352 29.12 28.55 35.69
N ASN C 353 29.33 27.25 35.86
CA ASN C 353 28.89 26.54 37.06
C ASN C 353 29.91 26.64 38.18
N LEU C 354 29.44 26.77 39.41
CA LEU C 354 30.34 26.85 40.56
C LEU C 354 29.79 26.12 41.78
N VAL C 355 30.67 25.41 42.49
CA VAL C 355 30.28 24.69 43.71
C VAL C 355 31.44 24.78 44.70
N THR C 356 31.41 23.93 45.72
CA THR C 356 32.49 23.89 46.71
C THR C 356 32.47 22.47 47.26
N ALA C 357 33.63 21.98 47.68
CA ALA C 357 33.74 20.63 48.23
C ALA C 357 32.73 20.44 49.37
N ASP C 358 32.57 21.46 50.21
CA ASP C 358 31.62 21.40 51.32
C ASP C 358 30.23 21.09 50.78
N THR C 359 29.82 21.85 49.78
CA THR C 359 28.50 21.70 49.19
C THR C 359 28.30 20.33 48.58
N VAL C 360 29.35 19.79 47.98
CA VAL C 360 29.28 18.48 47.36
C VAL C 360 29.15 17.39 48.43
N VAL C 361 29.93 17.52 49.50
CA VAL C 361 29.91 16.55 50.58
C VAL C 361 28.59 16.65 51.32
N ASP C 362 28.01 17.84 51.34
CA ASP C 362 26.74 18.05 52.01
C ASP C 362 25.66 17.28 51.25
N LEU C 363 25.60 17.49 49.93
CA LEU C 363 24.61 16.80 49.10
C LEU C 363 24.81 15.29 49.20
N LEU C 364 26.07 14.87 49.26
CA LEU C 364 26.36 13.45 49.38
C LEU C 364 25.82 12.92 50.69
N GLY C 365 25.70 13.81 51.68
CA GLY C 365 25.18 13.43 52.99
C GLY C 365 23.67 13.35 53.03
N GLN C 366 23.01 14.36 52.47
CA GLN C 366 21.56 14.39 52.45
C GLN C 366 21.04 13.27 51.56
N ALA C 367 21.76 12.97 50.49
CA ALA C 367 21.36 11.94 49.54
C ALA C 367 21.43 10.53 50.13
N GLY C 368 22.49 10.25 50.87
CA GLY C 368 22.66 8.93 51.45
C GLY C 368 21.64 8.60 52.53
N SER C 369 20.70 9.51 52.77
CA SER C 369 19.67 9.28 53.79
C SER C 369 18.28 9.62 53.29
N ALA C 370 18.11 9.62 51.97
CA ALA C 370 16.82 9.91 51.34
C ALA C 370 16.13 8.62 50.89
N PRO C 371 14.81 8.68 50.62
CA PRO C 371 14.07 7.50 50.18
C PRO C 371 14.65 6.82 48.94
N TRP C 372 15.21 7.62 48.03
CA TRP C 372 15.78 7.09 46.80
C TRP C 372 17.26 6.77 46.85
N ALA C 373 17.88 7.03 48.00
CA ALA C 373 19.32 6.78 48.19
C ALA C 373 19.90 5.56 47.48
N GLN C 374 19.12 4.48 47.43
CA GLN C 374 19.61 3.25 46.82
C GLN C 374 19.71 3.30 45.29
N THR C 375 18.68 3.82 44.65
CA THR C 375 18.67 3.93 43.20
C THR C 375 19.64 5.05 42.80
N TRP C 376 19.97 5.91 43.76
CA TRP C 376 20.88 7.01 43.53
C TRP C 376 22.32 6.49 43.44
N SER C 377 22.75 5.78 44.47
CA SER C 377 24.11 5.25 44.53
C SER C 377 24.43 4.26 43.41
N ALA C 378 23.52 3.33 43.16
CA ALA C 378 23.71 2.30 42.13
C ALA C 378 24.05 2.89 40.77
N SER C 379 23.61 4.12 40.52
CA SER C 379 23.88 4.77 39.25
C SER C 379 25.30 5.30 39.20
N LEU C 380 25.90 5.52 40.37
CA LEU C 380 27.27 6.03 40.39
C LEU C 380 28.27 5.01 39.90
N PRO C 381 29.35 5.48 39.26
CA PRO C 381 30.37 4.56 38.76
C PRO C 381 31.05 3.83 39.93
N VAL C 382 31.36 2.54 39.75
CA VAL C 382 32.06 1.78 40.78
C VAL C 382 33.50 1.57 40.31
N ALA C 383 34.46 2.03 41.11
CA ALA C 383 35.87 1.92 40.79
C ALA C 383 36.31 0.52 40.41
N GLY C 384 37.32 0.45 39.53
CA GLY C 384 37.85 -0.82 39.09
C GLY C 384 36.90 -1.91 38.61
N GLU C 385 35.84 -1.53 37.90
CA GLU C 385 34.91 -2.55 37.38
C GLU C 385 34.88 -2.50 35.85
N SER C 386 35.58 -3.45 35.23
CA SER C 386 35.67 -3.54 33.79
C SER C 386 34.31 -3.45 33.07
N ASP C 387 33.24 -3.84 33.74
CA ASP C 387 31.91 -3.75 33.13
C ASP C 387 31.59 -2.26 33.02
N PRO C 388 31.32 -1.76 31.80
CA PRO C 388 31.01 -0.35 31.62
C PRO C 388 29.79 0.14 32.40
N PHE C 389 28.77 -0.70 32.50
CA PHE C 389 27.56 -0.30 33.22
C PHE C 389 27.68 -0.42 34.75
N VAL C 390 28.83 -0.86 35.22
CA VAL C 390 29.06 -0.96 36.65
C VAL C 390 30.17 0.02 37.03
N GLY C 391 31.31 -0.10 36.34
CA GLY C 391 32.45 0.76 36.61
C GLY C 391 32.33 2.16 36.03
N GLY C 392 31.56 2.30 34.95
CA GLY C 392 31.39 3.60 34.31
C GLY C 392 32.71 4.25 33.95
N THR C 393 32.82 5.54 34.26
CA THR C 393 34.03 6.28 33.96
C THR C 393 35.12 6.01 34.97
N LEU C 394 34.89 5.03 35.84
CA LEU C 394 35.90 4.65 36.83
C LEU C 394 36.35 3.22 36.55
N ALA C 395 35.98 2.73 35.38
CA ALA C 395 36.30 1.37 34.95
C ALA C 395 37.77 0.99 34.82
N ASN C 396 38.60 1.92 34.33
CA ASN C 396 40.02 1.64 34.13
C ASN C 396 40.88 2.27 35.23
N ARG C 397 40.24 2.78 36.27
CA ARG C 397 40.98 3.40 37.36
C ARG C 397 40.83 2.60 38.64
N MET C 398 41.86 2.67 39.48
CA MET C 398 41.88 2.01 40.78
C MET C 398 41.75 0.48 40.82
N ARG C 399 41.88 -0.18 39.68
CA ARG C 399 41.81 -1.64 39.65
C ARG C 399 43.03 -2.15 40.44
N GLY C 400 42.82 -3.17 41.27
CA GLY C 400 43.92 -3.73 42.05
C GLY C 400 44.29 -2.92 43.28
N THR C 401 43.38 -2.06 43.73
CA THR C 401 43.63 -1.25 44.92
C THR C 401 42.53 -1.57 45.91
N ALA C 402 42.64 -1.02 47.11
CA ALA C 402 41.64 -1.25 48.14
C ALA C 402 40.30 -0.66 47.72
N ALA C 403 40.32 0.22 46.72
CA ALA C 403 39.10 0.86 46.23
C ALA C 403 38.33 0.05 45.18
N GLU C 404 39.01 -0.88 44.52
CA GLU C 404 38.38 -1.71 43.49
C GLU C 404 37.10 -2.36 44.00
N GLY C 405 36.00 -2.09 43.30
CA GLY C 405 34.72 -2.66 43.66
C GLY C 405 34.07 -2.01 44.88
N VAL C 406 34.66 -0.93 45.38
CA VAL C 406 34.12 -0.27 46.57
C VAL C 406 33.63 1.16 46.31
N VAL C 407 34.57 2.09 46.21
CA VAL C 407 34.29 3.51 45.99
C VAL C 407 33.19 3.74 44.94
N GLU C 408 32.28 4.68 45.23
CA GLU C 408 31.19 5.04 44.33
C GLU C 408 31.17 6.54 44.12
N ALA C 409 32.02 7.04 43.22
CA ALA C 409 32.08 8.47 42.97
C ALA C 409 31.74 8.87 41.53
N LYS C 410 31.50 10.17 41.33
CA LYS C 410 31.19 10.73 40.02
C LYS C 410 32.41 11.47 39.49
N THR C 411 32.73 11.28 38.21
CA THR C 411 33.88 11.95 37.60
C THR C 411 33.46 13.25 36.93
N GLY C 412 34.44 13.97 36.40
CA GLY C 412 34.14 15.23 35.75
C GLY C 412 35.41 15.74 35.12
N THR C 413 35.31 16.18 33.88
CA THR C 413 36.48 16.67 33.18
C THR C 413 36.24 17.83 32.22
N MET C 414 37.07 18.85 32.36
CA MET C 414 37.04 20.05 31.50
C MET C 414 38.51 20.39 31.35
N SER C 415 38.82 21.46 30.63
CA SER C 415 40.22 21.84 30.52
C SER C 415 40.53 22.55 31.84
N GLY C 416 41.58 22.11 32.51
CA GLY C 416 41.99 22.72 33.76
C GLY C 416 41.01 22.51 34.89
N VAL C 417 40.15 21.49 34.76
CA VAL C 417 39.15 21.16 35.76
C VAL C 417 38.93 19.65 35.84
N SER C 418 39.02 19.11 37.04
CA SER C 418 38.84 17.68 37.25
C SER C 418 38.20 17.44 38.62
N ALA C 419 37.34 16.44 38.73
CA ALA C 419 36.67 16.16 40.00
C ALA C 419 36.40 14.67 40.22
N LEU C 420 36.19 14.31 41.49
CA LEU C 420 35.88 12.94 41.89
C LEU C 420 35.18 13.03 43.24
N SER C 421 33.87 12.80 43.26
CA SER C 421 33.09 12.88 44.50
C SER C 421 32.21 11.65 44.69
N GLY C 422 32.20 11.09 45.89
CA GLY C 422 31.37 9.91 46.13
C GLY C 422 31.36 9.34 47.53
N TYR C 423 31.37 8.01 47.59
CA TYR C 423 31.34 7.28 48.86
C TYR C 423 32.43 6.22 48.99
N VAL C 424 32.71 5.85 50.23
CA VAL C 424 33.68 4.81 50.55
C VAL C 424 33.02 3.96 51.65
N PRO C 425 32.08 3.10 51.26
CA PRO C 425 31.38 2.23 52.22
C PRO C 425 32.33 1.20 52.83
N GLY C 426 32.06 0.83 54.09
CA GLY C 426 32.88 -0.14 54.77
C GLY C 426 32.32 -0.52 56.13
N PRO C 427 32.87 -1.55 56.78
CA PRO C 427 32.37 -1.95 58.10
C PRO C 427 32.59 -0.84 59.12
N GLU C 428 33.75 -0.21 59.04
CA GLU C 428 34.11 0.89 59.94
C GLU C 428 33.00 1.94 59.86
N GLY C 429 32.67 2.34 58.64
CA GLY C 429 31.63 3.33 58.44
C GLY C 429 31.34 3.61 56.96
N GLU C 430 30.58 4.68 56.71
CA GLU C 430 30.22 5.10 55.37
C GLU C 430 30.84 6.47 55.13
N LEU C 431 31.99 6.49 54.45
CA LEU C 431 32.68 7.75 54.18
C LEU C 431 32.18 8.45 52.93
N ALA C 432 32.20 9.77 52.95
CA ALA C 432 31.77 10.59 51.82
C ALA C 432 32.93 11.55 51.53
N PHE C 433 33.11 11.94 50.27
CA PHE C 433 34.21 12.84 49.92
C PHE C 433 33.97 13.60 48.61
N SER C 434 34.76 14.64 48.40
CA SER C 434 34.64 15.44 47.19
C SER C 434 35.96 16.12 46.84
N ILE C 435 36.65 15.62 45.81
CA ILE C 435 37.91 16.20 45.38
C ILE C 435 37.63 17.00 44.12
N VAL C 436 38.00 18.27 44.13
CA VAL C 436 37.79 19.14 42.99
C VAL C 436 39.06 19.90 42.64
N ASN C 437 39.53 19.74 41.42
CA ASN C 437 40.75 20.38 40.94
C ASN C 437 40.52 21.44 39.88
N ASN C 438 40.92 22.66 40.20
CA ASN C 438 40.79 23.79 39.29
C ASN C 438 42.18 24.41 39.13
N GLY C 439 42.53 24.77 37.90
CA GLY C 439 43.81 25.43 37.68
C GLY C 439 45.09 24.66 37.41
N HIS C 440 45.04 23.34 37.30
CA HIS C 440 46.27 22.61 37.01
C HIS C 440 46.65 22.90 35.54
N SER C 441 47.93 22.82 35.21
CA SER C 441 48.40 23.10 33.85
C SER C 441 48.47 21.93 32.88
N GLY C 442 48.48 20.69 33.41
CA GLY C 442 48.57 19.51 32.56
C GLY C 442 47.32 18.65 32.44
N PRO C 443 47.48 17.34 32.17
CA PRO C 443 46.34 16.43 32.05
C PRO C 443 45.63 16.31 33.39
N ALA C 444 44.42 15.78 33.39
CA ALA C 444 43.65 15.60 34.61
C ALA C 444 44.47 14.84 35.65
N PRO C 445 44.52 15.34 36.90
CA PRO C 445 45.27 14.68 37.97
C PRO C 445 44.52 13.45 38.49
N LEU C 446 44.29 12.51 37.59
CA LEU C 446 43.57 11.28 37.93
C LEU C 446 44.34 10.43 38.93
N ALA C 447 45.67 10.53 38.91
CA ALA C 447 46.51 9.77 39.81
C ALA C 447 46.36 10.24 41.25
N VAL C 448 46.20 11.54 41.42
CA VAL C 448 46.05 12.13 42.74
C VAL C 448 44.70 11.65 43.26
N GLN C 449 43.64 12.02 42.56
CA GLN C 449 42.28 11.62 42.92
C GLN C 449 42.23 10.14 43.30
N ASP C 450 42.84 9.31 42.47
CA ASP C 450 42.89 7.86 42.70
C ASP C 450 43.60 7.59 44.03
N ALA C 451 44.78 8.18 44.21
CA ALA C 451 45.56 8.00 45.42
C ALA C 451 44.73 8.22 46.69
N ILE C 452 44.02 9.34 46.74
CA ILE C 452 43.19 9.68 47.89
C ILE C 452 42.11 8.63 48.16
N ALA C 453 41.23 8.45 47.19
CA ALA C 453 40.13 7.50 47.31
C ALA C 453 40.61 6.16 47.86
N VAL C 454 41.70 5.65 47.31
CA VAL C 454 42.26 4.37 47.74
C VAL C 454 42.67 4.42 49.21
N ARG C 455 43.19 5.56 49.65
CA ARG C 455 43.62 5.75 51.03
C ARG C 455 42.39 5.67 51.93
N LEU C 456 41.31 6.32 51.51
CA LEU C 456 40.07 6.30 52.27
C LEU C 456 39.53 4.88 52.37
N ALA C 457 39.69 4.10 51.30
CA ALA C 457 39.21 2.72 51.27
C ALA C 457 39.89 1.84 52.31
N GLU C 458 41.22 1.96 52.41
CA GLU C 458 41.99 1.17 53.38
C GLU C 458 41.56 1.62 54.78
N TYR C 459 41.45 2.93 54.94
CA TYR C 459 41.02 3.53 56.20
C TYR C 459 39.70 2.88 56.61
N ALA C 460 38.75 2.89 55.68
CA ALA C 460 37.43 2.30 55.90
C ALA C 460 37.49 0.78 56.03
N GLY C 461 38.70 0.24 56.15
CA GLY C 461 38.85 -1.20 56.28
C GLY C 461 38.58 -1.96 55.00
N HIS C 462 39.53 -1.89 54.07
CA HIS C 462 39.44 -2.58 52.78
C HIS C 462 40.85 -2.95 52.33
N GLN C 463 41.00 -4.17 51.81
CA GLN C 463 42.29 -4.65 51.34
C GLN C 463 42.26 -4.95 49.84
N ALA C 464 43.41 -4.81 49.20
CA ALA C 464 43.54 -5.09 47.77
C ALA C 464 43.19 -6.55 47.51
N PRO C 465 42.03 -6.82 46.88
CA PRO C 465 41.61 -8.20 46.57
C PRO C 465 42.56 -8.89 45.61
N GLU C 466 42.23 -9.99 45.13
N ARG D 1 18.89 -26.53 -5.94
CA ARG D 1 19.59 -26.90 -4.66
C ARG D 1 18.59 -27.26 -3.56
N LEU D 2 17.43 -26.62 -3.59
CA LEU D 2 16.40 -26.87 -2.59
C LEU D 2 15.99 -28.34 -2.58
N THR D 3 15.70 -28.90 -3.76
CA THR D 3 15.30 -30.30 -3.83
C THR D 3 16.44 -31.25 -3.45
N GLU D 4 17.66 -30.95 -3.87
CA GLU D 4 18.78 -31.82 -3.51
C GLU D 4 19.02 -31.84 -2.01
N LEU D 5 18.51 -30.82 -1.33
CA LEU D 5 18.64 -30.70 0.12
C LEU D 5 17.61 -31.64 0.73
N ARG D 6 16.45 -31.68 0.11
CA ARG D 6 15.36 -32.52 0.57
C ARG D 6 15.75 -33.98 0.40
N GLU D 7 16.37 -34.29 -0.72
CA GLU D 7 16.82 -35.65 -1.02
C GLU D 7 17.85 -36.09 0.00
N ASP D 8 18.75 -35.18 0.36
CA ASP D 8 19.81 -35.49 1.30
C ASP D 8 19.28 -35.73 2.72
N ILE D 9 18.31 -34.93 3.15
CA ILE D 9 17.74 -35.09 4.48
C ILE D 9 16.92 -36.38 4.55
N ASP D 10 16.15 -36.64 3.50
CA ASP D 10 15.33 -37.86 3.45
C ASP D 10 16.23 -39.07 3.63
N ALA D 11 17.36 -39.06 2.92
CA ALA D 11 18.30 -40.16 3.01
C ALA D 11 18.82 -40.24 4.44
N ILE D 12 19.15 -39.09 5.03
CA ILE D 12 19.66 -39.06 6.41
C ILE D 12 18.66 -39.73 7.35
N LEU D 13 17.39 -39.38 7.20
CA LEU D 13 16.34 -39.92 8.05
C LEU D 13 16.00 -41.39 7.82
N GLU D 14 16.82 -42.07 7.03
CA GLU D 14 16.60 -43.48 6.76
C GLU D 14 17.50 -44.30 7.67
N ASP D 15 18.32 -43.61 8.46
CA ASP D 15 19.25 -44.27 9.36
C ASP D 15 18.57 -45.29 10.27
N PRO D 16 19.13 -46.50 10.37
CA PRO D 16 18.59 -47.57 11.22
C PRO D 16 18.44 -47.14 12.67
N ALA D 17 19.13 -46.05 13.02
CA ALA D 17 19.07 -45.51 14.36
C ALA D 17 17.67 -45.00 14.68
N LEU D 18 16.96 -44.57 13.64
CA LEU D 18 15.62 -44.05 13.82
C LEU D 18 14.55 -45.11 13.69
N GLU D 19 14.94 -46.37 13.85
CA GLU D 19 13.99 -47.47 13.73
C GLU D 19 12.89 -47.41 14.79
N GLY D 20 11.65 -47.39 14.34
CA GLY D 20 10.54 -47.34 15.26
C GLY D 20 10.37 -45.98 15.90
N ALA D 21 11.11 -45.00 15.39
CA ALA D 21 11.04 -43.65 15.94
C ALA D 21 10.31 -42.66 15.04
N VAL D 22 9.61 -41.73 15.67
CA VAL D 22 8.89 -40.70 14.96
C VAL D 22 9.74 -39.43 15.06
N SER D 23 9.92 -38.73 13.95
CA SER D 23 10.74 -37.53 13.99
C SER D 23 10.11 -36.32 13.33
N GLY D 24 10.02 -35.25 14.11
CA GLY D 24 9.49 -34.01 13.59
C GLY D 24 10.67 -33.21 13.10
N VAL D 25 10.74 -33.02 11.78
CA VAL D 25 11.83 -32.27 11.19
C VAL D 25 11.24 -31.12 10.36
N VAL D 26 11.59 -29.89 10.70
CA VAL D 26 11.07 -28.73 10.00
C VAL D 26 12.13 -27.65 9.80
N VAL D 27 12.40 -27.31 8.55
CA VAL D 27 13.39 -26.28 8.22
C VAL D 27 12.73 -25.11 7.49
N VAL D 28 12.95 -23.89 8.00
CA VAL D 28 12.37 -22.70 7.40
C VAL D 28 13.43 -21.63 7.16
N ASP D 29 13.13 -20.70 6.25
CA ASP D 29 14.03 -19.62 5.94
C ASP D 29 13.56 -18.36 6.65
N THR D 30 14.24 -18.01 7.74
CA THR D 30 13.90 -16.84 8.54
C THR D 30 13.51 -15.62 7.71
N ALA D 31 14.17 -15.44 6.59
CA ALA D 31 13.92 -14.29 5.70
C ALA D 31 12.57 -14.31 4.97
N THR D 32 12.42 -15.24 4.03
CA THR D 32 11.18 -15.33 3.27
C THR D 32 10.10 -16.12 4.01
N GLY D 33 10.49 -16.77 5.11
CA GLY D 33 9.53 -17.55 5.87
C GLY D 33 9.10 -18.76 5.06
N GLU D 34 9.96 -19.15 4.11
CA GLU D 34 9.68 -20.29 3.25
C GLU D 34 10.11 -21.63 3.83
N GLU D 35 9.17 -22.56 3.90
CA GLU D 35 9.42 -23.90 4.42
C GLU D 35 10.27 -24.66 3.39
N LEU D 36 11.42 -25.17 3.82
CA LEU D 36 12.30 -25.90 2.92
C LEU D 36 12.16 -27.41 3.11
N TYR D 37 11.93 -27.84 4.34
CA TYR D 37 11.75 -29.25 4.64
C TYR D 37 10.68 -29.34 5.71
N SER D 38 9.92 -30.42 5.69
CA SER D 38 8.86 -30.61 6.66
C SER D 38 8.34 -32.04 6.70
N ARG D 39 8.63 -32.74 7.80
CA ARG D 39 8.16 -34.11 7.98
C ARG D 39 7.61 -34.28 9.39
N ASP D 40 6.33 -34.63 9.48
CA ASP D 40 5.67 -34.82 10.77
C ASP D 40 5.81 -33.58 11.64
N GLY D 41 5.80 -32.42 10.99
CA GLY D 41 5.95 -31.16 11.70
C GLY D 41 4.80 -30.86 12.63
N GLY D 42 3.68 -31.56 12.42
CA GLY D 42 2.50 -31.34 13.24
C GLY D 42 2.30 -32.43 14.27
N GLU D 43 3.23 -33.39 14.30
CA GLU D 43 3.18 -34.51 15.26
C GLU D 43 3.58 -34.08 16.69
N GLN D 44 2.76 -34.40 17.68
CA GLN D 44 3.05 -34.05 19.07
C GLN D 44 4.09 -35.01 19.67
N LEU D 45 5.25 -34.48 20.02
CA LEU D 45 6.33 -35.29 20.57
C LEU D 45 6.91 -34.72 21.87
N LEU D 46 7.51 -35.60 22.68
CA LEU D 46 8.15 -35.14 23.91
C LEU D 46 9.29 -34.24 23.44
N PRO D 47 9.47 -33.04 24.03
CA PRO D 47 10.55 -32.17 23.57
C PRO D 47 11.84 -32.31 24.36
N ALA D 48 11.72 -32.87 25.56
CA ALA D 48 12.85 -33.01 26.46
C ALA D 48 13.23 -31.59 26.82
N SER D 49 14.50 -31.30 26.97
CA SER D 49 14.98 -29.96 27.36
C SER D 49 14.75 -28.89 26.31
N ASN D 50 14.24 -29.28 25.13
CA ASN D 50 13.97 -28.29 24.09
C ASN D 50 12.81 -27.43 24.57
N MET D 51 12.18 -27.87 25.66
CA MET D 51 11.08 -27.12 26.27
C MET D 51 11.60 -25.79 26.82
N LYS D 52 12.89 -25.75 27.18
CA LYS D 52 13.50 -24.56 27.75
C LYS D 52 13.43 -23.36 26.82
N LEU D 53 13.32 -23.62 25.52
CA LEU D 53 13.21 -22.55 24.52
C LEU D 53 11.90 -21.78 24.78
N PHE D 54 10.85 -22.51 25.17
CA PHE D 54 9.57 -21.86 25.45
C PHE D 54 9.64 -21.15 26.78
N THR D 55 10.34 -21.75 27.72
CA THR D 55 10.46 -21.15 29.05
C THR D 55 11.26 -19.85 29.02
N ALA D 56 12.35 -19.84 28.25
CA ALA D 56 13.20 -18.65 28.17
C ALA D 56 12.55 -17.53 27.37
N ALA D 57 11.79 -17.89 26.35
CA ALA D 57 11.11 -16.88 25.54
C ALA D 57 10.09 -16.21 26.45
N ALA D 58 9.32 -17.02 27.19
CA ALA D 58 8.33 -16.48 28.08
C ALA D 58 8.94 -15.65 29.21
N ALA D 59 10.08 -16.08 29.71
CA ALA D 59 10.73 -15.36 30.80
C ALA D 59 11.23 -14.02 30.31
N LEU D 60 11.57 -13.95 29.03
CA LEU D 60 12.06 -12.72 28.43
C LEU D 60 10.90 -11.76 28.20
N GLU D 61 9.76 -12.33 27.81
CA GLU D 61 8.55 -11.57 27.58
C GLU D 61 8.03 -11.01 28.90
N VAL D 62 7.91 -11.90 29.88
CA VAL D 62 7.39 -11.53 31.20
C VAL D 62 8.36 -10.79 32.12
N LEU D 63 9.48 -11.42 32.48
CA LEU D 63 10.44 -10.77 33.36
C LEU D 63 11.25 -9.67 32.68
N GLY D 64 11.62 -9.89 31.43
CA GLY D 64 12.41 -8.92 30.70
C GLY D 64 13.90 -9.21 30.81
N ALA D 65 14.61 -8.98 29.71
CA ALA D 65 16.06 -9.21 29.64
C ALA D 65 16.85 -8.48 30.72
N ASP D 66 16.34 -7.36 31.22
CA ASP D 66 17.08 -6.60 32.24
C ASP D 66 16.63 -6.91 33.65
N HIS D 67 15.77 -7.91 33.78
CA HIS D 67 15.23 -8.32 35.08
C HIS D 67 16.35 -8.88 35.96
N SER D 68 16.29 -8.64 37.26
CA SER D 68 17.30 -9.15 38.19
C SER D 68 16.65 -9.79 39.42
N PHE D 69 17.40 -10.60 40.17
CA PHE D 69 16.80 -11.26 41.34
C PHE D 69 17.41 -10.89 42.69
N GLY D 70 16.56 -10.74 43.71
CA GLY D 70 17.05 -10.36 45.01
C GLY D 70 16.95 -11.35 46.17
N THR D 71 17.86 -11.17 47.11
CA THR D 71 17.95 -11.98 48.32
C THR D 71 18.20 -10.99 49.47
N GLU D 72 17.58 -11.22 50.63
CA GLU D 72 17.74 -10.31 51.77
C GLU D 72 17.92 -10.97 53.11
N VAL D 73 18.40 -10.19 54.06
CA VAL D 73 18.62 -10.63 55.43
C VAL D 73 17.99 -9.58 56.35
N ALA D 74 16.81 -9.89 56.88
CA ALA D 74 16.14 -8.94 57.75
C ALA D 74 15.91 -9.44 59.18
N ALA D 75 15.60 -8.50 60.07
CA ALA D 75 15.32 -8.78 61.46
C ALA D 75 14.25 -7.78 61.90
N GLU D 76 13.67 -7.99 63.08
CA GLU D 76 12.62 -7.10 63.55
C GLU D 76 13.04 -5.62 63.51
N SER D 77 14.29 -5.36 63.87
CA SER D 77 14.80 -4.00 63.87
C SER D 77 16.32 -3.96 63.97
N ALA D 78 16.86 -2.78 64.22
CA ALA D 78 18.31 -2.58 64.34
C ALA D 78 18.92 -3.36 65.52
N PRO D 79 20.25 -3.43 65.57
CA PRO D 79 20.96 -4.13 66.64
C PRO D 79 21.09 -3.32 67.94
N GLY D 80 21.15 -4.02 69.07
CA GLY D 80 21.25 -3.37 70.36
C GLY D 80 22.59 -2.72 70.71
N ARG D 81 23.05 -2.93 71.95
CA ARG D 81 24.31 -2.35 72.41
C ARG D 81 25.52 -3.23 72.12
N ARG D 82 25.36 -4.54 72.27
CA ARG D 82 26.46 -5.47 72.01
C ARG D 82 26.10 -6.37 70.83
N GLY D 83 25.45 -5.78 69.83
CA GLY D 83 25.04 -6.54 68.66
C GLY D 83 23.99 -7.54 69.07
N GLU D 84 22.87 -7.02 69.58
CA GLU D 84 21.78 -7.87 70.03
C GLU D 84 20.58 -7.83 69.10
N VAL D 85 20.15 -9.02 68.68
CA VAL D 85 19.00 -9.19 67.81
C VAL D 85 18.47 -10.61 67.98
N GLN D 86 17.16 -10.75 68.02
CA GLN D 86 16.54 -12.06 68.18
C GLN D 86 16.63 -12.83 66.87
N ASP D 87 15.48 -13.17 66.29
CA ASP D 87 15.43 -13.92 65.05
C ASP D 87 15.89 -13.13 63.84
N LEU D 88 16.64 -13.80 62.98
CA LEU D 88 17.15 -13.22 61.74
C LEU D 88 16.57 -14.08 60.62
N TYR D 89 16.24 -13.46 59.49
CA TYR D 89 15.68 -14.21 58.37
C TYR D 89 16.44 -14.07 57.06
N LEU D 90 16.91 -15.18 56.52
CA LEU D 90 17.58 -15.15 55.24
C LEU D 90 16.42 -15.40 54.26
N VAL D 91 16.11 -14.37 53.47
CA VAL D 91 15.00 -14.42 52.51
C VAL D 91 15.46 -14.46 51.05
N GLY D 92 15.00 -15.47 50.33
CA GLY D 92 15.37 -15.61 48.94
C GLY D 92 14.15 -15.46 48.05
N ARG D 93 14.29 -14.76 46.94
CA ARG D 93 13.16 -14.58 46.03
C ARG D 93 13.39 -15.01 44.60
N GLY D 94 14.00 -16.18 44.41
CA GLY D 94 14.18 -16.70 43.07
C GLY D 94 15.49 -16.54 42.35
N ASP D 95 16.53 -16.14 43.07
CA ASP D 95 17.83 -16.00 42.42
C ASP D 95 18.40 -17.39 42.15
N PRO D 96 18.52 -17.75 40.88
CA PRO D 96 19.05 -19.06 40.46
C PRO D 96 20.57 -19.09 40.43
N THR D 97 21.20 -18.02 40.92
CA THR D 97 22.67 -17.95 40.91
C THR D 97 23.25 -17.46 42.23
N LEU D 98 22.48 -17.61 43.31
CA LEU D 98 22.88 -17.18 44.64
C LEU D 98 24.00 -18.09 45.17
N SER D 99 25.24 -17.58 45.11
CA SER D 99 26.40 -18.35 45.54
C SER D 99 26.69 -18.34 47.03
N ALA D 100 27.57 -19.25 47.44
CA ALA D 100 27.95 -19.34 48.83
C ALA D 100 28.65 -18.02 49.13
N GLU D 101 29.58 -17.66 48.26
CA GLU D 101 30.30 -16.42 48.44
C GLU D 101 29.37 -15.22 48.49
N ASP D 102 28.20 -15.31 47.84
CA ASP D 102 27.24 -14.22 47.90
C ASP D 102 26.72 -14.15 49.33
N LEU D 103 26.67 -15.32 49.98
CA LEU D 103 26.20 -15.40 51.36
C LEU D 103 27.23 -14.76 52.29
N ASP D 104 28.50 -15.06 52.05
CA ASP D 104 29.57 -14.51 52.85
C ASP D 104 29.46 -12.99 52.80
N ALA D 105 29.27 -12.48 51.58
CA ALA D 105 29.16 -11.04 51.35
C ALA D 105 27.88 -10.44 51.94
N MET D 106 27.00 -11.29 52.47
CA MET D 106 25.77 -10.77 53.07
C MET D 106 25.91 -10.86 54.58
N ALA D 107 26.64 -11.86 55.06
CA ALA D 107 26.86 -12.03 56.49
C ALA D 107 27.79 -10.89 56.89
N ALA D 108 28.60 -10.46 55.93
CA ALA D 108 29.53 -9.36 56.16
C ALA D 108 28.74 -8.08 56.35
N GLU D 109 27.76 -7.84 55.47
CA GLU D 109 26.95 -6.66 55.59
C GLU D 109 26.28 -6.64 56.95
N VAL D 110 25.77 -7.80 57.37
CA VAL D 110 25.11 -7.87 58.67
C VAL D 110 26.07 -7.48 59.79
N ALA D 111 27.18 -8.20 59.92
CA ALA D 111 28.15 -7.91 60.97
C ALA D 111 28.59 -6.45 60.90
N ALA D 112 28.60 -5.91 59.69
CA ALA D 112 29.01 -4.53 59.49
C ALA D 112 27.82 -3.58 59.56
N SER D 113 26.93 -3.84 60.50
CA SER D 113 25.76 -3.01 60.68
C SER D 113 25.19 -3.25 62.07
N GLY D 114 26.10 -3.43 63.03
CA GLY D 114 25.69 -3.65 64.41
C GLY D 114 25.71 -5.10 64.85
N VAL D 115 24.79 -5.90 64.31
CA VAL D 115 24.67 -7.30 64.67
C VAL D 115 26.01 -7.93 65.00
N ARG D 116 26.07 -8.54 66.17
CA ARG D 116 27.26 -9.22 66.65
C ARG D 116 26.78 -10.56 67.18
N THR D 117 25.60 -10.56 67.77
CA THR D 117 25.03 -11.78 68.34
C THR D 117 23.55 -11.91 68.04
N VAL D 118 23.14 -13.12 67.71
CA VAL D 118 21.74 -13.42 67.41
C VAL D 118 21.25 -14.41 68.45
N ARG D 119 20.54 -13.89 69.45
CA ARG D 119 20.03 -14.71 70.52
C ARG D 119 18.81 -15.51 70.07
N GLY D 120 18.16 -15.03 69.02
CA GLY D 120 17.00 -15.72 68.49
C GLY D 120 17.41 -16.79 67.48
N ASP D 121 16.47 -17.24 66.65
CA ASP D 121 16.76 -18.26 65.66
C ASP D 121 17.01 -17.67 64.29
N LEU D 122 17.62 -18.48 63.42
CA LEU D 122 17.89 -18.07 62.05
C LEU D 122 16.87 -18.75 61.14
N TYR D 123 16.20 -17.96 60.31
CA TYR D 123 15.19 -18.50 59.42
C TYR D 123 15.45 -18.30 57.94
N ALA D 124 15.28 -19.38 57.20
CA ALA D 124 15.46 -19.37 55.77
C ALA D 124 14.07 -19.28 55.17
N ASP D 125 13.79 -18.16 54.53
CA ASP D 125 12.48 -17.92 53.94
C ASP D 125 12.49 -18.07 52.42
N ASP D 126 11.77 -19.08 51.93
CA ASP D 126 11.66 -19.33 50.50
C ASP D 126 10.18 -19.30 50.12
N THR D 127 9.38 -18.73 50.99
CA THR D 127 7.93 -18.65 50.76
C THR D 127 7.54 -17.87 49.50
N TRP D 128 8.53 -17.27 48.86
CA TRP D 128 8.31 -16.53 47.62
C TRP D 128 7.67 -17.49 46.59
N PHE D 129 8.11 -18.74 46.63
CA PHE D 129 7.61 -19.82 45.78
C PHE D 129 6.88 -20.76 46.74
N ASP D 130 6.06 -21.66 46.22
CA ASP D 130 5.40 -22.61 47.11
C ASP D 130 6.45 -23.65 47.53
N SER D 131 6.04 -24.61 48.36
CA SER D 131 6.99 -25.61 48.81
C SER D 131 6.94 -26.91 48.01
N GLU D 132 6.24 -26.92 46.89
CA GLU D 132 6.19 -28.12 46.06
C GLU D 132 7.54 -28.17 45.38
N ARG D 133 8.39 -29.05 45.88
CA ARG D 133 9.76 -29.22 45.40
C ARG D 133 9.95 -29.92 44.05
N LEU D 134 9.05 -30.82 43.68
CA LEU D 134 9.21 -31.55 42.43
C LEU D 134 7.96 -31.59 41.57
N VAL D 135 8.12 -31.76 40.26
CA VAL D 135 6.96 -31.86 39.39
C VAL D 135 6.35 -33.23 39.66
N ASP D 136 5.03 -33.29 39.70
CA ASP D 136 4.35 -34.53 40.01
C ASP D 136 4.72 -35.77 39.19
N ASP D 137 5.02 -35.65 37.91
CA ASP D 137 5.34 -36.87 37.17
C ASP D 137 6.83 -37.15 37.03
N TRP D 138 7.65 -36.39 37.75
CA TRP D 138 9.08 -36.63 37.73
C TRP D 138 9.25 -37.93 38.52
N TRP D 139 10.23 -38.73 38.13
CA TRP D 139 10.53 -40.03 38.76
C TRP D 139 11.40 -39.90 40.00
N PRO D 140 11.03 -40.59 41.09
CA PRO D 140 11.83 -40.49 42.32
C PRO D 140 13.25 -41.05 42.22
N GLU D 141 13.47 -41.97 41.29
CA GLU D 141 14.80 -42.55 41.11
C GLU D 141 15.81 -41.49 40.66
N ASP D 142 15.30 -40.41 40.07
CA ASP D 142 16.16 -39.33 39.58
C ASP D 142 16.52 -38.26 40.60
N GLU D 143 15.82 -38.26 41.73
CA GLU D 143 16.03 -37.26 42.75
C GLU D 143 17.45 -36.96 43.28
N PRO D 144 18.32 -37.97 43.39
CA PRO D 144 19.67 -37.67 43.90
C PRO D 144 20.62 -36.88 42.99
N TYR D 145 20.33 -36.84 41.69
CA TYR D 145 21.22 -36.13 40.77
C TYR D 145 20.82 -34.70 40.43
N ALA D 146 21.83 -33.85 40.27
CA ALA D 146 21.69 -32.42 39.99
C ALA D 146 20.57 -32.06 39.01
N TYR D 147 20.32 -32.94 38.04
CA TYR D 147 19.29 -32.75 37.01
C TYR D 147 17.94 -32.51 37.64
N SER D 148 17.74 -33.14 38.78
CA SER D 148 16.47 -33.08 39.44
C SER D 148 16.47 -32.42 40.82
N ALA D 149 17.28 -31.38 40.99
CA ALA D 149 17.32 -30.70 42.26
C ALA D 149 15.93 -30.19 42.60
N GLN D 150 15.65 -30.13 43.89
CA GLN D 150 14.37 -29.63 44.37
C GLN D 150 14.28 -28.15 43.97
N ILE D 151 13.06 -27.65 43.82
CA ILE D 151 12.90 -26.25 43.44
C ILE D 151 12.49 -25.43 44.65
N SER D 152 13.18 -24.31 44.85
CA SER D 152 12.89 -23.42 45.95
C SER D 152 13.28 -21.99 45.58
N ALA D 153 12.60 -21.02 46.21
CA ALA D 153 12.89 -19.62 45.95
C ALA D 153 14.24 -19.22 46.52
N LEU D 154 14.70 -19.97 47.52
CA LEU D 154 15.97 -19.69 48.16
C LEU D 154 16.83 -20.93 48.04
N THR D 155 17.75 -20.92 47.08
CA THR D 155 18.62 -22.06 46.84
C THR D 155 20.01 -21.53 46.57
N VAL D 156 21.02 -22.35 46.88
CA VAL D 156 22.42 -21.97 46.68
C VAL D 156 22.93 -22.66 45.42
N ALA D 157 23.40 -21.85 44.47
CA ALA D 157 23.92 -22.37 43.21
C ALA D 157 25.40 -22.69 43.36
N HIS D 158 25.84 -23.76 42.70
CA HIS D 158 27.23 -24.18 42.80
C HIS D 158 28.03 -23.95 41.53
N GLY D 159 29.29 -23.58 41.73
CA GLY D 159 30.22 -23.35 40.64
C GLY D 159 29.82 -22.23 39.70
N GLU D 160 30.58 -22.09 38.63
CA GLU D 160 30.31 -21.07 37.64
C GLU D 160 29.13 -21.42 36.75
N ARG D 161 28.63 -22.66 36.83
CA ARG D 161 27.50 -23.02 36.00
C ARG D 161 26.22 -22.90 36.78
N PHE D 162 26.38 -22.59 38.07
CA PHE D 162 25.27 -22.39 39.00
C PHE D 162 24.30 -23.55 39.19
N ASP D 163 24.82 -24.74 39.41
CA ASP D 163 23.92 -25.86 39.64
C ASP D 163 23.29 -25.61 41.01
N THR D 164 21.97 -25.45 41.03
CA THR D 164 21.28 -25.16 42.28
C THR D 164 20.84 -26.40 43.04
N GLY D 165 20.64 -26.23 44.34
CA GLY D 165 20.17 -27.30 45.20
C GLY D 165 20.98 -28.56 45.36
N VAL D 166 22.28 -28.47 45.12
CA VAL D 166 23.16 -29.64 45.24
C VAL D 166 24.38 -29.30 46.10
N THR D 167 25.18 -30.32 46.40
CA THR D 167 26.39 -30.16 47.21
C THR D 167 27.45 -30.98 46.50
N GLU D 168 28.71 -30.53 46.51
CA GLU D 168 29.76 -31.28 45.83
C GLU D 168 30.42 -32.25 46.80
N VAL D 169 30.22 -33.53 46.53
CA VAL D 169 30.74 -34.62 47.34
C VAL D 169 32.05 -35.14 46.76
N SER D 170 33.12 -35.18 47.55
CA SER D 170 34.36 -35.72 47.03
C SER D 170 34.77 -36.96 47.85
N VAL D 171 35.31 -37.97 47.17
CA VAL D 171 35.73 -39.20 47.82
C VAL D 171 37.21 -39.51 47.56
N THR D 172 38.02 -39.42 48.61
CA THR D 172 39.46 -39.67 48.51
C THR D 172 39.81 -41.06 49.03
N PRO D 173 40.49 -41.86 48.21
CA PRO D 173 40.87 -43.20 48.62
C PRO D 173 41.99 -43.17 49.66
N ALA D 174 42.02 -44.18 50.51
CA ALA D 174 43.05 -44.29 51.53
C ALA D 174 44.00 -45.34 50.95
N ALA D 175 44.40 -46.31 51.76
CA ALA D 175 45.28 -47.35 51.25
C ALA D 175 44.41 -48.57 51.07
N GLU D 176 44.88 -49.48 50.23
CA GLU D 176 44.18 -50.72 49.93
C GLU D 176 43.67 -51.42 51.19
N GLY D 177 42.36 -51.57 51.29
CA GLY D 177 41.77 -52.27 52.42
C GLY D 177 41.16 -51.41 53.51
N GLU D 178 41.53 -50.14 53.53
CA GLU D 178 41.05 -49.19 54.53
C GLU D 178 39.89 -48.39 53.97
N PRO D 179 38.99 -47.89 54.82
CA PRO D 179 37.84 -47.10 54.36
C PRO D 179 38.27 -45.88 53.56
N ALA D 180 37.33 -45.30 52.83
CA ALA D 180 37.57 -44.11 52.01
C ALA D 180 37.16 -42.86 52.76
N ASP D 181 37.80 -41.73 52.47
CA ASP D 181 37.42 -40.51 53.15
C ASP D 181 36.37 -39.79 52.31
N VAL D 182 35.26 -39.46 52.95
CA VAL D 182 34.20 -38.76 52.25
C VAL D 182 34.01 -37.36 52.83
N ASP D 183 34.08 -36.37 51.95
CA ASP D 183 33.86 -34.99 52.32
C ASP D 183 32.58 -34.61 51.59
N LEU D 184 31.66 -33.99 52.32
CA LEU D 184 30.38 -33.63 51.78
C LEU D 184 30.28 -32.27 51.11
N GLY D 185 31.32 -31.44 51.25
CA GLY D 185 31.24 -30.14 50.64
C GLY D 185 30.27 -29.29 51.42
N ALA D 186 29.62 -28.34 50.77
CA ALA D 186 28.67 -27.45 51.44
C ALA D 186 27.62 -28.12 52.35
N ALA D 187 27.34 -29.41 52.13
CA ALA D 187 26.34 -30.11 52.93
C ALA D 187 26.86 -30.70 54.26
N GLU D 188 28.16 -30.59 54.49
CA GLU D 188 28.72 -31.10 55.74
C GLU D 188 28.10 -30.27 56.87
N GLY D 189 27.44 -30.97 57.79
CA GLY D 189 26.80 -30.28 58.89
C GLY D 189 25.32 -30.05 58.65
N TYR D 190 24.82 -30.58 57.53
CA TYR D 190 23.41 -30.43 57.18
C TYR D 190 22.81 -31.76 56.79
N ALA D 191 23.54 -32.49 55.95
CA ALA D 191 23.09 -33.79 55.48
C ALA D 191 23.77 -34.88 56.28
N GLU D 192 23.09 -36.02 56.42
CA GLU D 192 23.66 -37.16 57.12
C GLU D 192 24.69 -37.75 56.16
N LEU D 193 25.58 -38.56 56.70
CA LEU D 193 26.59 -39.22 55.89
C LEU D 193 26.69 -40.66 56.29
N ASP D 194 26.42 -41.55 55.34
CA ASP D 194 26.54 -42.97 55.59
C ASP D 194 27.65 -43.49 54.67
N ASN D 195 28.90 -43.37 55.11
CA ASN D 195 30.04 -43.81 54.32
C ASN D 195 30.40 -45.30 54.52
N ARG D 196 30.07 -46.12 53.53
CA ARG D 196 30.33 -47.56 53.54
C ARG D 196 31.36 -47.95 52.47
N ALA D 197 31.98 -46.94 51.87
CA ALA D 197 32.96 -47.16 50.79
C ALA D 197 34.33 -47.60 51.29
N VAL D 198 34.97 -48.48 50.52
CA VAL D 198 36.31 -48.97 50.88
C VAL D 198 37.33 -48.55 49.85
N THR D 199 38.60 -48.76 50.17
CA THR D 199 39.65 -48.46 49.22
C THR D 199 40.00 -49.84 48.70
N GLY D 200 40.09 -49.97 47.38
CA GLY D 200 40.42 -51.26 46.82
C GLY D 200 41.86 -51.31 46.37
N ALA D 201 42.28 -52.49 45.90
CA ALA D 201 43.64 -52.69 45.41
C ALA D 201 43.88 -51.71 44.28
N ALA D 202 45.09 -51.18 44.23
CA ALA D 202 45.44 -50.24 43.18
C ALA D 202 45.12 -50.93 41.85
N GLY D 203 44.41 -50.23 40.97
CA GLY D 203 44.07 -50.81 39.69
C GLY D 203 42.81 -51.64 39.67
N SER D 204 42.16 -51.81 40.83
CA SER D 204 40.95 -52.61 40.88
C SER D 204 39.75 -51.87 40.26
N ALA D 205 38.67 -52.61 40.07
CA ALA D 205 37.46 -52.04 39.49
C ALA D 205 36.86 -51.01 40.44
N ASN D 206 36.56 -49.83 39.90
CA ASN D 206 35.94 -48.75 40.65
C ASN D 206 34.47 -49.11 40.65
N THR D 207 33.90 -49.36 41.83
CA THR D 207 32.49 -49.72 41.95
C THR D 207 31.81 -48.75 42.89
N LEU D 208 32.39 -47.55 42.96
CA LEU D 208 31.88 -46.49 43.82
C LEU D 208 30.46 -46.01 43.48
N VAL D 209 29.63 -45.87 44.49
CA VAL D 209 28.26 -45.42 44.31
C VAL D 209 27.91 -44.35 45.32
N ILE D 210 27.55 -43.16 44.81
CA ILE D 210 27.17 -42.01 45.65
C ILE D 210 25.67 -41.81 45.41
N ASP D 211 24.90 -41.97 46.48
CA ASP D 211 23.46 -41.89 46.36
C ASP D 211 22.82 -41.14 47.52
N ARG D 212 21.57 -40.75 47.32
CA ARG D 212 20.79 -40.11 48.36
C ARG D 212 19.50 -40.89 48.36
N PRO D 213 19.39 -41.88 49.26
CA PRO D 213 18.18 -42.69 49.33
C PRO D 213 16.94 -41.81 49.31
N VAL D 214 15.92 -42.23 48.55
CA VAL D 214 14.70 -41.46 48.46
C VAL D 214 14.02 -41.25 49.81
N GLY D 215 13.61 -40.01 50.07
CA GLY D 215 12.94 -39.72 51.31
C GLY D 215 13.90 -39.50 52.46
N THR D 216 15.16 -39.25 52.17
CA THR D 216 16.13 -39.00 53.23
C THR D 216 17.02 -37.87 52.84
N ASN D 217 17.72 -37.34 53.83
CA ASN D 217 18.66 -36.29 53.54
C ASN D 217 20.00 -36.89 53.94
N THR D 218 20.22 -38.10 53.48
CA THR D 218 21.45 -38.83 53.77
C THR D 218 22.24 -39.15 52.50
N ILE D 219 23.54 -38.81 52.50
CA ILE D 219 24.42 -39.09 51.36
C ILE D 219 25.06 -40.44 51.69
N ALA D 220 24.57 -41.48 51.02
CA ALA D 220 25.03 -42.85 51.20
C ALA D 220 26.09 -43.25 50.16
N VAL D 221 27.28 -43.58 50.62
CA VAL D 221 28.39 -43.97 49.75
C VAL D 221 28.74 -45.45 49.94
N THR D 222 28.73 -46.21 48.84
CA THR D 222 29.06 -47.63 48.89
C THR D 222 30.03 -48.01 47.78
N GLY D 223 30.44 -49.28 47.74
CA GLY D 223 31.36 -49.71 46.70
C GLY D 223 32.84 -49.55 47.02
N SER D 224 33.68 -49.78 46.02
CA SER D 224 35.13 -49.70 46.19
C SER D 224 35.80 -48.71 45.25
N LEU D 225 36.76 -47.95 45.78
CA LEU D 225 37.48 -47.00 44.96
C LEU D 225 38.95 -47.44 44.92
N PRO D 226 39.58 -47.39 43.74
CA PRO D 226 40.97 -47.79 43.59
C PRO D 226 41.93 -46.92 44.40
N ALA D 227 42.78 -47.54 45.20
CA ALA D 227 43.74 -46.78 46.00
C ALA D 227 44.56 -45.83 45.13
N ASP D 228 44.73 -46.17 43.86
CA ASP D 228 45.51 -45.33 42.95
C ASP D 228 44.66 -44.41 42.08
N ALA D 229 43.33 -44.54 42.19
CA ALA D 229 42.44 -43.69 41.42
C ALA D 229 42.51 -42.25 41.92
N ALA D 230 42.12 -41.31 41.06
CA ALA D 230 42.12 -39.91 41.45
C ALA D 230 40.91 -39.66 42.33
N PRO D 231 40.98 -38.65 43.21
CA PRO D 231 39.82 -38.39 44.06
C PRO D 231 38.58 -38.11 43.21
N VAL D 232 37.45 -38.63 43.66
CA VAL D 232 36.19 -38.47 42.96
C VAL D 232 35.35 -37.31 43.49
N THR D 233 34.72 -36.58 42.57
CA THR D 233 33.86 -35.46 42.94
C THR D 233 32.60 -35.61 42.12
N ALA D 234 31.46 -35.41 42.76
CA ALA D 234 30.18 -35.53 42.09
C ALA D 234 29.20 -34.57 42.74
N LEU D 235 28.21 -34.14 41.97
CA LEU D 235 27.17 -33.23 42.48
C LEU D 235 25.96 -34.07 42.86
N ARG D 236 25.52 -33.92 44.10
CA ARG D 236 24.36 -34.65 44.58
C ARG D 236 23.38 -33.65 45.21
N THR D 237 22.10 -33.95 45.12
CA THR D 237 21.08 -33.06 45.67
C THR D 237 20.91 -33.28 47.15
N VAL D 238 20.21 -32.36 47.80
CA VAL D 238 19.94 -32.48 49.22
C VAL D 238 18.47 -32.12 49.38
N ASP D 239 17.87 -32.48 50.51
CA ASP D 239 16.47 -32.16 50.75
C ASP D 239 16.39 -30.73 51.28
N GLU D 240 15.40 -29.97 50.83
CA GLU D 240 15.20 -28.59 51.27
C GLU D 240 16.43 -27.71 51.06
N PRO D 241 16.58 -27.17 49.85
CA PRO D 241 17.71 -26.30 49.50
C PRO D 241 17.78 -25.06 50.38
N ALA D 242 16.63 -24.50 50.73
CA ALA D 242 16.61 -23.31 51.56
C ALA D 242 17.26 -23.58 52.91
N ALA D 243 16.99 -24.76 53.47
CA ALA D 243 17.55 -25.14 54.75
C ALA D 243 19.07 -25.16 54.66
N LEU D 244 19.60 -25.79 53.62
CA LEU D 244 21.05 -25.85 53.40
C LEU D 244 21.59 -24.43 53.29
N ALA D 245 20.82 -23.57 52.63
CA ALA D 245 21.21 -22.18 52.47
C ALA D 245 21.31 -21.56 53.85
N GLY D 246 20.45 -22.04 54.76
CA GLY D 246 20.44 -21.54 56.12
C GLY D 246 21.68 -21.97 56.89
N HIS D 247 22.12 -23.19 56.66
CA HIS D 247 23.31 -23.71 57.32
C HIS D 247 24.49 -22.88 56.86
N LEU D 248 24.64 -22.80 55.54
CA LEU D 248 25.72 -22.05 54.93
C LEU D 248 25.77 -20.59 55.40
N PHE D 249 24.61 -19.99 55.63
CA PHE D 249 24.57 -18.60 56.07
C PHE D 249 24.97 -18.50 57.53
N GLU D 250 24.58 -19.49 58.32
CA GLU D 250 24.94 -19.47 59.73
C GLU D 250 26.46 -19.50 59.80
N GLU D 251 27.05 -20.41 59.02
CA GLU D 251 28.50 -20.54 59.00
C GLU D 251 29.15 -19.23 58.55
N ALA D 252 28.56 -18.59 57.54
CA ALA D 252 29.10 -17.31 57.04
C ALA D 252 29.14 -16.27 58.16
N LEU D 253 28.02 -16.17 58.89
CA LEU D 253 27.90 -15.25 60.01
C LEU D 253 28.97 -15.59 61.02
N GLU D 254 29.02 -16.86 61.43
CA GLU D 254 30.00 -17.30 62.41
C GLU D 254 31.41 -16.94 61.95
N SER D 255 31.57 -16.63 60.67
CA SER D 255 32.88 -16.26 60.10
C SER D 255 33.02 -14.76 59.84
N ASN D 256 31.99 -13.99 60.18
CA ASN D 256 32.03 -12.55 60.01
C ASN D 256 31.83 -11.90 61.35
N GLY D 257 31.74 -12.72 62.39
CA GLY D 257 31.56 -12.20 63.72
C GLY D 257 30.10 -11.91 64.06
N VAL D 258 29.25 -12.90 63.89
CA VAL D 258 27.84 -12.77 64.20
C VAL D 258 27.37 -14.10 64.77
N THR D 259 27.54 -14.26 66.09
CA THR D 259 27.16 -15.49 66.78
C THR D 259 25.67 -15.80 66.66
N VAL D 260 25.37 -17.08 66.57
CA VAL D 260 23.99 -17.54 66.45
C VAL D 260 23.72 -18.45 67.62
N LYS D 261 22.80 -18.05 68.49
CA LYS D 261 22.46 -18.85 69.66
C LYS D 261 21.26 -19.75 69.36
N GLY D 262 20.36 -19.26 68.52
CA GLY D 262 19.17 -20.03 68.17
C GLY D 262 19.50 -21.17 67.23
N ASP D 263 18.50 -21.65 66.50
CA ASP D 263 18.69 -22.73 65.55
C ASP D 263 18.38 -22.25 64.14
N VAL D 264 18.51 -23.13 63.17
CA VAL D 264 18.21 -22.78 61.79
C VAL D 264 17.06 -23.68 61.31
N GLY D 265 16.09 -23.05 60.66
CA GLY D 265 14.96 -23.81 60.16
C GLY D 265 14.27 -22.98 59.11
N LEU D 266 13.12 -23.46 58.64
CA LEU D 266 12.38 -22.75 57.62
C LEU D 266 11.26 -21.93 58.24
N GLY D 267 11.11 -20.70 57.75
CA GLY D 267 10.08 -19.82 58.25
C GLY D 267 10.04 -18.54 57.44
N GLY D 268 8.85 -18.07 57.13
CA GLY D 268 8.74 -16.86 56.36
C GLY D 268 8.66 -15.64 57.26
N VAL D 269 8.91 -14.47 56.71
CA VAL D 269 8.83 -13.24 57.50
C VAL D 269 7.51 -13.32 58.25
N PRO D 270 7.53 -12.99 59.56
CA PRO D 270 6.38 -12.99 60.46
C PRO D 270 5.10 -12.27 60.06
N ALA D 271 5.20 -11.31 59.14
CA ALA D 271 4.04 -10.54 58.67
C ALA D 271 3.60 -9.52 59.71
N ASP D 272 3.62 -9.90 60.98
CA ASP D 272 3.25 -9.00 62.06
C ASP D 272 4.41 -8.05 62.32
N TRP D 273 5.36 -8.02 61.37
CA TRP D 273 6.53 -7.17 61.42
C TRP D 273 6.27 -6.01 60.47
N GLN D 274 6.24 -4.80 61.00
CA GLN D 274 5.97 -3.63 60.17
C GLN D 274 7.20 -2.78 59.90
N ASP D 275 8.09 -2.68 60.89
CA ASP D 275 9.31 -1.90 60.72
C ASP D 275 10.41 -2.81 60.18
N ALA D 276 10.06 -3.60 59.17
CA ALA D 276 11.00 -4.54 58.54
C ALA D 276 12.38 -3.92 58.35
N GLU D 277 13.38 -4.45 59.06
CA GLU D 277 14.75 -3.95 58.97
C GLU D 277 15.61 -4.78 58.02
N VAL D 278 15.86 -4.25 56.82
CA VAL D 278 16.68 -4.95 55.82
C VAL D 278 18.17 -4.74 56.07
N LEU D 279 18.77 -5.65 56.81
CA LEU D 279 20.19 -5.58 57.11
C LEU D 279 21.03 -5.75 55.84
N ALA D 280 21.21 -6.98 55.40
CA ALA D 280 21.99 -7.25 54.20
C ALA D 280 21.07 -7.66 53.05
N ASP D 281 21.63 -7.68 51.85
CA ASP D 281 20.87 -8.06 50.67
C ASP D 281 21.80 -8.23 49.48
N HIS D 282 21.29 -8.87 48.43
CA HIS D 282 22.08 -9.10 47.22
C HIS D 282 21.21 -9.07 45.97
N THR D 283 21.75 -8.52 44.90
CA THR D 283 21.05 -8.43 43.64
C THR D 283 21.87 -9.29 42.68
N SER D 284 21.19 -10.03 41.82
CA SER D 284 21.87 -10.89 40.87
C SER D 284 22.15 -10.08 39.63
N ALA D 285 22.67 -10.75 38.61
CA ALA D 285 22.92 -10.12 37.35
C ALA D 285 21.58 -10.19 36.63
N GLU D 286 21.45 -9.43 35.55
CA GLU D 286 20.21 -9.41 34.78
C GLU D 286 19.94 -10.75 34.09
N LEU D 287 18.67 -11.02 33.86
CA LEU D 287 18.24 -12.26 33.21
C LEU D 287 19.01 -12.56 31.94
N SER D 288 19.52 -11.54 31.27
CA SER D 288 20.24 -11.75 30.02
C SER D 288 21.57 -12.45 30.20
N GLU D 289 22.16 -12.29 31.38
CA GLU D 289 23.44 -12.90 31.69
C GLU D 289 23.21 -14.26 32.32
N ILE D 290 22.15 -14.35 33.12
CA ILE D 290 21.79 -15.59 33.78
C ILE D 290 21.42 -16.58 32.68
N LEU D 291 20.82 -16.07 31.62
CA LEU D 291 20.37 -16.86 30.48
C LEU D 291 21.46 -17.68 29.78
N VAL D 292 22.72 -17.26 29.91
CA VAL D 292 23.83 -17.97 29.28
C VAL D 292 24.09 -19.31 29.98
N PRO D 293 24.43 -19.28 31.27
CA PRO D 293 24.66 -20.59 31.90
C PRO D 293 23.36 -21.42 31.92
N PHE D 294 22.22 -20.77 31.71
CA PHE D 294 20.95 -21.47 31.70
C PHE D 294 20.79 -22.38 30.47
N MET D 295 20.81 -21.78 29.30
CA MET D 295 20.62 -22.52 28.05
C MET D 295 21.85 -23.27 27.52
N LYS D 296 23.03 -22.73 27.78
CA LYS D 296 24.23 -23.37 27.30
C LYS D 296 24.35 -24.75 27.86
N PHE D 297 24.10 -24.87 29.15
CA PHE D 297 24.23 -26.14 29.85
C PHE D 297 22.91 -26.81 30.16
N SER D 298 21.81 -26.21 29.73
CA SER D 298 20.48 -26.75 29.95
C SER D 298 20.19 -27.05 31.43
N ASN D 299 20.26 -26.02 32.26
CA ASN D 299 20.01 -26.14 33.71
C ASN D 299 18.50 -26.33 34.03
N ASN D 300 18.11 -27.49 34.58
CA ASN D 300 16.70 -27.73 34.86
C ASN D 300 16.16 -26.83 35.98
N GLY D 301 16.98 -26.60 37.00
CA GLY D 301 16.56 -25.75 38.11
C GLY D 301 16.21 -24.32 37.70
N HIS D 302 17.07 -23.68 36.91
CA HIS D 302 16.79 -22.33 36.45
C HIS D 302 15.40 -22.34 35.78
N ALA D 303 15.19 -23.32 34.90
CA ALA D 303 13.93 -23.44 34.18
C ALA D 303 12.71 -23.41 35.08
N GLU D 304 12.70 -24.25 36.11
CA GLU D 304 11.54 -24.31 37.01
C GLU D 304 11.43 -23.04 37.85
N MET D 305 12.58 -22.49 38.25
CA MET D 305 12.57 -21.26 39.05
C MET D 305 12.05 -20.11 38.19
N LEU D 306 12.36 -20.12 36.90
CA LEU D 306 11.85 -19.07 36.04
C LEU D 306 10.34 -19.20 35.93
N VAL D 307 9.85 -20.42 35.70
CA VAL D 307 8.41 -20.65 35.59
C VAL D 307 7.72 -20.03 36.80
N LYS D 308 8.16 -20.42 37.98
CA LYS D 308 7.57 -19.90 39.19
C LYS D 308 7.73 -18.39 39.33
N SER D 309 8.80 -17.83 38.76
CA SER D 309 8.99 -16.39 38.82
C SER D 309 7.93 -15.77 37.93
N ILE D 310 7.74 -16.40 36.76
CA ILE D 310 6.75 -15.97 35.79
C ILE D 310 5.40 -16.05 36.44
N GLY D 311 5.25 -17.04 37.32
CA GLY D 311 3.99 -17.20 38.03
C GLY D 311 3.78 -16.11 39.06
N GLN D 312 4.86 -15.66 39.69
CA GLN D 312 4.76 -14.62 40.69
C GLN D 312 4.49 -13.27 40.07
N GLU D 313 5.07 -13.05 38.90
CA GLU D 313 4.91 -11.80 38.18
C GLU D 313 3.52 -11.63 37.54
N THR D 314 2.96 -12.71 37.02
CA THR D 314 1.68 -12.65 36.32
C THR D 314 0.40 -12.95 37.11
N ALA D 315 0.55 -13.53 38.30
CA ALA D 315 -0.61 -13.87 39.09
C ALA D 315 -0.30 -13.80 40.58
N GLY D 316 0.93 -13.41 40.90
CA GLY D 316 1.33 -13.30 42.29
C GLY D 316 1.30 -14.63 42.99
N ALA D 317 1.63 -15.68 42.26
CA ALA D 317 1.65 -17.02 42.81
C ALA D 317 2.86 -17.76 42.25
N GLY D 318 3.86 -18.00 43.08
CA GLY D 318 5.05 -18.70 42.62
C GLY D 318 4.81 -20.20 42.60
N THR D 319 4.01 -20.65 41.64
CA THR D 319 3.68 -22.05 41.50
C THR D 319 3.82 -22.51 40.05
N TRP D 320 3.88 -23.82 39.83
CA TRP D 320 3.99 -24.35 38.49
C TRP D 320 2.74 -24.05 37.67
N ASP D 321 1.57 -24.26 38.27
CA ASP D 321 0.32 -24.03 37.55
C ASP D 321 0.16 -22.57 37.13
N ALA D 322 0.52 -21.67 38.02
CA ALA D 322 0.44 -20.25 37.73
C ALA D 322 1.55 -19.92 36.74
N GLY D 323 2.72 -20.52 36.93
CA GLY D 323 3.84 -20.27 36.06
C GLY D 323 3.61 -20.78 34.65
N LEU D 324 2.99 -21.95 34.55
CA LEU D 324 2.73 -22.57 33.27
C LEU D 324 1.68 -21.82 32.48
N VAL D 325 0.66 -21.32 33.16
CA VAL D 325 -0.38 -20.54 32.49
C VAL D 325 0.30 -19.28 31.96
N GLY D 326 1.13 -18.67 32.80
CA GLY D 326 1.87 -17.47 32.40
C GLY D 326 2.75 -17.73 31.19
N VAL D 327 3.46 -18.85 31.18
CA VAL D 327 4.31 -19.17 30.06
C VAL D 327 3.48 -19.27 28.77
N GLU D 328 2.36 -19.98 28.82
CA GLU D 328 1.52 -20.16 27.65
C GLU D 328 0.99 -18.83 27.12
N GLU D 329 0.64 -17.91 28.03
CA GLU D 329 0.13 -16.62 27.61
C GLU D 329 1.23 -15.81 26.99
N ALA D 330 2.44 -15.90 27.56
CA ALA D 330 3.56 -15.17 26.99
C ALA D 330 3.71 -15.64 25.55
N LEU D 331 3.75 -16.96 25.36
CA LEU D 331 3.90 -17.50 24.02
C LEU D 331 2.88 -16.97 23.02
N SER D 332 1.60 -17.07 23.35
CA SER D 332 0.54 -16.59 22.45
C SER D 332 0.67 -15.07 22.27
N GLY D 333 1.04 -14.38 23.34
CA GLY D 333 1.18 -12.95 23.26
C GLY D 333 2.34 -12.60 22.35
N LEU D 334 3.30 -13.53 22.26
CA LEU D 334 4.48 -13.34 21.44
C LEU D 334 4.18 -13.72 20.00
N GLY D 335 2.92 -14.05 19.73
CA GLY D 335 2.54 -14.41 18.38
C GLY D 335 2.75 -15.86 17.97
N VAL D 336 2.89 -16.75 18.95
CA VAL D 336 3.10 -18.16 18.68
C VAL D 336 1.82 -18.94 18.92
N ASP D 337 1.46 -19.83 18.00
CA ASP D 337 0.27 -20.62 18.20
C ASP D 337 0.64 -21.74 19.16
N THR D 338 0.07 -21.68 20.37
CA THR D 338 0.38 -22.66 21.40
C THR D 338 -0.58 -23.82 21.41
N ALA D 339 -1.20 -24.10 20.28
CA ALA D 339 -2.17 -25.20 20.18
C ALA D 339 -1.59 -26.59 20.42
N GLY D 340 -0.56 -26.94 19.66
CA GLY D 340 0.04 -28.26 19.80
C GLY D 340 0.91 -28.45 21.03
N LEU D 341 0.91 -27.44 21.90
CA LEU D 341 1.71 -27.47 23.11
C LEU D 341 0.95 -27.94 24.32
N VAL D 342 1.65 -28.67 25.17
CA VAL D 342 1.12 -29.12 26.45
C VAL D 342 2.33 -28.85 27.32
N LEU D 343 2.19 -27.92 28.26
CA LEU D 343 3.29 -27.57 29.12
C LEU D 343 3.14 -28.17 30.51
N ASN D 344 4.00 -29.13 30.86
CA ASN D 344 3.90 -29.71 32.19
C ASN D 344 5.00 -29.22 33.13
N ASP D 345 6.05 -28.63 32.57
CA ASP D 345 7.13 -28.03 33.34
C ASP D 345 7.94 -27.10 32.46
N GLY D 346 8.89 -26.39 33.07
CA GLY D 346 9.71 -25.48 32.30
C GLY D 346 11.02 -26.06 31.82
N SER D 347 11.49 -27.14 32.44
CA SER D 347 12.79 -27.70 32.03
C SER D 347 12.70 -28.75 30.94
N GLY D 348 11.55 -29.40 30.85
CA GLY D 348 11.40 -30.44 29.87
C GLY D 348 11.63 -31.81 30.47
N LEU D 349 11.83 -31.89 31.78
CA LEU D 349 12.05 -33.21 32.41
C LEU D 349 10.81 -34.08 32.28
N SER D 350 9.65 -33.53 32.62
CA SER D 350 8.40 -34.27 32.57
C SER D 350 8.06 -34.97 31.26
N ARG D 351 7.51 -36.19 31.40
CA ARG D 351 7.07 -37.00 30.26
C ARG D 351 5.74 -36.40 29.79
N GLY D 352 5.17 -35.53 30.61
CA GLY D 352 3.92 -34.90 30.27
C GLY D 352 4.04 -33.66 29.38
N ASN D 353 5.22 -33.39 28.82
CA ASN D 353 5.35 -32.25 27.92
C ASN D 353 5.14 -32.69 26.46
N LEU D 354 4.66 -31.77 25.63
CA LEU D 354 4.43 -32.04 24.22
C LEU D 354 4.64 -30.76 23.38
N VAL D 355 5.31 -30.92 22.24
CA VAL D 355 5.52 -29.80 21.34
C VAL D 355 5.38 -30.40 19.95
N THR D 356 5.64 -29.60 18.93
CA THR D 356 5.61 -30.06 17.54
C THR D 356 6.71 -29.25 16.90
N ALA D 357 7.46 -29.89 16.01
CA ALA D 357 8.55 -29.21 15.33
C ALA D 357 8.04 -27.87 14.80
N ASP D 358 6.84 -27.87 14.24
CA ASP D 358 6.24 -26.65 13.70
C ASP D 358 6.14 -25.55 14.74
N THR D 359 5.70 -25.91 15.94
CA THR D 359 5.58 -24.94 17.02
C THR D 359 6.97 -24.41 17.37
N VAL D 360 7.96 -25.30 17.35
CA VAL D 360 9.33 -24.90 17.66
C VAL D 360 9.79 -23.87 16.64
N VAL D 361 9.82 -24.29 15.38
CA VAL D 361 10.24 -23.40 14.30
C VAL D 361 9.46 -22.09 14.37
N ASP D 362 8.16 -22.18 14.66
CA ASP D 362 7.31 -21.01 14.80
C ASP D 362 7.92 -20.13 15.89
N LEU D 363 8.17 -20.71 17.07
CA LEU D 363 8.76 -19.95 18.16
C LEU D 363 10.08 -19.34 17.69
N LEU D 364 10.96 -20.18 17.16
CA LEU D 364 12.24 -19.69 16.68
C LEU D 364 12.05 -18.44 15.81
N GLY D 365 11.02 -18.45 14.98
CA GLY D 365 10.73 -17.31 14.11
C GLY D 365 10.33 -16.06 14.88
N GLN D 366 9.45 -16.21 15.87
CA GLN D 366 9.00 -15.08 16.65
C GLN D 366 10.05 -14.48 17.60
N ALA D 367 10.99 -15.30 18.06
CA ALA D 367 12.02 -14.80 18.96
C ALA D 367 13.05 -13.94 18.22
N GLY D 368 13.40 -14.35 17.01
CA GLY D 368 14.38 -13.59 16.24
C GLY D 368 13.86 -12.20 15.93
N SER D 369 12.54 -12.06 15.96
CA SER D 369 11.92 -10.77 15.66
C SER D 369 11.41 -10.12 16.94
N ALA D 370 12.10 -10.40 18.05
CA ALA D 370 11.74 -9.83 19.34
C ALA D 370 12.86 -8.93 19.81
N PRO D 371 12.52 -7.81 20.46
CA PRO D 371 13.56 -6.91 20.95
C PRO D 371 14.69 -7.60 21.72
N TRP D 372 14.42 -8.75 22.32
CA TRP D 372 15.44 -9.47 23.07
C TRP D 372 16.13 -10.55 22.22
N ALA D 373 15.88 -10.52 20.92
CA ALA D 373 16.43 -11.50 19.98
C ALA D 373 17.94 -11.74 20.11
N GLN D 374 18.67 -10.75 20.59
CA GLN D 374 20.12 -10.90 20.73
C GLN D 374 20.58 -11.53 22.05
N THR D 375 19.90 -11.22 23.15
CA THR D 375 20.25 -11.80 24.43
C THR D 375 19.84 -13.27 24.30
N TRP D 376 18.74 -13.49 23.59
CA TRP D 376 18.24 -14.85 23.35
C TRP D 376 19.22 -15.68 22.54
N SER D 377 19.70 -15.14 21.43
CA SER D 377 20.67 -15.89 20.62
C SER D 377 22.00 -16.08 21.36
N ALA D 378 22.38 -15.15 22.22
CA ALA D 378 23.64 -15.26 22.96
C ALA D 378 23.63 -16.42 23.96
N SER D 379 22.44 -16.91 24.29
CA SER D 379 22.29 -17.99 25.26
C SER D 379 22.41 -19.37 24.64
N LEU D 380 22.13 -19.47 23.34
CA LEU D 380 22.19 -20.74 22.65
C LEU D 380 23.62 -21.24 22.39
N PRO D 381 23.82 -22.56 22.53
CA PRO D 381 25.12 -23.19 22.31
C PRO D 381 25.53 -23.09 20.86
N VAL D 382 26.82 -23.01 20.61
CA VAL D 382 27.31 -22.95 19.25
C VAL D 382 28.09 -24.24 19.03
N ALA D 383 27.68 -25.01 18.04
CA ALA D 383 28.31 -26.29 17.73
C ALA D 383 29.81 -26.24 17.56
N GLY D 384 30.51 -27.20 18.17
CA GLY D 384 31.96 -27.29 18.04
C GLY D 384 32.80 -26.26 18.76
N GLU D 385 32.18 -25.35 19.52
CA GLU D 385 32.97 -24.37 20.25
C GLU D 385 33.49 -24.97 21.55
N SER D 386 34.81 -25.00 21.68
CA SER D 386 35.47 -25.60 22.83
C SER D 386 35.21 -24.93 24.17
N ASP D 387 35.13 -23.61 24.18
CA ASP D 387 34.85 -22.91 25.42
C ASP D 387 33.47 -23.39 25.80
N PRO D 388 33.35 -24.05 26.96
CA PRO D 388 32.04 -24.55 27.41
C PRO D 388 30.96 -23.49 27.38
N PHE D 389 31.29 -22.28 27.83
CA PHE D 389 30.33 -21.19 27.84
C PHE D 389 29.96 -20.67 26.45
N VAL D 390 30.57 -21.23 25.42
CA VAL D 390 30.20 -20.82 24.08
C VAL D 390 29.56 -22.04 23.42
N GLY D 391 30.25 -23.18 23.50
CA GLY D 391 29.75 -24.40 22.91
C GLY D 391 28.64 -25.09 23.70
N GLY D 392 28.73 -25.02 25.03
CA GLY D 392 27.72 -25.64 25.86
C GLY D 392 27.51 -27.11 25.53
N THR D 393 26.25 -27.55 25.52
CA THR D 393 25.95 -28.95 25.22
C THR D 393 26.40 -29.41 23.84
N LEU D 394 26.85 -28.47 23.02
CA LEU D 394 27.30 -28.82 21.69
C LEU D 394 28.82 -28.67 21.50
N ALA D 395 29.54 -28.44 22.58
CA ALA D 395 30.99 -28.26 22.50
C ALA D 395 31.73 -29.39 21.79
N ASN D 396 31.22 -30.61 21.90
CA ASN D 396 31.86 -31.74 21.26
C ASN D 396 31.13 -32.33 20.05
N ARG D 397 30.28 -31.53 19.42
CA ARG D 397 29.55 -31.98 18.26
C ARG D 397 29.85 -31.16 17.00
N MET D 398 29.90 -31.84 15.85
CA MET D 398 30.14 -31.21 14.56
C MET D 398 31.45 -30.44 14.48
N ARG D 399 32.42 -30.82 15.30
CA ARG D 399 33.74 -30.19 15.27
C ARG D 399 34.38 -30.48 13.92
N GLY D 400 34.90 -29.44 13.27
CA GLY D 400 35.54 -29.66 11.98
C GLY D 400 34.60 -29.75 10.79
N THR D 401 33.36 -29.31 10.96
CA THR D 401 32.41 -29.36 9.85
C THR D 401 31.91 -27.94 9.54
N ALA D 402 31.17 -27.82 8.44
CA ALA D 402 30.60 -26.55 8.03
C ALA D 402 29.77 -25.93 9.15
N ALA D 403 29.32 -26.77 10.08
CA ALA D 403 28.50 -26.31 11.19
C ALA D 403 29.25 -25.76 12.39
N GLU D 404 30.57 -25.97 12.46
CA GLU D 404 31.35 -25.50 13.61
C GLU D 404 31.35 -23.96 13.72
N GLY D 405 30.92 -23.46 14.88
CA GLY D 405 30.87 -22.03 15.12
C GLY D 405 29.78 -21.32 14.33
N VAL D 406 28.88 -22.11 13.75
CA VAL D 406 27.79 -21.56 12.95
C VAL D 406 26.44 -21.92 13.55
N VAL D 407 26.15 -23.21 13.57
CA VAL D 407 24.89 -23.67 14.12
C VAL D 407 24.81 -23.38 15.60
N GLU D 408 23.71 -22.77 16.01
CA GLU D 408 23.46 -22.48 17.41
C GLU D 408 22.05 -23.02 17.67
N ALA D 409 22.01 -24.09 18.46
CA ALA D 409 20.77 -24.78 18.76
C ALA D 409 20.71 -25.27 20.19
N LYS D 410 19.49 -25.58 20.60
CA LYS D 410 19.23 -26.08 21.92
C LYS D 410 19.01 -27.59 21.83
N THR D 411 19.72 -28.32 22.68
CA THR D 411 19.63 -29.76 22.74
C THR D 411 18.56 -30.27 23.70
N GLY D 412 18.36 -31.57 23.68
CA GLY D 412 17.37 -32.18 24.55
C GLY D 412 17.51 -33.70 24.46
N THR D 413 17.72 -34.34 25.61
CA THR D 413 17.85 -35.79 25.63
C THR D 413 17.24 -36.39 26.87
N MET D 414 16.69 -37.58 26.67
CA MET D 414 16.02 -38.31 27.71
C MET D 414 15.87 -39.71 27.18
N SER D 415 15.58 -40.65 28.06
CA SER D 415 15.37 -42.02 27.63
C SER D 415 14.35 -42.00 26.48
N GLY D 416 14.76 -42.49 25.31
CA GLY D 416 13.85 -42.51 24.18
C GLY D 416 13.47 -41.16 23.56
N VAL D 417 14.19 -40.10 23.93
CA VAL D 417 13.91 -38.75 23.42
C VAL D 417 15.18 -37.93 23.14
N SER D 418 15.22 -37.29 21.97
CA SER D 418 16.36 -36.48 21.57
C SER D 418 15.89 -35.28 20.73
N ALA D 419 16.53 -34.13 20.90
CA ALA D 419 16.12 -32.94 20.15
C ALA D 419 17.21 -31.87 19.95
N LEU D 420 17.16 -31.26 18.77
CA LEU D 420 18.08 -30.20 18.37
C LEU D 420 17.28 -29.22 17.51
N SER D 421 17.23 -27.96 17.94
CA SER D 421 16.50 -26.94 17.20
C SER D 421 17.27 -25.65 17.36
N GLY D 422 17.38 -24.88 16.29
CA GLY D 422 18.11 -23.63 16.39
C GLY D 422 18.15 -22.82 15.10
N TYR D 423 19.27 -22.14 14.89
CA TYR D 423 19.42 -21.31 13.71
C TYR D 423 20.71 -21.62 12.96
N VAL D 424 20.67 -21.37 11.67
CA VAL D 424 21.85 -21.57 10.85
C VAL D 424 22.06 -20.26 10.12
N PRO D 425 23.05 -19.47 10.54
CA PRO D 425 23.31 -18.19 9.88
C PRO D 425 24.29 -18.40 8.73
N GLY D 426 24.27 -17.52 7.75
CA GLY D 426 25.20 -17.68 6.65
C GLY D 426 25.00 -16.69 5.52
N PRO D 427 26.02 -16.55 4.64
CA PRO D 427 25.93 -15.64 3.49
C PRO D 427 24.58 -15.78 2.79
N GLU D 428 24.01 -16.98 2.90
CA GLU D 428 22.72 -17.31 2.28
C GLU D 428 21.54 -17.11 3.24
N GLY D 429 21.67 -16.16 4.18
CA GLY D 429 20.61 -15.91 5.13
C GLY D 429 20.58 -16.86 6.31
N GLU D 430 19.66 -16.62 7.25
CA GLU D 430 19.52 -17.46 8.44
C GLU D 430 18.35 -18.44 8.35
N LEU D 431 18.62 -19.68 8.75
CA LEU D 431 17.60 -20.72 8.74
C LEU D 431 17.17 -21.04 10.17
N ALA D 432 15.97 -21.59 10.28
CA ALA D 432 15.41 -21.99 11.57
C ALA D 432 15.05 -23.46 11.36
N PHE D 433 15.26 -24.29 12.39
CA PHE D 433 14.97 -25.70 12.22
C PHE D 433 14.75 -26.41 13.55
N SER D 434 13.93 -27.45 13.51
CA SER D 434 13.63 -28.25 14.68
C SER D 434 13.71 -29.73 14.32
N ILE D 435 14.39 -30.50 15.16
CA ILE D 435 14.54 -31.93 14.96
C ILE D 435 14.20 -32.61 16.29
N VAL D 436 13.01 -33.20 16.34
CA VAL D 436 12.55 -33.88 17.54
C VAL D 436 12.34 -35.36 17.24
N ASN D 437 13.12 -36.19 17.90
CA ASN D 437 13.06 -37.64 17.73
C ASN D 437 12.48 -38.33 18.95
N ASN D 438 11.51 -39.21 18.72
CA ASN D 438 10.88 -39.98 19.80
C ASN D 438 10.77 -41.44 19.37
N GLY D 439 11.02 -42.37 20.30
CA GLY D 439 10.87 -43.77 19.98
C GLY D 439 12.07 -44.63 19.67
N HIS D 440 13.21 -44.03 19.32
CA HIS D 440 14.40 -44.81 19.04
C HIS D 440 14.69 -45.66 20.27
N SER D 441 15.30 -46.83 20.06
CA SER D 441 15.59 -47.73 21.16
C SER D 441 17.04 -47.69 21.65
N GLY D 442 17.91 -47.01 20.91
CA GLY D 442 19.30 -46.91 21.31
C GLY D 442 19.62 -45.53 21.84
N PRO D 443 20.89 -45.11 21.82
CA PRO D 443 21.23 -43.77 22.30
C PRO D 443 20.64 -42.72 21.38
N ALA D 444 20.69 -41.47 21.80
CA ALA D 444 20.16 -40.38 21.00
C ALA D 444 20.84 -40.37 19.64
N PRO D 445 20.06 -40.23 18.56
CA PRO D 445 20.63 -40.20 17.21
C PRO D 445 21.35 -38.89 16.93
N LEU D 446 22.52 -38.73 17.55
CA LEU D 446 23.32 -37.52 17.40
C LEU D 446 23.89 -37.39 16.00
N ALA D 447 24.33 -38.52 15.45
CA ALA D 447 24.90 -38.54 14.09
C ALA D 447 23.85 -38.06 13.11
N VAL D 448 22.64 -38.60 13.22
CA VAL D 448 21.56 -38.19 12.33
C VAL D 448 21.40 -36.68 12.42
N GLN D 449 21.31 -36.18 13.64
CA GLN D 449 21.15 -34.77 13.90
C GLN D 449 22.30 -33.90 13.38
N ASP D 450 23.53 -34.27 13.73
CA ASP D 450 24.67 -33.48 13.29
C ASP D 450 24.66 -33.36 11.78
N ALA D 451 24.39 -34.48 11.11
CA ALA D 451 24.36 -34.53 9.65
C ALA D 451 23.34 -33.60 9.04
N ILE D 452 22.16 -33.49 9.66
CA ILE D 452 21.14 -32.60 9.13
C ILE D 452 21.62 -31.17 9.40
N ALA D 453 22.16 -30.98 10.59
CA ALA D 453 22.69 -29.68 11.00
C ALA D 453 23.76 -29.23 10.02
N VAL D 454 24.73 -30.09 9.76
CA VAL D 454 25.83 -29.78 8.86
C VAL D 454 25.36 -29.44 7.44
N ARG D 455 24.50 -30.29 6.88
CA ARG D 455 23.98 -30.09 5.54
C ARG D 455 23.35 -28.72 5.42
N LEU D 456 22.72 -28.27 6.50
CA LEU D 456 22.08 -26.97 6.48
C LEU D 456 23.18 -25.91 6.46
N ALA D 457 24.20 -26.10 7.29
CA ALA D 457 25.30 -25.14 7.33
C ALA D 457 25.83 -24.98 5.92
N GLU D 458 26.03 -26.10 5.24
CA GLU D 458 26.53 -26.08 3.87
C GLU D 458 25.54 -25.36 2.97
N TYR D 459 24.25 -25.60 3.20
CA TYR D 459 23.20 -24.96 2.42
C TYR D 459 23.23 -23.45 2.64
N ALA D 460 23.73 -23.04 3.81
CA ALA D 460 23.81 -21.63 4.16
C ALA D 460 25.03 -21.00 3.51
N GLY D 461 25.84 -21.83 2.87
CA GLY D 461 27.01 -21.33 2.17
C GLY D 461 28.35 -21.56 2.86
N HIS D 462 28.35 -22.37 3.91
CA HIS D 462 29.57 -22.66 4.64
C HIS D 462 30.29 -23.87 4.07
N GLN D 463 31.59 -23.94 4.29
CA GLN D 463 32.38 -25.04 3.81
C GLN D 463 33.09 -25.65 5.01
N ALA D 464 33.27 -26.96 5.00
CA ALA D 464 33.93 -27.65 6.09
C ALA D 464 35.40 -27.23 6.19
N PRO D 465 35.92 -27.05 7.42
CA PRO D 465 37.31 -26.65 7.63
C PRO D 465 38.25 -27.83 7.34
N GLU D 466 39.34 -27.58 6.61
CA GLU D 466 40.30 -28.62 6.26
C GLU D 466 41.53 -28.60 7.18
N GLY D 467 42.40 -29.48 7.01
#